data_6WI5
# 
_entry.id   6WI5 
# 
_audit_conform.dict_name       mmcif_pdbx.dic 
_audit_conform.dict_version    5.389 
_audit_conform.dict_location   http://mmcif.pdb.org/dictionaries/ascii/mmcif_pdbx.dic 
# 
loop_
_database_2.database_id 
_database_2.database_code 
_database_2.pdbx_database_accession 
_database_2.pdbx_DOI 
PDB   6WI5         pdb_00006wi5 10.2210/pdb6wi5/pdb 
WWPDB D_1000248249 ?            ?                   
# 
loop_
_pdbx_audit_revision_history.ordinal 
_pdbx_audit_revision_history.data_content_type 
_pdbx_audit_revision_history.major_revision 
_pdbx_audit_revision_history.minor_revision 
_pdbx_audit_revision_history.revision_date 
1 'Structure model' 1 0 2020-04-22 
2 'Structure model' 1 1 2020-05-20 
3 'Structure model' 1 2 2024-03-06 
4 'Structure model' 1 3 2024-04-03 
# 
_pdbx_audit_revision_details.ordinal             1 
_pdbx_audit_revision_details.revision_ordinal    1 
_pdbx_audit_revision_details.data_content_type   'Structure model' 
_pdbx_audit_revision_details.provider            repository 
_pdbx_audit_revision_details.type                'Initial release' 
_pdbx_audit_revision_details.description         ? 
_pdbx_audit_revision_details.details             ? 
# 
loop_
_pdbx_audit_revision_group.ordinal 
_pdbx_audit_revision_group.revision_ordinal 
_pdbx_audit_revision_group.data_content_type 
_pdbx_audit_revision_group.group 
1 2 'Structure model' 'Source and taxonomy'    
2 3 'Structure model' 'Data collection'        
3 3 'Structure model' 'Database references'    
4 4 'Structure model' 'Refinement description' 
# 
loop_
_pdbx_audit_revision_category.ordinal 
_pdbx_audit_revision_category.revision_ordinal 
_pdbx_audit_revision_category.data_content_type 
_pdbx_audit_revision_category.category 
1 2 'Structure model' pdbx_entity_src_syn           
2 3 'Structure model' chem_comp_atom                
3 3 'Structure model' chem_comp_bond                
4 3 'Structure model' citation                      
5 3 'Structure model' citation_author               
6 3 'Structure model' database_2                    
7 4 'Structure model' pdbx_initial_refinement_model 
# 
loop_
_pdbx_audit_revision_item.ordinal 
_pdbx_audit_revision_item.revision_ordinal 
_pdbx_audit_revision_item.data_content_type 
_pdbx_audit_revision_item.item 
1  2 'Structure model' '_pdbx_entity_src_syn.ncbi_taxonomy_id'    
2  2 'Structure model' '_pdbx_entity_src_syn.organism_scientific' 
3  3 'Structure model' '_citation.country'                        
4  3 'Structure model' '_citation.journal_abbrev'                 
5  3 'Structure model' '_citation.journal_id_ASTM'                
6  3 'Structure model' '_citation.journal_id_CSD'                 
7  3 'Structure model' '_citation.journal_id_ISSN'                
8  3 'Structure model' '_citation.journal_volume'                 
9  3 'Structure model' '_citation.page_first'                     
10 3 'Structure model' '_citation.page_last'                      
11 3 'Structure model' '_citation.pdbx_database_id_DOI'           
12 3 'Structure model' '_citation.pdbx_database_id_PubMed'        
13 3 'Structure model' '_citation.title'                          
14 3 'Structure model' '_citation.year'                           
15 3 'Structure model' '_database_2.pdbx_DOI'                     
16 3 'Structure model' '_database_2.pdbx_database_accession'      
# 
_pdbx_database_status.status_code                     REL 
_pdbx_database_status.status_code_sf                  REL 
_pdbx_database_status.status_code_mr                  ? 
_pdbx_database_status.entry_id                        6WI5 
_pdbx_database_status.recvd_initial_deposition_date   2020-04-08 
_pdbx_database_status.SG_entry                        N 
_pdbx_database_status.deposit_site                    RCSB 
_pdbx_database_status.process_site                    RCSB 
_pdbx_database_status.status_code_cs                  ? 
_pdbx_database_status.status_code_nmr_data            ? 
_pdbx_database_status.methods_development_category    ? 
_pdbx_database_status.pdb_format_compatible           Y 
# 
loop_
_pdbx_database_related.db_name 
_pdbx_database_related.details 
_pdbx_database_related.db_id 
_pdbx_database_related.content_type 
PDB 'DE NOVO DESIGNED PROTEIN FOLDIT1' 6MRR unspecified 
PDB 'DE NOVO DESIGNED PROTEIN FOLDIT1' 6MRS unspecified 
# 
loop_
_audit_author.name 
_audit_author.pdbx_ordinal 
_audit_author.identifier_ORCID 
'Bera, A.K.'   1 ? 
'Koepnick, B.' 2 ? 
'Boykov, A.'   3 ? 
'Baker, D.'    4 ? 
# 
_citation.abstract                  ? 
_citation.abstract_id_CAS           ? 
_citation.book_id_ISBN              ? 
_citation.book_publisher            ? 
_citation.book_publisher_city       ? 
_citation.book_title                ? 
_citation.coordinate_linkage        ? 
_citation.country                   US 
_citation.database_id_Medline       ? 
_citation.details                   ? 
_citation.id                        primary 
_citation.journal_abbrev            Science 
_citation.journal_id_ASTM           SCIEAS 
_citation.journal_id_CSD            0038 
_citation.journal_id_ISSN           1095-9203 
_citation.journal_full              ? 
_citation.journal_issue             ? 
_citation.journal_volume            368 
_citation.language                  ? 
_citation.page_first                78 
_citation.page_last                 84 
_citation.title                     'De novo design of protein logic gates.' 
_citation.year                      2020 
_citation.database_id_CSD           ? 
_citation.pdbx_database_id_DOI      10.1126/science.aay2790 
_citation.pdbx_database_id_PubMed   32241946 
_citation.unpublished_flag          ? 
# 
loop_
_citation_author.citation_id 
_citation_author.name 
_citation_author.ordinal 
_citation_author.identifier_ORCID 
primary 'Chen, Z.'               1  0000-0003-2990-2895 
primary 'Kibler, R.D.'           2  0000-0001-6984-9887 
primary 'Hunt, A.'               3  0000-0001-9620-593X 
primary 'Busch, F.'              4  0000-0002-4324-6065 
primary 'Pearl, J.'              5  ?                   
primary 'Jia, M.'                6  0000-0001-9173-1084 
primary 'VanAernum, Z.L.'        7  0000-0002-0956-3956 
primary 'Wicky, B.I.M.'          8  0000-0002-2501-7875 
primary 'Dods, G.'               9  0000-0001-5512-835X 
primary 'Liao, H.'               10 0000-0003-4890-7990 
primary 'Wilken, M.S.'           11 ?                   
primary 'Ciarlo, C.'             12 ?                   
primary 'Green, S.'              13 ?                   
primary 'El-Samad, H.'           14 0000-0001-6239-9916 
primary 'Stamatoyannopoulos, J.' 15 0000-0002-2664-5769 
primary 'Wysocki, V.H.'          16 0000-0003-0495-2538 
primary 'Jewett, M.C.'           17 0000-0003-2948-6211 
primary 'Boyken, S.E.'           18 0000-0002-5378-0632 
primary 'Baker, D.'              19 0000-0001-7896-6217 
# 
loop_
_entity.id 
_entity.type 
_entity.src_method 
_entity.pdbx_description 
_entity.formula_weight 
_entity.pdbx_number_of_molecules 
_entity.pdbx_ec 
_entity.pdbx_mutation 
_entity.pdbx_fragment 
_entity.details 
1 polymer syn 'De novo designed protein Foldit4' 11031.742 2   ? ? ? 'DE NOVO DESIGNED' 
2 water   nat water                              18.015    101 ? ? ? ?                  
# 
_entity_poly.entity_id                      1 
_entity_poly.type                           'polypeptide(L)' 
_entity_poly.nstd_linkage                   no 
_entity_poly.nstd_monomer                   no 
_entity_poly.pdbx_seq_one_letter_code       
;EEVVVEIRIRVQREEKVRRLIKRILEEVKRESNSVEVHVETRKRNGEVEVHVRIRHDDKETIERLVERILREIKKLDKNS
EVEVRTTTKR
;
_entity_poly.pdbx_seq_one_letter_code_can   
;EEVVVEIRIRVQREEKVRRLIKRILEEVKRESNSVEVHVETRKRNGEVEVHVRIRHDDKETIERLVERILREIKKLDKNS
EVEVRTTTKR
;
_entity_poly.pdbx_strand_id                 A,B 
_entity_poly.pdbx_target_identifier         ? 
# 
_pdbx_entity_nonpoly.entity_id   2 
_pdbx_entity_nonpoly.name        water 
_pdbx_entity_nonpoly.comp_id     HOH 
# 
loop_
_entity_poly_seq.entity_id 
_entity_poly_seq.num 
_entity_poly_seq.mon_id 
_entity_poly_seq.hetero 
1 1  GLU n 
1 2  GLU n 
1 3  VAL n 
1 4  VAL n 
1 5  VAL n 
1 6  GLU n 
1 7  ILE n 
1 8  ARG n 
1 9  ILE n 
1 10 ARG n 
1 11 VAL n 
1 12 GLN n 
1 13 ARG n 
1 14 GLU n 
1 15 GLU n 
1 16 LYS n 
1 17 VAL n 
1 18 ARG n 
1 19 ARG n 
1 20 LEU n 
1 21 ILE n 
1 22 LYS n 
1 23 ARG n 
1 24 ILE n 
1 25 LEU n 
1 26 GLU n 
1 27 GLU n 
1 28 VAL n 
1 29 LYS n 
1 30 ARG n 
1 31 GLU n 
1 32 SER n 
1 33 ASN n 
1 34 SER n 
1 35 VAL n 
1 36 GLU n 
1 37 VAL n 
1 38 HIS n 
1 39 VAL n 
1 40 GLU n 
1 41 THR n 
1 42 ARG n 
1 43 LYS n 
1 44 ARG n 
1 45 ASN n 
1 46 GLY n 
1 47 GLU n 
1 48 VAL n 
1 49 GLU n 
1 50 VAL n 
1 51 HIS n 
1 52 VAL n 
1 53 ARG n 
1 54 ILE n 
1 55 ARG n 
1 56 HIS n 
1 57 ASP n 
1 58 ASP n 
1 59 LYS n 
1 60 GLU n 
1 61 THR n 
1 62 ILE n 
1 63 GLU n 
1 64 ARG n 
1 65 LEU n 
1 66 VAL n 
1 67 GLU n 
1 68 ARG n 
1 69 ILE n 
1 70 LEU n 
1 71 ARG n 
1 72 GLU n 
1 73 ILE n 
1 74 LYS n 
1 75 LYS n 
1 76 LEU n 
1 77 ASP n 
1 78 LYS n 
1 79 ASN n 
1 80 SER n 
1 81 GLU n 
1 82 VAL n 
1 83 GLU n 
1 84 VAL n 
1 85 ARG n 
1 86 THR n 
1 87 THR n 
1 88 THR n 
1 89 LYS n 
1 90 ARG n 
# 
_pdbx_entity_src_syn.entity_id              1 
_pdbx_entity_src_syn.pdbx_src_id            1 
_pdbx_entity_src_syn.pdbx_alt_source_flag   sample 
_pdbx_entity_src_syn.pdbx_beg_seq_num       1 
_pdbx_entity_src_syn.pdbx_end_seq_num       90 
_pdbx_entity_src_syn.organism_scientific    'synthetic construct' 
_pdbx_entity_src_syn.organism_common_name   ? 
_pdbx_entity_src_syn.ncbi_taxonomy_id       32630 
_pdbx_entity_src_syn.details                'DE NOVO DESIGNED' 
# 
loop_
_chem_comp.id 
_chem_comp.type 
_chem_comp.mon_nstd_flag 
_chem_comp.name 
_chem_comp.pdbx_synonyms 
_chem_comp.formula 
_chem_comp.formula_weight 
ARG 'L-peptide linking' y ARGININE        ? 'C6 H15 N4 O2 1' 175.209 
ASN 'L-peptide linking' y ASPARAGINE      ? 'C4 H8 N2 O3'    132.118 
ASP 'L-peptide linking' y 'ASPARTIC ACID' ? 'C4 H7 N O4'     133.103 
GLN 'L-peptide linking' y GLUTAMINE       ? 'C5 H10 N2 O3'   146.144 
GLU 'L-peptide linking' y 'GLUTAMIC ACID' ? 'C5 H9 N O4'     147.129 
GLY 'peptide linking'   y GLYCINE         ? 'C2 H5 N O2'     75.067  
HIS 'L-peptide linking' y HISTIDINE       ? 'C6 H10 N3 O2 1' 156.162 
HOH non-polymer         . WATER           ? 'H2 O'           18.015  
ILE 'L-peptide linking' y ISOLEUCINE      ? 'C6 H13 N O2'    131.173 
LEU 'L-peptide linking' y LEUCINE         ? 'C6 H13 N O2'    131.173 
LYS 'L-peptide linking' y LYSINE          ? 'C6 H15 N2 O2 1' 147.195 
SER 'L-peptide linking' y SERINE          ? 'C3 H7 N O3'     105.093 
THR 'L-peptide linking' y THREONINE       ? 'C4 H9 N O3'     119.119 
VAL 'L-peptide linking' y VALINE          ? 'C5 H11 N O2'    117.146 
# 
loop_
_pdbx_poly_seq_scheme.asym_id 
_pdbx_poly_seq_scheme.entity_id 
_pdbx_poly_seq_scheme.seq_id 
_pdbx_poly_seq_scheme.mon_id 
_pdbx_poly_seq_scheme.ndb_seq_num 
_pdbx_poly_seq_scheme.pdb_seq_num 
_pdbx_poly_seq_scheme.auth_seq_num 
_pdbx_poly_seq_scheme.pdb_mon_id 
_pdbx_poly_seq_scheme.auth_mon_id 
_pdbx_poly_seq_scheme.pdb_strand_id 
_pdbx_poly_seq_scheme.pdb_ins_code 
_pdbx_poly_seq_scheme.hetero 
A 1 1  GLU 1  1  1  GLU GLU A . n 
A 1 2  GLU 2  2  2  GLU GLU A . n 
A 1 3  VAL 3  3  3  VAL VAL A . n 
A 1 4  VAL 4  4  4  VAL VAL A . n 
A 1 5  VAL 5  5  5  VAL VAL A . n 
A 1 6  GLU 6  6  6  GLU GLU A . n 
A 1 7  ILE 7  7  7  ILE ILE A . n 
A 1 8  ARG 8  8  8  ARG ARG A . n 
A 1 9  ILE 9  9  9  ILE ILE A . n 
A 1 10 ARG 10 10 10 ARG ARG A . n 
A 1 11 VAL 11 11 11 VAL VAL A . n 
A 1 12 GLN 12 12 12 GLN GLN A . n 
A 1 13 ARG 13 13 13 ARG ARG A . n 
A 1 14 GLU 14 14 14 GLU GLU A . n 
A 1 15 GLU 15 15 15 GLU GLU A . n 
A 1 16 LYS 16 16 16 LYS LYS A . n 
A 1 17 VAL 17 17 17 VAL VAL A . n 
A 1 18 ARG 18 18 18 ARG ARG A . n 
A 1 19 ARG 19 19 19 ARG ARG A . n 
A 1 20 LEU 20 20 20 LEU LEU A . n 
A 1 21 ILE 21 21 21 ILE ILE A . n 
A 1 22 LYS 22 22 22 LYS LYS A . n 
A 1 23 ARG 23 23 23 ARG ARG A . n 
A 1 24 ILE 24 24 24 ILE ILE A . n 
A 1 25 LEU 25 25 25 LEU LEU A . n 
A 1 26 GLU 26 26 26 GLU GLU A . n 
A 1 27 GLU 27 27 27 GLU GLU A . n 
A 1 28 VAL 28 28 28 VAL VAL A . n 
A 1 29 LYS 29 29 29 LYS LYS A . n 
A 1 30 ARG 30 30 30 ARG ARG A . n 
A 1 31 GLU 31 31 31 GLU GLU A . n 
A 1 32 SER 32 32 32 SER SER A . n 
A 1 33 ASN 33 33 33 ASN ASN A . n 
A 1 34 SER 34 34 34 SER SER A . n 
A 1 35 VAL 35 35 35 VAL VAL A . n 
A 1 36 GLU 36 36 36 GLU GLU A . n 
A 1 37 VAL 37 37 37 VAL VAL A . n 
A 1 38 HIS 38 38 38 HIS HIS A . n 
A 1 39 VAL 39 39 39 VAL VAL A . n 
A 1 40 GLU 40 40 40 GLU GLU A . n 
A 1 41 THR 41 41 41 THR THR A . n 
A 1 42 ARG 42 42 42 ARG ARG A . n 
A 1 43 LYS 43 43 43 LYS LYS A . n 
A 1 44 ARG 44 44 44 ARG ARG A . n 
A 1 45 ASN 45 45 45 ASN ASN A . n 
A 1 46 GLY 46 46 46 GLY GLY A . n 
A 1 47 GLU 47 47 47 GLU GLU A . n 
A 1 48 VAL 48 48 48 VAL VAL A . n 
A 1 49 GLU 49 49 49 GLU GLU A . n 
A 1 50 VAL 50 50 50 VAL VAL A . n 
A 1 51 HIS 51 51 51 HIS HIS A . n 
A 1 52 VAL 52 52 52 VAL VAL A . n 
A 1 53 ARG 53 53 53 ARG ARG A . n 
A 1 54 ILE 54 54 54 ILE ILE A . n 
A 1 55 ARG 55 55 55 ARG ARG A . n 
A 1 56 HIS 56 56 56 HIS HIS A . n 
A 1 57 ASP 57 57 57 ASP ASP A . n 
A 1 58 ASP 58 58 58 ASP ASP A . n 
A 1 59 LYS 59 59 59 LYS LYS A . n 
A 1 60 GLU 60 60 60 GLU GLU A . n 
A 1 61 THR 61 61 61 THR THR A . n 
A 1 62 ILE 62 62 62 ILE ILE A . n 
A 1 63 GLU 63 63 63 GLU GLU A . n 
A 1 64 ARG 64 64 64 ARG ARG A . n 
A 1 65 LEU 65 65 65 LEU LEU A . n 
A 1 66 VAL 66 66 66 VAL VAL A . n 
A 1 67 GLU 67 67 67 GLU GLU A . n 
A 1 68 ARG 68 68 68 ARG ARG A . n 
A 1 69 ILE 69 69 69 ILE ILE A . n 
A 1 70 LEU 70 70 70 LEU LEU A . n 
A 1 71 ARG 71 71 71 ARG ARG A . n 
A 1 72 GLU 72 72 72 GLU GLU A . n 
A 1 73 ILE 73 73 73 ILE ILE A . n 
A 1 74 LYS 74 74 74 LYS LYS A . n 
A 1 75 LYS 75 75 75 LYS LYS A . n 
A 1 76 LEU 76 76 76 LEU LEU A . n 
A 1 77 ASP 77 77 77 ASP ASP A . n 
A 1 78 LYS 78 78 78 LYS LYS A . n 
A 1 79 ASN 79 79 79 ASN ASN A . n 
A 1 80 SER 80 80 80 SER SER A . n 
A 1 81 GLU 81 81 81 GLU GLU A . n 
A 1 82 VAL 82 82 82 VAL VAL A . n 
A 1 83 GLU 83 83 83 GLU GLU A . n 
A 1 84 VAL 84 84 84 VAL VAL A . n 
A 1 85 ARG 85 85 85 ARG ARG A . n 
A 1 86 THR 86 86 86 THR THR A . n 
A 1 87 THR 87 87 87 THR THR A . n 
A 1 88 THR 88 88 88 THR THR A . n 
A 1 89 LYS 89 89 89 LYS LYS A . n 
A 1 90 ARG 90 90 90 ARG ARG A . n 
B 1 1  GLU 1  1  1  GLU GLU B . n 
B 1 2  GLU 2  2  2  GLU GLU B . n 
B 1 3  VAL 3  3  3  VAL VAL B . n 
B 1 4  VAL 4  4  4  VAL VAL B . n 
B 1 5  VAL 5  5  5  VAL VAL B . n 
B 1 6  GLU 6  6  6  GLU GLU B . n 
B 1 7  ILE 7  7  7  ILE ILE B . n 
B 1 8  ARG 8  8  8  ARG ARG B . n 
B 1 9  ILE 9  9  9  ILE ILE B . n 
B 1 10 ARG 10 10 10 ARG ARG B . n 
B 1 11 VAL 11 11 11 VAL VAL B . n 
B 1 12 GLN 12 12 12 GLN GLN B . n 
B 1 13 ARG 13 13 13 ARG ARG B . n 
B 1 14 GLU 14 14 14 GLU GLU B . n 
B 1 15 GLU 15 15 15 GLU GLU B . n 
B 1 16 LYS 16 16 16 LYS LYS B . n 
B 1 17 VAL 17 17 17 VAL VAL B . n 
B 1 18 ARG 18 18 18 ARG ARG B . n 
B 1 19 ARG 19 19 19 ARG ARG B . n 
B 1 20 LEU 20 20 20 LEU LEU B . n 
B 1 21 ILE 21 21 21 ILE ILE B . n 
B 1 22 LYS 22 22 22 LYS LYS B . n 
B 1 23 ARG 23 23 23 ARG ARG B . n 
B 1 24 ILE 24 24 24 ILE ILE B . n 
B 1 25 LEU 25 25 25 LEU LEU B . n 
B 1 26 GLU 26 26 26 GLU GLU B . n 
B 1 27 GLU 27 27 27 GLU GLU B . n 
B 1 28 VAL 28 28 28 VAL VAL B . n 
B 1 29 LYS 29 29 29 LYS LYS B . n 
B 1 30 ARG 30 30 30 ARG ARG B . n 
B 1 31 GLU 31 31 31 GLU GLU B . n 
B 1 32 SER 32 32 32 SER SER B . n 
B 1 33 ASN 33 33 33 ASN ASN B . n 
B 1 34 SER 34 34 34 SER SER B . n 
B 1 35 VAL 35 35 35 VAL VAL B . n 
B 1 36 GLU 36 36 36 GLU GLU B . n 
B 1 37 VAL 37 37 37 VAL VAL B . n 
B 1 38 HIS 38 38 38 HIS HIS B . n 
B 1 39 VAL 39 39 39 VAL VAL B . n 
B 1 40 GLU 40 40 40 GLU GLU B . n 
B 1 41 THR 41 41 41 THR THR B . n 
B 1 42 ARG 42 42 42 ARG ARG B . n 
B 1 43 LYS 43 43 43 LYS LYS B . n 
B 1 44 ARG 44 44 44 ARG ARG B . n 
B 1 45 ASN 45 45 45 ASN ASN B . n 
B 1 46 GLY 46 46 46 GLY GLY B . n 
B 1 47 GLU 47 47 47 GLU GLU B . n 
B 1 48 VAL 48 48 48 VAL VAL B . n 
B 1 49 GLU 49 49 49 GLU GLU B . n 
B 1 50 VAL 50 50 50 VAL VAL B . n 
B 1 51 HIS 51 51 51 HIS HIS B . n 
B 1 52 VAL 52 52 52 VAL VAL B . n 
B 1 53 ARG 53 53 53 ARG ARG B . n 
B 1 54 ILE 54 54 54 ILE ILE B . n 
B 1 55 ARG 55 55 55 ARG ARG B . n 
B 1 56 HIS 56 56 56 HIS HIS B . n 
B 1 57 ASP 57 57 57 ASP ASP B . n 
B 1 58 ASP 58 58 58 ASP ASP B . n 
B 1 59 LYS 59 59 59 LYS LYS B . n 
B 1 60 GLU 60 60 60 GLU GLU B . n 
B 1 61 THR 61 61 61 THR THR B . n 
B 1 62 ILE 62 62 62 ILE ILE B . n 
B 1 63 GLU 63 63 63 GLU GLU B . n 
B 1 64 ARG 64 64 64 ARG ARG B . n 
B 1 65 LEU 65 65 65 LEU LEU B . n 
B 1 66 VAL 66 66 66 VAL VAL B . n 
B 1 67 GLU 67 67 67 GLU GLU B . n 
B 1 68 ARG 68 68 68 ARG ARG B . n 
B 1 69 ILE 69 69 69 ILE ILE B . n 
B 1 70 LEU 70 70 70 LEU LEU B . n 
B 1 71 ARG 71 71 71 ARG ARG B . n 
B 1 72 GLU 72 72 72 GLU GLU B . n 
B 1 73 ILE 73 73 73 ILE ILE B . n 
B 1 74 LYS 74 74 74 LYS LYS B . n 
B 1 75 LYS 75 75 75 LYS LYS B . n 
B 1 76 LEU 76 76 76 LEU LEU B . n 
B 1 77 ASP 77 77 77 ASP ASP B . n 
B 1 78 LYS 78 78 78 LYS LYS B . n 
B 1 79 ASN 79 79 79 ASN ASN B . n 
B 1 80 SER 80 80 80 SER SER B . n 
B 1 81 GLU 81 81 81 GLU GLU B . n 
B 1 82 VAL 82 82 82 VAL VAL B . n 
B 1 83 GLU 83 83 83 GLU GLU B . n 
B 1 84 VAL 84 84 84 VAL VAL B . n 
B 1 85 ARG 85 85 85 ARG ARG B . n 
B 1 86 THR 86 86 86 THR THR B . n 
B 1 87 THR 87 87 87 THR THR B . n 
B 1 88 THR 88 88 88 THR THR B . n 
B 1 89 LYS 89 89 89 LYS LYS B . n 
B 1 90 ARG 90 90 90 ARG ARG B . n 
# 
loop_
_pdbx_nonpoly_scheme.asym_id 
_pdbx_nonpoly_scheme.entity_id 
_pdbx_nonpoly_scheme.mon_id 
_pdbx_nonpoly_scheme.ndb_seq_num 
_pdbx_nonpoly_scheme.pdb_seq_num 
_pdbx_nonpoly_scheme.auth_seq_num 
_pdbx_nonpoly_scheme.pdb_mon_id 
_pdbx_nonpoly_scheme.auth_mon_id 
_pdbx_nonpoly_scheme.pdb_strand_id 
_pdbx_nonpoly_scheme.pdb_ins_code 
C 2 HOH 1  101 94  HOH HOH A . 
C 2 HOH 2  102 105 HOH HOH A . 
C 2 HOH 3  103 56  HOH HOH A . 
C 2 HOH 4  104 102 HOH HOH A . 
C 2 HOH 5  105 25  HOH HOH A . 
C 2 HOH 6  106 12  HOH HOH A . 
C 2 HOH 7  107 27  HOH HOH A . 
C 2 HOH 8  108 1   HOH HOH A . 
C 2 HOH 9  109 31  HOH HOH A . 
C 2 HOH 10 110 35  HOH HOH A . 
C 2 HOH 11 111 87  HOH HOH A . 
C 2 HOH 12 112 82  HOH HOH A . 
C 2 HOH 13 113 20  HOH HOH A . 
C 2 HOH 14 114 13  HOH HOH A . 
C 2 HOH 15 115 40  HOH HOH A . 
C 2 HOH 16 116 96  HOH HOH A . 
C 2 HOH 17 117 23  HOH HOH A . 
C 2 HOH 18 119 30  HOH HOH A . 
C 2 HOH 19 120 7   HOH HOH A . 
C 2 HOH 20 121 107 HOH HOH A . 
C 2 HOH 21 122 5   HOH HOH A . 
C 2 HOH 22 123 19  HOH HOH A . 
C 2 HOH 23 124 3   HOH HOH A . 
C 2 HOH 24 125 58  HOH HOH A . 
C 2 HOH 25 126 15  HOH HOH A . 
C 2 HOH 26 127 47  HOH HOH A . 
C 2 HOH 27 128 10  HOH HOH A . 
C 2 HOH 28 129 6   HOH HOH A . 
C 2 HOH 29 130 18  HOH HOH A . 
C 2 HOH 30 131 93  HOH HOH A . 
C 2 HOH 31 132 37  HOH HOH A . 
C 2 HOH 32 133 57  HOH HOH A . 
C 2 HOH 33 134 42  HOH HOH A . 
C 2 HOH 34 135 11  HOH HOH A . 
C 2 HOH 35 136 8   HOH HOH A . 
C 2 HOH 36 137 45  HOH HOH A . 
C 2 HOH 37 138 9   HOH HOH A . 
C 2 HOH 38 139 32  HOH HOH A . 
C 2 HOH 39 140 80  HOH HOH A . 
C 2 HOH 40 141 46  HOH HOH A . 
C 2 HOH 41 142 75  HOH HOH A . 
C 2 HOH 42 143 53  HOH HOH A . 
C 2 HOH 43 144 97  HOH HOH A . 
C 2 HOH 44 145 29  HOH HOH A . 
C 2 HOH 45 146 24  HOH HOH A . 
C 2 HOH 46 148 100 HOH HOH A . 
C 2 HOH 47 149 61  HOH HOH A . 
C 2 HOH 48 150 52  HOH HOH A . 
C 2 HOH 49 151 44  HOH HOH A . 
C 2 HOH 50 152 34  HOH HOH A . 
C 2 HOH 51 153 63  HOH HOH A . 
C 2 HOH 52 154 78  HOH HOH A . 
C 2 HOH 53 155 95  HOH HOH A . 
C 2 HOH 54 157 73  HOH HOH A . 
C 2 HOH 55 158 51  HOH HOH A . 
C 2 HOH 56 159 84  HOH HOH A . 
C 2 HOH 57 160 85  HOH HOH A . 
C 2 HOH 58 161 50  HOH HOH A . 
C 2 HOH 59 162 38  HOH HOH A . 
C 2 HOH 60 163 17  HOH HOH A . 
D 2 HOH 1  101 16  HOH HOH B . 
D 2 HOH 2  102 88  HOH HOH B . 
D 2 HOH 3  103 103 HOH HOH B . 
D 2 HOH 4  104 43  HOH HOH B . 
D 2 HOH 5  105 21  HOH HOH B . 
D 2 HOH 6  106 2   HOH HOH B . 
D 2 HOH 7  107 36  HOH HOH B . 
D 2 HOH 8  108 54  HOH HOH B . 
D 2 HOH 9  109 26  HOH HOH B . 
D 2 HOH 10 110 81  HOH HOH B . 
D 2 HOH 11 111 64  HOH HOH B . 
D 2 HOH 12 112 22  HOH HOH B . 
D 2 HOH 13 113 83  HOH HOH B . 
D 2 HOH 14 114 69  HOH HOH B . 
D 2 HOH 15 115 79  HOH HOH B . 
D 2 HOH 16 116 67  HOH HOH B . 
D 2 HOH 17 117 74  HOH HOH B . 
D 2 HOH 18 118 99  HOH HOH B . 
D 2 HOH 19 119 106 HOH HOH B . 
D 2 HOH 20 120 70  HOH HOH B . 
D 2 HOH 21 121 59  HOH HOH B . 
D 2 HOH 22 122 4   HOH HOH B . 
D 2 HOH 23 123 98  HOH HOH B . 
D 2 HOH 24 125 90  HOH HOH B . 
D 2 HOH 25 126 89  HOH HOH B . 
D 2 HOH 26 127 101 HOH HOH B . 
D 2 HOH 27 128 68  HOH HOH B . 
D 2 HOH 28 129 49  HOH HOH B . 
D 2 HOH 29 130 66  HOH HOH B . 
D 2 HOH 30 131 55  HOH HOH B . 
D 2 HOH 31 132 72  HOH HOH B . 
D 2 HOH 32 133 41  HOH HOH B . 
D 2 HOH 33 134 33  HOH HOH B . 
D 2 HOH 34 136 92  HOH HOH B . 
D 2 HOH 35 137 60  HOH HOH B . 
D 2 HOH 36 138 65  HOH HOH B . 
D 2 HOH 37 139 71  HOH HOH B . 
D 2 HOH 38 140 76  HOH HOH B . 
D 2 HOH 39 141 28  HOH HOH B . 
D 2 HOH 40 142 77  HOH HOH B . 
D 2 HOH 41 143 62  HOH HOH B . 
# 
loop_
_pdbx_unobs_or_zero_occ_atoms.id 
_pdbx_unobs_or_zero_occ_atoms.PDB_model_num 
_pdbx_unobs_or_zero_occ_atoms.polymer_flag 
_pdbx_unobs_or_zero_occ_atoms.occupancy_flag 
_pdbx_unobs_or_zero_occ_atoms.auth_asym_id 
_pdbx_unobs_or_zero_occ_atoms.auth_comp_id 
_pdbx_unobs_or_zero_occ_atoms.auth_seq_id 
_pdbx_unobs_or_zero_occ_atoms.PDB_ins_code 
_pdbx_unobs_or_zero_occ_atoms.auth_atom_id 
_pdbx_unobs_or_zero_occ_atoms.label_alt_id 
_pdbx_unobs_or_zero_occ_atoms.label_asym_id 
_pdbx_unobs_or_zero_occ_atoms.label_comp_id 
_pdbx_unobs_or_zero_occ_atoms.label_seq_id 
_pdbx_unobs_or_zero_occ_atoms.label_atom_id 
1  1 Y 1 A GLN 12 ? CG  ? A GLN 12 CG  
2  1 Y 1 A GLN 12 ? CD  ? A GLN 12 CD  
3  1 Y 1 A GLN 12 ? OE1 ? A GLN 12 OE1 
4  1 Y 1 A GLN 12 ? NE2 ? A GLN 12 NE2 
5  1 Y 1 A GLU 15 ? CG  ? A GLU 15 CG  
6  1 Y 1 A GLU 15 ? CD  ? A GLU 15 CD  
7  1 Y 1 A GLU 15 ? OE1 ? A GLU 15 OE1 
8  1 Y 1 A GLU 15 ? OE2 ? A GLU 15 OE2 
9  1 Y 1 A LYS 43 ? CE  ? A LYS 43 CE  
10 1 Y 1 A LYS 43 ? NZ  ? A LYS 43 NZ  
11 1 Y 1 A ASN 45 ? CG  ? A ASN 45 CG  
12 1 Y 1 A ASN 45 ? OD1 ? A ASN 45 OD1 
13 1 Y 1 A ASN 45 ? ND2 ? A ASN 45 ND2 
14 1 Y 1 A GLU 47 ? CG  ? A GLU 47 CG  
15 1 Y 1 A GLU 47 ? CD  ? A GLU 47 CD  
16 1 Y 1 A GLU 47 ? OE1 ? A GLU 47 OE1 
17 1 Y 1 A GLU 47 ? OE2 ? A GLU 47 OE2 
18 1 Y 1 A LYS 59 ? CE  ? A LYS 59 CE  
19 1 Y 1 A LYS 59 ? NZ  ? A LYS 59 NZ  
20 1 Y 1 A LYS 75 ? CG  ? A LYS 75 CG  
21 1 Y 1 A LYS 75 ? CD  ? A LYS 75 CD  
22 1 Y 1 A LYS 75 ? CE  ? A LYS 75 CE  
23 1 Y 1 A LYS 75 ? NZ  ? A LYS 75 NZ  
24 1 Y 1 A LYS 89 ? CE  ? A LYS 89 CE  
25 1 Y 1 A LYS 89 ? NZ  ? A LYS 89 NZ  
26 1 Y 1 B ARG 8  ? CG  ? B ARG 8  CG  
27 1 Y 1 B ARG 8  ? CD  ? B ARG 8  CD  
28 1 Y 1 B ARG 8  ? NE  ? B ARG 8  NE  
29 1 Y 1 B ARG 8  ? CZ  ? B ARG 8  CZ  
30 1 Y 1 B ARG 8  ? NH1 ? B ARG 8  NH1 
31 1 Y 1 B ARG 8  ? NH2 ? B ARG 8  NH2 
32 1 Y 1 B GLN 12 ? CG  ? B GLN 12 CG  
33 1 Y 1 B GLN 12 ? CD  ? B GLN 12 CD  
34 1 Y 1 B GLN 12 ? OE1 ? B GLN 12 OE1 
35 1 Y 1 B GLN 12 ? NE2 ? B GLN 12 NE2 
36 1 Y 1 B ARG 13 ? CG  ? B ARG 13 CG  
37 1 Y 1 B ARG 13 ? CD  ? B ARG 13 CD  
38 1 Y 1 B ARG 13 ? NE  ? B ARG 13 NE  
39 1 Y 1 B ARG 13 ? CZ  ? B ARG 13 CZ  
40 1 Y 1 B ARG 13 ? NH1 ? B ARG 13 NH1 
41 1 Y 1 B ARG 13 ? NH2 ? B ARG 13 NH2 
42 1 Y 1 B GLU 14 ? CG  ? B GLU 14 CG  
43 1 Y 1 B GLU 14 ? CD  ? B GLU 14 CD  
44 1 Y 1 B GLU 14 ? OE1 ? B GLU 14 OE1 
45 1 Y 1 B GLU 14 ? OE2 ? B GLU 14 OE2 
46 1 Y 1 B GLU 15 ? CG  ? B GLU 15 CG  
47 1 Y 1 B GLU 15 ? CD  ? B GLU 15 CD  
48 1 Y 1 B GLU 15 ? OE1 ? B GLU 15 OE1 
49 1 Y 1 B GLU 15 ? OE2 ? B GLU 15 OE2 
50 1 Y 1 B LYS 16 ? CG  ? B LYS 16 CG  
51 1 Y 1 B LYS 16 ? CD  ? B LYS 16 CD  
52 1 Y 1 B LYS 16 ? CE  ? B LYS 16 CE  
53 1 Y 1 B LYS 16 ? NZ  ? B LYS 16 NZ  
54 1 Y 1 B LYS 29 ? CG  ? B LYS 29 CG  
55 1 Y 1 B LYS 29 ? CD  ? B LYS 29 CD  
56 1 Y 1 B LYS 29 ? CE  ? B LYS 29 CE  
57 1 Y 1 B LYS 29 ? NZ  ? B LYS 29 NZ  
58 1 Y 1 B GLU 31 ? CG  ? B GLU 31 CG  
59 1 Y 1 B GLU 31 ? CD  ? B GLU 31 CD  
60 1 Y 1 B GLU 31 ? OE1 ? B GLU 31 OE1 
61 1 Y 1 B GLU 31 ? OE2 ? B GLU 31 OE2 
62 1 Y 1 B ASN 33 ? CG  ? B ASN 33 CG  
63 1 Y 1 B ASN 33 ? OD1 ? B ASN 33 OD1 
64 1 Y 1 B ASN 33 ? ND2 ? B ASN 33 ND2 
65 1 Y 1 B ASN 45 ? CG  ? B ASN 45 CG  
66 1 Y 1 B ASN 45 ? OD1 ? B ASN 45 OD1 
67 1 Y 1 B ASN 45 ? ND2 ? B ASN 45 ND2 
68 1 Y 1 B GLU 47 ? CG  ? B GLU 47 CG  
69 1 Y 1 B GLU 47 ? CD  ? B GLU 47 CD  
70 1 Y 1 B GLU 47 ? OE1 ? B GLU 47 OE1 
71 1 Y 1 B GLU 47 ? OE2 ? B GLU 47 OE2 
72 1 Y 1 B LYS 59 ? CG  ? B LYS 59 CG  
73 1 Y 1 B LYS 59 ? CD  ? B LYS 59 CD  
74 1 Y 1 B LYS 59 ? CE  ? B LYS 59 CE  
75 1 Y 1 B LYS 59 ? NZ  ? B LYS 59 NZ  
76 1 Y 1 B GLU 60 ? CG  ? B GLU 60 CG  
77 1 Y 1 B GLU 60 ? CD  ? B GLU 60 CD  
78 1 Y 1 B GLU 60 ? OE1 ? B GLU 60 OE1 
79 1 Y 1 B GLU 60 ? OE2 ? B GLU 60 OE2 
80 1 Y 1 B GLU 63 ? CG  ? B GLU 63 CG  
81 1 Y 1 B GLU 63 ? CD  ? B GLU 63 CD  
82 1 Y 1 B GLU 63 ? OE1 ? B GLU 63 OE1 
83 1 Y 1 B GLU 63 ? OE2 ? B GLU 63 OE2 
84 1 Y 1 B LYS 78 ? CG  ? B LYS 78 CG  
85 1 Y 1 B LYS 78 ? CD  ? B LYS 78 CD  
86 1 Y 1 B LYS 78 ? CE  ? B LYS 78 CE  
87 1 Y 1 B LYS 78 ? NZ  ? B LYS 78 NZ  
# 
loop_
_software.citation_id 
_software.classification 
_software.compiler_name 
_software.compiler_version 
_software.contact_author 
_software.contact_author_email 
_software.date 
_software.description 
_software.dependencies 
_software.hardware 
_software.language 
_software.location 
_software.mods 
_software.name 
_software.os 
_software.os_version 
_software.type 
_software.version 
_software.pdbx_ordinal 
? refinement       ? ? ? ? ? ? ? ? ? ? ? PHENIX ? ? ? 1.18rc2_3793 1 
? 'data reduction' ? ? ? ? ? ? ? ? ? ? ? XDS    ? ? ? .            2 
? 'data scaling'   ? ? ? ? ? ? ? ? ? ? ? XDS    ? ? ? .            3 
? phasing          ? ? ? ? ? ? ? ? ? ? ? PHASER ? ? ? .            4 
# 
_cell.angle_alpha                  90.000 
_cell.angle_alpha_esd              ? 
_cell.angle_beta                   90.000 
_cell.angle_beta_esd               ? 
_cell.angle_gamma                  90.000 
_cell.angle_gamma_esd              ? 
_cell.entry_id                     6WI5 
_cell.details                      ? 
_cell.formula_units_Z              ? 
_cell.length_a                     64.027 
_cell.length_a_esd                 ? 
_cell.length_b                     64.027 
_cell.length_b_esd                 ? 
_cell.length_c                     221.412 
_cell.length_c_esd                 ? 
_cell.volume                       907668.913 
_cell.volume_esd                   ? 
_cell.Z_PDB                        32 
_cell.reciprocal_angle_alpha       ? 
_cell.reciprocal_angle_beta        ? 
_cell.reciprocal_angle_gamma       ? 
_cell.reciprocal_angle_alpha_esd   ? 
_cell.reciprocal_angle_beta_esd    ? 
_cell.reciprocal_angle_gamma_esd   ? 
_cell.reciprocal_length_a          ? 
_cell.reciprocal_length_b          ? 
_cell.reciprocal_length_c          ? 
_cell.reciprocal_length_a_esd      ? 
_cell.reciprocal_length_b_esd      ? 
_cell.reciprocal_length_c_esd      ? 
_cell.pdbx_unique_axis             ? 
# 
_symmetry.entry_id                         6WI5 
_symmetry.cell_setting                     ? 
_symmetry.Int_Tables_number                98 
_symmetry.space_group_name_Hall            'I 4bw 2bw' 
_symmetry.space_group_name_H-M             'I 41 2 2' 
_symmetry.pdbx_full_space_group_name_H-M   ? 
# 
_exptl.absorpt_coefficient_mu     ? 
_exptl.absorpt_correction_T_max   ? 
_exptl.absorpt_correction_T_min   ? 
_exptl.absorpt_correction_type    ? 
_exptl.absorpt_process_details    ? 
_exptl.entry_id                   6WI5 
_exptl.crystals_number            1 
_exptl.details                    ? 
_exptl.method                     'X-RAY DIFFRACTION' 
_exptl.method_details             ? 
# 
_exptl_crystal.colour                      ? 
_exptl_crystal.density_diffrn              ? 
_exptl_crystal.density_Matthews            2.57 
_exptl_crystal.density_method              ? 
_exptl_crystal.density_percent_sol         52.16 
_exptl_crystal.description                 ? 
_exptl_crystal.F_000                       ? 
_exptl_crystal.id                          1 
_exptl_crystal.preparation                 ? 
_exptl_crystal.size_max                    ? 
_exptl_crystal.size_mid                    ? 
_exptl_crystal.size_min                    ? 
_exptl_crystal.size_rad                    ? 
_exptl_crystal.colour_lustre               ? 
_exptl_crystal.colour_modifier             ? 
_exptl_crystal.colour_primary              ? 
_exptl_crystal.density_meas                ? 
_exptl_crystal.density_meas_esd            ? 
_exptl_crystal.density_meas_gt             ? 
_exptl_crystal.density_meas_lt             ? 
_exptl_crystal.density_meas_temp           ? 
_exptl_crystal.density_meas_temp_esd       ? 
_exptl_crystal.density_meas_temp_gt        ? 
_exptl_crystal.density_meas_temp_lt        ? 
_exptl_crystal.pdbx_crystal_image_url      ? 
_exptl_crystal.pdbx_crystal_image_format   ? 
_exptl_crystal.pdbx_mosaicity              ? 
_exptl_crystal.pdbx_mosaicity_esd          ? 
# 
_exptl_crystal_grow.apparatus       ? 
_exptl_crystal_grow.atmosphere      ? 
_exptl_crystal_grow.crystal_id      1 
_exptl_crystal_grow.details         ? 
_exptl_crystal_grow.method          'VAPOR DIFFUSION, HANGING DROP' 
_exptl_crystal_grow.method_ref      ? 
_exptl_crystal_grow.pH              ? 
_exptl_crystal_grow.pressure        ? 
_exptl_crystal_grow.pressure_esd    ? 
_exptl_crystal_grow.seeding         ? 
_exptl_crystal_grow.seeding_ref     ? 
_exptl_crystal_grow.temp            293 
_exptl_crystal_grow.temp_details    ? 
_exptl_crystal_grow.temp_esd        ? 
_exptl_crystal_grow.time            ? 
_exptl_crystal_grow.pdbx_details    '0.09 MNPS, 0.1 M Sodium HEPES; MOPS, pH 7.5 and 30% P500MME_P20K' 
_exptl_crystal_grow.pdbx_pH_range   ? 
# 
_diffrn.ambient_environment              ? 
_diffrn.ambient_temp                     100 
_diffrn.ambient_temp_details             ? 
_diffrn.ambient_temp_esd                 ? 
_diffrn.crystal_id                       1 
_diffrn.crystal_support                  ? 
_diffrn.crystal_treatment                ? 
_diffrn.details                          ? 
_diffrn.id                               1 
_diffrn.ambient_pressure                 ? 
_diffrn.ambient_pressure_esd             ? 
_diffrn.ambient_pressure_gt              ? 
_diffrn.ambient_pressure_lt              ? 
_diffrn.ambient_temp_gt                  ? 
_diffrn.ambient_temp_lt                  ? 
_diffrn.pdbx_serial_crystal_experiment   N 
# 
_diffrn_detector.details                      ? 
_diffrn_detector.detector                     CCD 
_diffrn_detector.diffrn_id                    1 
_diffrn_detector.type                         'ADSC QUANTUM 315r' 
_diffrn_detector.area_resol_mean              ? 
_diffrn_detector.dtime                        ? 
_diffrn_detector.pdbx_frames_total            ? 
_diffrn_detector.pdbx_collection_time_total   ? 
_diffrn_detector.pdbx_collection_date         2020-03-10 
_diffrn_detector.pdbx_frequency               ? 
# 
_diffrn_radiation.collimation                      ? 
_diffrn_radiation.diffrn_id                        1 
_diffrn_radiation.filter_edge                      ? 
_diffrn_radiation.inhomogeneity                    ? 
_diffrn_radiation.monochromator                    ? 
_diffrn_radiation.polarisn_norm                    ? 
_diffrn_radiation.polarisn_ratio                   ? 
_diffrn_radiation.probe                            ? 
_diffrn_radiation.type                             ? 
_diffrn_radiation.xray_symbol                      ? 
_diffrn_radiation.wavelength_id                    1 
_diffrn_radiation.pdbx_monochromatic_or_laue_m_l   M 
_diffrn_radiation.pdbx_wavelength_list             ? 
_diffrn_radiation.pdbx_wavelength                  ? 
_diffrn_radiation.pdbx_diffrn_protocol             'SINGLE WAVELENGTH' 
_diffrn_radiation.pdbx_analyzer                    ? 
_diffrn_radiation.pdbx_scattering_type             x-ray 
# 
_diffrn_radiation_wavelength.id           1 
_diffrn_radiation_wavelength.wavelength   0.99993 
_diffrn_radiation_wavelength.wt           1.0 
# 
_diffrn_source.current                     ? 
_diffrn_source.details                     ? 
_diffrn_source.diffrn_id                   1 
_diffrn_source.power                       ? 
_diffrn_source.size                        ? 
_diffrn_source.source                      SYNCHROTRON 
_diffrn_source.target                      ? 
_diffrn_source.type                        'ALS BEAMLINE 8.2.1' 
_diffrn_source.voltage                     ? 
_diffrn_source.take-off_angle              ? 
_diffrn_source.pdbx_wavelength_list        0.99993 
_diffrn_source.pdbx_wavelength             ? 
_diffrn_source.pdbx_synchrotron_beamline   8.2.1 
_diffrn_source.pdbx_synchrotron_site       ALS 
# 
_reflns.B_iso_Wilson_estimate            32.48 
_reflns.entry_id                         6WI5 
_reflns.data_reduction_details           ? 
_reflns.data_reduction_method            ? 
_reflns.d_resolution_high                1.83 
_reflns.d_resolution_low                 48.4 
_reflns.details                          ? 
_reflns.limit_h_max                      ? 
_reflns.limit_h_min                      ? 
_reflns.limit_k_max                      ? 
_reflns.limit_k_min                      ? 
_reflns.limit_l_max                      ? 
_reflns.limit_l_min                      ? 
_reflns.number_all                       ? 
_reflns.number_obs                       20876 
_reflns.observed_criterion               ? 
_reflns.observed_criterion_F_max         ? 
_reflns.observed_criterion_F_min         ? 
_reflns.observed_criterion_I_max         ? 
_reflns.observed_criterion_I_min         ? 
_reflns.observed_criterion_sigma_F       ? 
_reflns.observed_criterion_sigma_I       ? 
_reflns.percent_possible_obs             99.7 
_reflns.R_free_details                   ? 
_reflns.Rmerge_F_all                     ? 
_reflns.Rmerge_F_obs                     ? 
_reflns.Friedel_coverage                 ? 
_reflns.number_gt                        ? 
_reflns.threshold_expression             ? 
_reflns.pdbx_redundancy                  9.5 
_reflns.pdbx_Rmerge_I_obs                0.097 
_reflns.pdbx_Rmerge_I_all                ? 
_reflns.pdbx_Rsym_value                  ? 
_reflns.pdbx_netI_over_av_sigmaI         ? 
_reflns.pdbx_netI_over_sigmaI            11.2 
_reflns.pdbx_res_netI_over_av_sigmaI_2   ? 
_reflns.pdbx_res_netI_over_sigmaI_2      ? 
_reflns.pdbx_chi_squared                 ? 
_reflns.pdbx_scaling_rejects             ? 
_reflns.pdbx_d_res_high_opt              ? 
_reflns.pdbx_d_res_low_opt               ? 
_reflns.pdbx_d_res_opt_method            ? 
_reflns.phase_calculation_details        ? 
_reflns.pdbx_Rrim_I_all                  ? 
_reflns.pdbx_Rpim_I_all                  ? 
_reflns.pdbx_d_opt                       ? 
_reflns.pdbx_number_measured_all         ? 
_reflns.pdbx_diffrn_id                   1 
_reflns.pdbx_ordinal                     1 
_reflns.pdbx_CC_half                     0.998 
_reflns.pdbx_CC_star                     ? 
_reflns.pdbx_R_split                     ? 
# 
_reflns_shell.d_res_high                  1.83 
_reflns_shell.d_res_low                   1.88 
_reflns_shell.meanI_over_sigI_all         ? 
_reflns_shell.meanI_over_sigI_obs         1.5 
_reflns_shell.number_measured_all         ? 
_reflns_shell.number_measured_obs         ? 
_reflns_shell.number_possible             ? 
_reflns_shell.number_unique_all           ? 
_reflns_shell.number_unique_obs           1508 
_reflns_shell.percent_possible_all        100 
_reflns_shell.percent_possible_obs        ? 
_reflns_shell.Rmerge_F_all                ? 
_reflns_shell.Rmerge_F_obs                ? 
_reflns_shell.Rmerge_I_all                ? 
_reflns_shell.Rmerge_I_obs                2.917 
_reflns_shell.meanI_over_sigI_gt          ? 
_reflns_shell.meanI_over_uI_all           ? 
_reflns_shell.meanI_over_uI_gt            ? 
_reflns_shell.number_measured_gt          ? 
_reflns_shell.number_unique_gt            ? 
_reflns_shell.percent_possible_gt         ? 
_reflns_shell.Rmerge_F_gt                 ? 
_reflns_shell.Rmerge_I_gt                 ? 
_reflns_shell.pdbx_redundancy             9.8 
_reflns_shell.pdbx_Rsym_value             ? 
_reflns_shell.pdbx_chi_squared            ? 
_reflns_shell.pdbx_netI_over_sigmaI_all   ? 
_reflns_shell.pdbx_netI_over_sigmaI_obs   ? 
_reflns_shell.pdbx_Rrim_I_all             ? 
_reflns_shell.pdbx_Rpim_I_all             ? 
_reflns_shell.pdbx_rejects                ? 
_reflns_shell.pdbx_ordinal                1 
_reflns_shell.pdbx_diffrn_id              1 
_reflns_shell.pdbx_CC_half                0.766 
_reflns_shell.pdbx_CC_star                ? 
_reflns_shell.pdbx_R_split                ? 
# 
_refine.aniso_B[1][1]                            ? 
_refine.aniso_B[1][2]                            ? 
_refine.aniso_B[1][3]                            ? 
_refine.aniso_B[2][2]                            ? 
_refine.aniso_B[2][3]                            ? 
_refine.aniso_B[3][3]                            ? 
_refine.B_iso_max                                ? 
_refine.B_iso_mean                               48.54 
_refine.B_iso_min                                ? 
_refine.correlation_coeff_Fo_to_Fc               ? 
_refine.correlation_coeff_Fo_to_Fc_free          ? 
_refine.details                                  ? 
_refine.diff_density_max                         ? 
_refine.diff_density_max_esd                     ? 
_refine.diff_density_min                         ? 
_refine.diff_density_min_esd                     ? 
_refine.diff_density_rms                         ? 
_refine.diff_density_rms_esd                     ? 
_refine.entry_id                                 6WI5 
_refine.pdbx_refine_id                           'X-RAY DIFFRACTION' 
_refine.ls_abs_structure_details                 ? 
_refine.ls_abs_structure_Flack                   ? 
_refine.ls_abs_structure_Flack_esd               ? 
_refine.ls_abs_structure_Rogers                  ? 
_refine.ls_abs_structure_Rogers_esd              ? 
_refine.ls_d_res_high                            1.83 
_refine.ls_d_res_low                             48.36 
_refine.ls_extinction_coef                       ? 
_refine.ls_extinction_coef_esd                   ? 
_refine.ls_extinction_expression                 ? 
_refine.ls_extinction_method                     ? 
_refine.ls_goodness_of_fit_all                   ? 
_refine.ls_goodness_of_fit_all_esd               ? 
_refine.ls_goodness_of_fit_obs                   ? 
_refine.ls_goodness_of_fit_obs_esd               ? 
_refine.ls_hydrogen_treatment                    ? 
_refine.ls_matrix_type                           ? 
_refine.ls_number_constraints                    ? 
_refine.ls_number_parameters                     ? 
_refine.ls_number_reflns_all                     ? 
_refine.ls_number_reflns_obs                     20829 
_refine.ls_number_reflns_R_free                  998 
_refine.ls_number_reflns_R_work                  ? 
_refine.ls_number_restraints                     ? 
_refine.ls_percent_reflns_obs                    98.92 
_refine.ls_percent_reflns_R_free                 4.79 
_refine.ls_R_factor_all                          ? 
_refine.ls_R_factor_obs                          0.2486 
_refine.ls_R_factor_R_free                       0.2713 
_refine.ls_R_factor_R_free_error                 ? 
_refine.ls_R_factor_R_free_error_details         ? 
_refine.ls_R_factor_R_work                       0.2474 
_refine.ls_R_Fsqd_factor_obs                     ? 
_refine.ls_R_I_factor_obs                        ? 
_refine.ls_redundancy_reflns_all                 ? 
_refine.ls_redundancy_reflns_obs                 ? 
_refine.ls_restrained_S_all                      ? 
_refine.ls_restrained_S_obs                      ? 
_refine.ls_shift_over_esd_max                    ? 
_refine.ls_shift_over_esd_mean                   ? 
_refine.ls_structure_factor_coef                 ? 
_refine.ls_weighting_details                     ? 
_refine.ls_weighting_scheme                      ? 
_refine.ls_wR_factor_all                         ? 
_refine.ls_wR_factor_obs                         ? 
_refine.ls_wR_factor_R_free                      ? 
_refine.ls_wR_factor_R_work                      ? 
_refine.occupancy_max                            ? 
_refine.occupancy_min                            ? 
_refine.solvent_model_details                    ? 
_refine.solvent_model_param_bsol                 ? 
_refine.solvent_model_param_ksol                 ? 
_refine.pdbx_R_complete                          ? 
_refine.ls_R_factor_gt                           ? 
_refine.ls_goodness_of_fit_gt                    ? 
_refine.ls_goodness_of_fit_ref                   ? 
_refine.ls_shift_over_su_max                     ? 
_refine.ls_shift_over_su_max_lt                  ? 
_refine.ls_shift_over_su_mean                    ? 
_refine.ls_shift_over_su_mean_lt                 ? 
_refine.pdbx_ls_sigma_I                          ? 
_refine.pdbx_ls_sigma_F                          1.34 
_refine.pdbx_ls_sigma_Fsqd                       ? 
_refine.pdbx_data_cutoff_high_absF               ? 
_refine.pdbx_data_cutoff_high_rms_absF           ? 
_refine.pdbx_data_cutoff_low_absF                ? 
_refine.pdbx_isotropic_thermal_model             ? 
_refine.pdbx_ls_cross_valid_method               'FREE R-VALUE' 
_refine.pdbx_method_to_determine_struct          'MOLECULAR REPLACEMENT' 
_refine.pdbx_starting_model                      'Designed Model' 
_refine.pdbx_stereochemistry_target_values       ? 
_refine.pdbx_R_Free_selection_details            ? 
_refine.pdbx_stereochem_target_val_spec_case     ? 
_refine.pdbx_overall_ESU_R                       ? 
_refine.pdbx_overall_ESU_R_Free                  ? 
_refine.pdbx_solvent_vdw_probe_radii             1.1100 
_refine.pdbx_solvent_ion_probe_radii             ? 
_refine.pdbx_solvent_shrinkage_radii             0.9000 
_refine.pdbx_real_space_R                        ? 
_refine.pdbx_density_correlation                 ? 
_refine.pdbx_pd_number_of_powder_patterns        ? 
_refine.pdbx_pd_number_of_points                 ? 
_refine.pdbx_pd_meas_number_of_points            ? 
_refine.pdbx_pd_proc_ls_prof_R_factor            ? 
_refine.pdbx_pd_proc_ls_prof_wR_factor           ? 
_refine.pdbx_pd_Marquardt_correlation_coeff      ? 
_refine.pdbx_pd_Fsqrd_R_factor                   ? 
_refine.pdbx_pd_ls_matrix_band_width             ? 
_refine.pdbx_overall_phase_error                 32.6529 
_refine.pdbx_overall_SU_R_free_Cruickshank_DPI   ? 
_refine.pdbx_overall_SU_R_free_Blow_DPI          ? 
_refine.pdbx_overall_SU_R_Blow_DPI               ? 
_refine.pdbx_TLS_residual_ADP_flag               ? 
_refine.pdbx_diffrn_id                           1 
_refine.overall_SU_B                             ? 
_refine.overall_SU_ML                            0.2730 
_refine.overall_SU_R_Cruickshank_DPI             ? 
_refine.overall_SU_R_free                        ? 
_refine.overall_FOM_free_R_set                   ? 
_refine.overall_FOM_work_R_set                   ? 
_refine.pdbx_average_fsc_overall                 ? 
_refine.pdbx_average_fsc_work                    ? 
_refine.pdbx_average_fsc_free                    ? 
# 
_refine_hist.pdbx_refine_id                   'X-RAY DIFFRACTION' 
_refine_hist.cycle_id                         LAST 
_refine_hist.details                          ? 
_refine_hist.d_res_high                       1.83 
_refine_hist.d_res_low                        48.36 
_refine_hist.number_atoms_solvent             107 
_refine_hist.number_atoms_total               1564 
_refine_hist.number_reflns_all                ? 
_refine_hist.number_reflns_obs                ? 
_refine_hist.number_reflns_R_free             ? 
_refine_hist.number_reflns_R_work             ? 
_refine_hist.R_factor_all                     ? 
_refine_hist.R_factor_obs                     ? 
_refine_hist.R_factor_R_free                  ? 
_refine_hist.R_factor_R_work                  ? 
_refine_hist.pdbx_number_residues_total       ? 
_refine_hist.pdbx_B_iso_mean_ligand           ? 
_refine_hist.pdbx_B_iso_mean_solvent          ? 
_refine_hist.pdbx_number_atoms_protein        1457 
_refine_hist.pdbx_number_atoms_nucleic_acid   0 
_refine_hist.pdbx_number_atoms_ligand         0 
_refine_hist.pdbx_number_atoms_lipid          ? 
_refine_hist.pdbx_number_atoms_carb           ? 
_refine_hist.pdbx_pseudo_atom_details         ? 
# 
loop_
_refine_ls_restr.pdbx_refine_id 
_refine_ls_restr.criterion 
_refine_ls_restr.dev_ideal 
_refine_ls_restr.dev_ideal_target 
_refine_ls_restr.number 
_refine_ls_restr.rejects 
_refine_ls_restr.type 
_refine_ls_restr.weight 
_refine_ls_restr.pdbx_restraint_function 
'X-RAY DIFFRACTION' ? 0.0014  ? 1486 ? f_bond_d           ? ? 
'X-RAY DIFFRACTION' ? 0.3341  ? 1999 ? f_angle_d          ? ? 
'X-RAY DIFFRACTION' ? 0.0446  ? 249  ? f_chiral_restr     ? ? 
'X-RAY DIFFRACTION' ? 0.0010  ? 257  ? f_plane_restr      ? ? 
'X-RAY DIFFRACTION' ? 27.3205 ? 599  ? f_dihedral_angle_d ? ? 
# 
loop_
_refine_ls_shell.pdbx_refine_id 
_refine_ls_shell.d_res_high 
_refine_ls_shell.d_res_low 
_refine_ls_shell.number_reflns_all 
_refine_ls_shell.number_reflns_obs 
_refine_ls_shell.number_reflns_R_free 
_refine_ls_shell.number_reflns_R_work 
_refine_ls_shell.percent_reflns_obs 
_refine_ls_shell.percent_reflns_R_free 
_refine_ls_shell.R_factor_all 
_refine_ls_shell.R_factor_obs 
_refine_ls_shell.R_factor_R_free 
_refine_ls_shell.R_factor_R_free_error 
_refine_ls_shell.R_factor_R_work 
_refine_ls_shell.redundancy_reflns_all 
_refine_ls_shell.redundancy_reflns_obs 
_refine_ls_shell.wR_factor_all 
_refine_ls_shell.wR_factor_obs 
_refine_ls_shell.wR_factor_R_free 
_refine_ls_shell.wR_factor_R_work 
_refine_ls_shell.pdbx_R_complete 
_refine_ls_shell.pdbx_total_number_of_bins_used 
_refine_ls_shell.pdbx_phase_error 
_refine_ls_shell.pdbx_fsc_work 
_refine_ls_shell.pdbx_fsc_free 
'X-RAY DIFFRACTION' 1.83 1.92  . . 146 2670 95.91  . . . 0.4581 . 0.3830 . . . . . . . . . . . 
'X-RAY DIFFRACTION' 1.92 2.04  . . 145 2780 99.69  . . . 0.3222 . 0.3123 . . . . . . . . . . . 
'X-RAY DIFFRACTION' 2.04 2.20  . . 136 2832 99.90  . . . 0.3351 . 0.2896 . . . . . . . . . . . 
'X-RAY DIFFRACTION' 2.20 2.42  . . 138 2827 99.93  . . . 0.2916 . 0.2630 . . . . . . . . . . . 
'X-RAY DIFFRACTION' 2.42 2.77  . . 143 2862 100.00 . . . 0.2875 . 0.2677 . . . . . . . . . . . 
'X-RAY DIFFRACTION' 2.77 3.49  . . 145 2894 100.00 . . . 0.2582 . 0.2457 . . . . . . . . . . . 
'X-RAY DIFFRACTION' 3.49 48.36 . . 145 2966 97.13  . . . 0.2365 . 0.2134 . . . . . . . . . . . 
# 
_struct.entry_id                     6WI5 
_struct.title                        'De novo designed protein Foldit4' 
_struct.pdbx_model_details           ? 
_struct.pdbx_formula_weight          ? 
_struct.pdbx_formula_weight_method   ? 
_struct.pdbx_model_type_details      ? 
_struct.pdbx_CASP_flag               N 
# 
_struct_keywords.entry_id        6WI5 
_struct_keywords.text            'Foldit, de novo design, DE NOVO PROTEIN' 
_struct_keywords.pdbx_keywords   'DE NOVO PROTEIN' 
# 
loop_
_struct_asym.id 
_struct_asym.pdbx_blank_PDB_chainid_flag 
_struct_asym.pdbx_modified 
_struct_asym.entity_id 
_struct_asym.details 
A N N 1 ? 
B N N 1 ? 
C N N 2 ? 
D N N 2 ? 
# 
_struct_ref.id                         1 
_struct_ref.db_name                    PDB 
_struct_ref.db_code                    6WI5 
_struct_ref.pdbx_db_accession          6WI5 
_struct_ref.pdbx_db_isoform            ? 
_struct_ref.entity_id                  1 
_struct_ref.pdbx_seq_one_letter_code   ? 
_struct_ref.pdbx_align_begin           1 
# 
loop_
_struct_ref_seq.align_id 
_struct_ref_seq.ref_id 
_struct_ref_seq.pdbx_PDB_id_code 
_struct_ref_seq.pdbx_strand_id 
_struct_ref_seq.seq_align_beg 
_struct_ref_seq.pdbx_seq_align_beg_ins_code 
_struct_ref_seq.seq_align_end 
_struct_ref_seq.pdbx_seq_align_end_ins_code 
_struct_ref_seq.pdbx_db_accession 
_struct_ref_seq.db_align_beg 
_struct_ref_seq.pdbx_db_align_beg_ins_code 
_struct_ref_seq.db_align_end 
_struct_ref_seq.pdbx_db_align_end_ins_code 
_struct_ref_seq.pdbx_auth_seq_align_beg 
_struct_ref_seq.pdbx_auth_seq_align_end 
1 1 6WI5 A 1 ? 90 ? 6WI5 1 ? 90 ? 1 90 
2 1 6WI5 B 1 ? 90 ? 6WI5 1 ? 90 ? 1 90 
# 
loop_
_pdbx_struct_assembly.id 
_pdbx_struct_assembly.details 
_pdbx_struct_assembly.method_details 
_pdbx_struct_assembly.oligomeric_details 
_pdbx_struct_assembly.oligomeric_count 
1 author_and_software_defined_assembly PISA monomeric 1 
2 author_and_software_defined_assembly PISA monomeric 1 
# 
loop_
_pdbx_struct_assembly_gen.assembly_id 
_pdbx_struct_assembly_gen.oper_expression 
_pdbx_struct_assembly_gen.asym_id_list 
1 1 A,C 
2 1 B,D 
# 
_pdbx_struct_assembly_auth_evidence.id                     1 
_pdbx_struct_assembly_auth_evidence.assembly_id            1 
_pdbx_struct_assembly_auth_evidence.experimental_support   none 
_pdbx_struct_assembly_auth_evidence.details                ? 
# 
_pdbx_struct_oper_list.id                   1 
_pdbx_struct_oper_list.type                 'identity operation' 
_pdbx_struct_oper_list.name                 1_555 
_pdbx_struct_oper_list.symmetry_operation   x,y,z 
_pdbx_struct_oper_list.matrix[1][1]         1.0000000000 
_pdbx_struct_oper_list.matrix[1][2]         0.0000000000 
_pdbx_struct_oper_list.matrix[1][3]         0.0000000000 
_pdbx_struct_oper_list.vector[1]            0.0000000000 
_pdbx_struct_oper_list.matrix[2][1]         0.0000000000 
_pdbx_struct_oper_list.matrix[2][2]         1.0000000000 
_pdbx_struct_oper_list.matrix[2][3]         0.0000000000 
_pdbx_struct_oper_list.vector[2]            0.0000000000 
_pdbx_struct_oper_list.matrix[3][1]         0.0000000000 
_pdbx_struct_oper_list.matrix[3][2]         0.0000000000 
_pdbx_struct_oper_list.matrix[3][3]         1.0000000000 
_pdbx_struct_oper_list.vector[3]            0.0000000000 
# 
loop_
_struct_conf.conf_type_id 
_struct_conf.id 
_struct_conf.pdbx_PDB_helix_id 
_struct_conf.beg_label_comp_id 
_struct_conf.beg_label_asym_id 
_struct_conf.beg_label_seq_id 
_struct_conf.pdbx_beg_PDB_ins_code 
_struct_conf.end_label_comp_id 
_struct_conf.end_label_asym_id 
_struct_conf.end_label_seq_id 
_struct_conf.pdbx_end_PDB_ins_code 
_struct_conf.beg_auth_comp_id 
_struct_conf.beg_auth_asym_id 
_struct_conf.beg_auth_seq_id 
_struct_conf.end_auth_comp_id 
_struct_conf.end_auth_asym_id 
_struct_conf.end_auth_seq_id 
_struct_conf.pdbx_PDB_helix_class 
_struct_conf.details 
_struct_conf.pdbx_PDB_helix_length 
HELX_P HELX_P1 AA1 ARG A 13 ? GLU A 15 ? ARG A 13 GLU A 15 5 ? 3  
HELX_P HELX_P2 AA2 LYS A 16 ? SER A 32 ? LYS A 16 SER A 32 1 ? 17 
HELX_P HELX_P3 AA3 ASP A 58 ? ASP A 77 ? ASP A 58 ASP A 77 1 ? 20 
HELX_P HELX_P4 AA4 ARG B 13 ? GLU B 15 ? ARG B 13 GLU B 15 5 ? 3  
HELX_P HELX_P5 AA5 LYS B 16 ? GLU B 31 ? LYS B 16 GLU B 31 1 ? 16 
HELX_P HELX_P6 AA6 ASP B 58 ? ASP B 77 ? ASP B 58 ASP B 77 1 ? 20 
# 
_struct_conf_type.id          HELX_P 
_struct_conf_type.criteria    ? 
_struct_conf_type.reference   ? 
# 
loop_
_struct_sheet.id 
_struct_sheet.type 
_struct_sheet.number_strands 
_struct_sheet.details 
AA1 ? 4 ? 
AA2 ? 4 ? 
# 
loop_
_struct_sheet_order.sheet_id 
_struct_sheet_order.range_id_1 
_struct_sheet_order.range_id_2 
_struct_sheet_order.offset 
_struct_sheet_order.sense 
AA1 1 2 ? anti-parallel 
AA1 2 3 ? anti-parallel 
AA1 3 4 ? anti-parallel 
AA2 1 2 ? anti-parallel 
AA2 2 3 ? anti-parallel 
AA2 3 4 ? anti-parallel 
# 
loop_
_struct_sheet_range.sheet_id 
_struct_sheet_range.id 
_struct_sheet_range.beg_label_comp_id 
_struct_sheet_range.beg_label_asym_id 
_struct_sheet_range.beg_label_seq_id 
_struct_sheet_range.pdbx_beg_PDB_ins_code 
_struct_sheet_range.end_label_comp_id 
_struct_sheet_range.end_label_asym_id 
_struct_sheet_range.end_label_seq_id 
_struct_sheet_range.pdbx_end_PDB_ins_code 
_struct_sheet_range.beg_auth_comp_id 
_struct_sheet_range.beg_auth_asym_id 
_struct_sheet_range.beg_auth_seq_id 
_struct_sheet_range.end_auth_comp_id 
_struct_sheet_range.end_auth_asym_id 
_struct_sheet_range.end_auth_seq_id 
AA1 1 GLU A 36 ? ARG A 44 ? GLU A 36 ARG A 44 
AA1 2 GLU A 47 ? HIS A 56 ? GLU A 47 HIS A 56 
AA1 3 VAL A 3  ? VAL A 11 ? VAL A 3  VAL A 11 
AA1 4 GLU A 81 ? THR A 87 ? GLU A 81 THR A 87 
AA2 1 GLU B 36 ? LYS B 43 ? GLU B 36 LYS B 43 
AA2 2 VAL B 48 ? HIS B 56 ? VAL B 48 HIS B 56 
AA2 3 VAL B 3  ? VAL B 11 ? VAL B 3  VAL B 11 
AA2 4 GLU B 81 ? THR B 87 ? GLU B 81 THR B 87 
# 
loop_
_pdbx_struct_sheet_hbond.sheet_id 
_pdbx_struct_sheet_hbond.range_id_1 
_pdbx_struct_sheet_hbond.range_id_2 
_pdbx_struct_sheet_hbond.range_1_label_atom_id 
_pdbx_struct_sheet_hbond.range_1_label_comp_id 
_pdbx_struct_sheet_hbond.range_1_label_asym_id 
_pdbx_struct_sheet_hbond.range_1_label_seq_id 
_pdbx_struct_sheet_hbond.range_1_PDB_ins_code 
_pdbx_struct_sheet_hbond.range_1_auth_atom_id 
_pdbx_struct_sheet_hbond.range_1_auth_comp_id 
_pdbx_struct_sheet_hbond.range_1_auth_asym_id 
_pdbx_struct_sheet_hbond.range_1_auth_seq_id 
_pdbx_struct_sheet_hbond.range_2_label_atom_id 
_pdbx_struct_sheet_hbond.range_2_label_comp_id 
_pdbx_struct_sheet_hbond.range_2_label_asym_id 
_pdbx_struct_sheet_hbond.range_2_label_seq_id 
_pdbx_struct_sheet_hbond.range_2_PDB_ins_code 
_pdbx_struct_sheet_hbond.range_2_auth_atom_id 
_pdbx_struct_sheet_hbond.range_2_auth_comp_id 
_pdbx_struct_sheet_hbond.range_2_auth_asym_id 
_pdbx_struct_sheet_hbond.range_2_auth_seq_id 
AA1 1 2 N GLU A 40 ? N GLU A 40 O HIS A 51 ? O HIS A 51 
AA1 2 3 O HIS A 56 ? O HIS A 56 N VAL A 3  ? N VAL A 3  
AA1 3 4 N VAL A 4  ? N VAL A 4  O THR A 87 ? O THR A 87 
AA2 1 2 N GLU B 40 ? N GLU B 40 O HIS B 51 ? O HIS B 51 
AA2 2 3 O ILE B 54 ? O ILE B 54 N VAL B 5  ? N VAL B 5  
AA2 3 4 N VAL B 4  ? N VAL B 4  O THR B 87 ? O THR B 87 
# 
loop_
_pdbx_validate_torsion.id 
_pdbx_validate_torsion.PDB_model_num 
_pdbx_validate_torsion.auth_comp_id 
_pdbx_validate_torsion.auth_asym_id 
_pdbx_validate_torsion.auth_seq_id 
_pdbx_validate_torsion.PDB_ins_code 
_pdbx_validate_torsion.label_alt_id 
_pdbx_validate_torsion.phi 
_pdbx_validate_torsion.psi 
1 1 GLU B 31 ? ? -92.64  57.10  
2 1 SER B 32 ? ? 64.00   167.74 
3 1 ARG B 44 ? ? -111.37 63.62  
4 1 ASN B 45 ? ? 58.74   87.75  
5 1 ASP B 77 ? ? -161.98 112.76 
# 
loop_
_space_group_symop.id 
_space_group_symop.operation_xyz 
1  x,y,z                
2  -y+1/2,x,z+3/4       
3  y+1/2,-x,z+3/4       
4  x+1/2,-y,-z+3/4      
5  -x+1/2,y,-z+3/4      
6  -x,-y,z              
7  y,x,-z               
8  -y,-x,-z             
9  x+1/2,y+1/2,z+1/2    
10 -y+1,x+1/2,z+5/4     
11 y+1,-x+1/2,z+5/4     
12 x+1,-y+1/2,-z+5/4    
13 -x+1,y+1/2,-z+5/4    
14 -x+1/2,-y+1/2,z+1/2  
15 y+1/2,x+1/2,-z+1/2   
16 -y+1/2,-x+1/2,-z+1/2 
# 
loop_
_chem_comp_atom.comp_id 
_chem_comp_atom.atom_id 
_chem_comp_atom.type_symbol 
_chem_comp_atom.pdbx_aromatic_flag 
_chem_comp_atom.pdbx_stereo_config 
_chem_comp_atom.pdbx_ordinal 
ARG N    N N N 1   
ARG CA   C N S 2   
ARG C    C N N 3   
ARG O    O N N 4   
ARG CB   C N N 5   
ARG CG   C N N 6   
ARG CD   C N N 7   
ARG NE   N N N 8   
ARG CZ   C N N 9   
ARG NH1  N N N 10  
ARG NH2  N N N 11  
ARG OXT  O N N 12  
ARG H    H N N 13  
ARG H2   H N N 14  
ARG HA   H N N 15  
ARG HB2  H N N 16  
ARG HB3  H N N 17  
ARG HG2  H N N 18  
ARG HG3  H N N 19  
ARG HD2  H N N 20  
ARG HD3  H N N 21  
ARG HE   H N N 22  
ARG HH11 H N N 23  
ARG HH12 H N N 24  
ARG HH21 H N N 25  
ARG HH22 H N N 26  
ARG HXT  H N N 27  
ASN N    N N N 28  
ASN CA   C N S 29  
ASN C    C N N 30  
ASN O    O N N 31  
ASN CB   C N N 32  
ASN CG   C N N 33  
ASN OD1  O N N 34  
ASN ND2  N N N 35  
ASN OXT  O N N 36  
ASN H    H N N 37  
ASN H2   H N N 38  
ASN HA   H N N 39  
ASN HB2  H N N 40  
ASN HB3  H N N 41  
ASN HD21 H N N 42  
ASN HD22 H N N 43  
ASN HXT  H N N 44  
ASP N    N N N 45  
ASP CA   C N S 46  
ASP C    C N N 47  
ASP O    O N N 48  
ASP CB   C N N 49  
ASP CG   C N N 50  
ASP OD1  O N N 51  
ASP OD2  O N N 52  
ASP OXT  O N N 53  
ASP H    H N N 54  
ASP H2   H N N 55  
ASP HA   H N N 56  
ASP HB2  H N N 57  
ASP HB3  H N N 58  
ASP HD2  H N N 59  
ASP HXT  H N N 60  
GLN N    N N N 61  
GLN CA   C N S 62  
GLN C    C N N 63  
GLN O    O N N 64  
GLN CB   C N N 65  
GLN CG   C N N 66  
GLN CD   C N N 67  
GLN OE1  O N N 68  
GLN NE2  N N N 69  
GLN OXT  O N N 70  
GLN H    H N N 71  
GLN H2   H N N 72  
GLN HA   H N N 73  
GLN HB2  H N N 74  
GLN HB3  H N N 75  
GLN HG2  H N N 76  
GLN HG3  H N N 77  
GLN HE21 H N N 78  
GLN HE22 H N N 79  
GLN HXT  H N N 80  
GLU N    N N N 81  
GLU CA   C N S 82  
GLU C    C N N 83  
GLU O    O N N 84  
GLU CB   C N N 85  
GLU CG   C N N 86  
GLU CD   C N N 87  
GLU OE1  O N N 88  
GLU OE2  O N N 89  
GLU OXT  O N N 90  
GLU H    H N N 91  
GLU H2   H N N 92  
GLU HA   H N N 93  
GLU HB2  H N N 94  
GLU HB3  H N N 95  
GLU HG2  H N N 96  
GLU HG3  H N N 97  
GLU HE2  H N N 98  
GLU HXT  H N N 99  
GLY N    N N N 100 
GLY CA   C N N 101 
GLY C    C N N 102 
GLY O    O N N 103 
GLY OXT  O N N 104 
GLY H    H N N 105 
GLY H2   H N N 106 
GLY HA2  H N N 107 
GLY HA3  H N N 108 
GLY HXT  H N N 109 
HIS N    N N N 110 
HIS CA   C N S 111 
HIS C    C N N 112 
HIS O    O N N 113 
HIS CB   C N N 114 
HIS CG   C Y N 115 
HIS ND1  N Y N 116 
HIS CD2  C Y N 117 
HIS CE1  C Y N 118 
HIS NE2  N Y N 119 
HIS OXT  O N N 120 
HIS H    H N N 121 
HIS H2   H N N 122 
HIS HA   H N N 123 
HIS HB2  H N N 124 
HIS HB3  H N N 125 
HIS HD1  H N N 126 
HIS HD2  H N N 127 
HIS HE1  H N N 128 
HIS HE2  H N N 129 
HIS HXT  H N N 130 
HOH O    O N N 131 
HOH H1   H N N 132 
HOH H2   H N N 133 
ILE N    N N N 134 
ILE CA   C N S 135 
ILE C    C N N 136 
ILE O    O N N 137 
ILE CB   C N S 138 
ILE CG1  C N N 139 
ILE CG2  C N N 140 
ILE CD1  C N N 141 
ILE OXT  O N N 142 
ILE H    H N N 143 
ILE H2   H N N 144 
ILE HA   H N N 145 
ILE HB   H N N 146 
ILE HG12 H N N 147 
ILE HG13 H N N 148 
ILE HG21 H N N 149 
ILE HG22 H N N 150 
ILE HG23 H N N 151 
ILE HD11 H N N 152 
ILE HD12 H N N 153 
ILE HD13 H N N 154 
ILE HXT  H N N 155 
LEU N    N N N 156 
LEU CA   C N S 157 
LEU C    C N N 158 
LEU O    O N N 159 
LEU CB   C N N 160 
LEU CG   C N N 161 
LEU CD1  C N N 162 
LEU CD2  C N N 163 
LEU OXT  O N N 164 
LEU H    H N N 165 
LEU H2   H N N 166 
LEU HA   H N N 167 
LEU HB2  H N N 168 
LEU HB3  H N N 169 
LEU HG   H N N 170 
LEU HD11 H N N 171 
LEU HD12 H N N 172 
LEU HD13 H N N 173 
LEU HD21 H N N 174 
LEU HD22 H N N 175 
LEU HD23 H N N 176 
LEU HXT  H N N 177 
LYS N    N N N 178 
LYS CA   C N S 179 
LYS C    C N N 180 
LYS O    O N N 181 
LYS CB   C N N 182 
LYS CG   C N N 183 
LYS CD   C N N 184 
LYS CE   C N N 185 
LYS NZ   N N N 186 
LYS OXT  O N N 187 
LYS H    H N N 188 
LYS H2   H N N 189 
LYS HA   H N N 190 
LYS HB2  H N N 191 
LYS HB3  H N N 192 
LYS HG2  H N N 193 
LYS HG3  H N N 194 
LYS HD2  H N N 195 
LYS HD3  H N N 196 
LYS HE2  H N N 197 
LYS HE3  H N N 198 
LYS HZ1  H N N 199 
LYS HZ2  H N N 200 
LYS HZ3  H N N 201 
LYS HXT  H N N 202 
SER N    N N N 203 
SER CA   C N S 204 
SER C    C N N 205 
SER O    O N N 206 
SER CB   C N N 207 
SER OG   O N N 208 
SER OXT  O N N 209 
SER H    H N N 210 
SER H2   H N N 211 
SER HA   H N N 212 
SER HB2  H N N 213 
SER HB3  H N N 214 
SER HG   H N N 215 
SER HXT  H N N 216 
THR N    N N N 217 
THR CA   C N S 218 
THR C    C N N 219 
THR O    O N N 220 
THR CB   C N R 221 
THR OG1  O N N 222 
THR CG2  C N N 223 
THR OXT  O N N 224 
THR H    H N N 225 
THR H2   H N N 226 
THR HA   H N N 227 
THR HB   H N N 228 
THR HG1  H N N 229 
THR HG21 H N N 230 
THR HG22 H N N 231 
THR HG23 H N N 232 
THR HXT  H N N 233 
VAL N    N N N 234 
VAL CA   C N S 235 
VAL C    C N N 236 
VAL O    O N N 237 
VAL CB   C N N 238 
VAL CG1  C N N 239 
VAL CG2  C N N 240 
VAL OXT  O N N 241 
VAL H    H N N 242 
VAL H2   H N N 243 
VAL HA   H N N 244 
VAL HB   H N N 245 
VAL HG11 H N N 246 
VAL HG12 H N N 247 
VAL HG13 H N N 248 
VAL HG21 H N N 249 
VAL HG22 H N N 250 
VAL HG23 H N N 251 
VAL HXT  H N N 252 
# 
loop_
_chem_comp_bond.comp_id 
_chem_comp_bond.atom_id_1 
_chem_comp_bond.atom_id_2 
_chem_comp_bond.value_order 
_chem_comp_bond.pdbx_aromatic_flag 
_chem_comp_bond.pdbx_stereo_config 
_chem_comp_bond.pdbx_ordinal 
ARG N   CA   sing N N 1   
ARG N   H    sing N N 2   
ARG N   H2   sing N N 3   
ARG CA  C    sing N N 4   
ARG CA  CB   sing N N 5   
ARG CA  HA   sing N N 6   
ARG C   O    doub N N 7   
ARG C   OXT  sing N N 8   
ARG CB  CG   sing N N 9   
ARG CB  HB2  sing N N 10  
ARG CB  HB3  sing N N 11  
ARG CG  CD   sing N N 12  
ARG CG  HG2  sing N N 13  
ARG CG  HG3  sing N N 14  
ARG CD  NE   sing N N 15  
ARG CD  HD2  sing N N 16  
ARG CD  HD3  sing N N 17  
ARG NE  CZ   sing N N 18  
ARG NE  HE   sing N N 19  
ARG CZ  NH1  sing N N 20  
ARG CZ  NH2  doub N N 21  
ARG NH1 HH11 sing N N 22  
ARG NH1 HH12 sing N N 23  
ARG NH2 HH21 sing N N 24  
ARG NH2 HH22 sing N N 25  
ARG OXT HXT  sing N N 26  
ASN N   CA   sing N N 27  
ASN N   H    sing N N 28  
ASN N   H2   sing N N 29  
ASN CA  C    sing N N 30  
ASN CA  CB   sing N N 31  
ASN CA  HA   sing N N 32  
ASN C   O    doub N N 33  
ASN C   OXT  sing N N 34  
ASN CB  CG   sing N N 35  
ASN CB  HB2  sing N N 36  
ASN CB  HB3  sing N N 37  
ASN CG  OD1  doub N N 38  
ASN CG  ND2  sing N N 39  
ASN ND2 HD21 sing N N 40  
ASN ND2 HD22 sing N N 41  
ASN OXT HXT  sing N N 42  
ASP N   CA   sing N N 43  
ASP N   H    sing N N 44  
ASP N   H2   sing N N 45  
ASP CA  C    sing N N 46  
ASP CA  CB   sing N N 47  
ASP CA  HA   sing N N 48  
ASP C   O    doub N N 49  
ASP C   OXT  sing N N 50  
ASP CB  CG   sing N N 51  
ASP CB  HB2  sing N N 52  
ASP CB  HB3  sing N N 53  
ASP CG  OD1  doub N N 54  
ASP CG  OD2  sing N N 55  
ASP OD2 HD2  sing N N 56  
ASP OXT HXT  sing N N 57  
GLN N   CA   sing N N 58  
GLN N   H    sing N N 59  
GLN N   H2   sing N N 60  
GLN CA  C    sing N N 61  
GLN CA  CB   sing N N 62  
GLN CA  HA   sing N N 63  
GLN C   O    doub N N 64  
GLN C   OXT  sing N N 65  
GLN CB  CG   sing N N 66  
GLN CB  HB2  sing N N 67  
GLN CB  HB3  sing N N 68  
GLN CG  CD   sing N N 69  
GLN CG  HG2  sing N N 70  
GLN CG  HG3  sing N N 71  
GLN CD  OE1  doub N N 72  
GLN CD  NE2  sing N N 73  
GLN NE2 HE21 sing N N 74  
GLN NE2 HE22 sing N N 75  
GLN OXT HXT  sing N N 76  
GLU N   CA   sing N N 77  
GLU N   H    sing N N 78  
GLU N   H2   sing N N 79  
GLU CA  C    sing N N 80  
GLU CA  CB   sing N N 81  
GLU CA  HA   sing N N 82  
GLU C   O    doub N N 83  
GLU C   OXT  sing N N 84  
GLU CB  CG   sing N N 85  
GLU CB  HB2  sing N N 86  
GLU CB  HB3  sing N N 87  
GLU CG  CD   sing N N 88  
GLU CG  HG2  sing N N 89  
GLU CG  HG3  sing N N 90  
GLU CD  OE1  doub N N 91  
GLU CD  OE2  sing N N 92  
GLU OE2 HE2  sing N N 93  
GLU OXT HXT  sing N N 94  
GLY N   CA   sing N N 95  
GLY N   H    sing N N 96  
GLY N   H2   sing N N 97  
GLY CA  C    sing N N 98  
GLY CA  HA2  sing N N 99  
GLY CA  HA3  sing N N 100 
GLY C   O    doub N N 101 
GLY C   OXT  sing N N 102 
GLY OXT HXT  sing N N 103 
HIS N   CA   sing N N 104 
HIS N   H    sing N N 105 
HIS N   H2   sing N N 106 
HIS CA  C    sing N N 107 
HIS CA  CB   sing N N 108 
HIS CA  HA   sing N N 109 
HIS C   O    doub N N 110 
HIS C   OXT  sing N N 111 
HIS CB  CG   sing N N 112 
HIS CB  HB2  sing N N 113 
HIS CB  HB3  sing N N 114 
HIS CG  ND1  sing Y N 115 
HIS CG  CD2  doub Y N 116 
HIS ND1 CE1  doub Y N 117 
HIS ND1 HD1  sing N N 118 
HIS CD2 NE2  sing Y N 119 
HIS CD2 HD2  sing N N 120 
HIS CE1 NE2  sing Y N 121 
HIS CE1 HE1  sing N N 122 
HIS NE2 HE2  sing N N 123 
HIS OXT HXT  sing N N 124 
HOH O   H1   sing N N 125 
HOH O   H2   sing N N 126 
ILE N   CA   sing N N 127 
ILE N   H    sing N N 128 
ILE N   H2   sing N N 129 
ILE CA  C    sing N N 130 
ILE CA  CB   sing N N 131 
ILE CA  HA   sing N N 132 
ILE C   O    doub N N 133 
ILE C   OXT  sing N N 134 
ILE CB  CG1  sing N N 135 
ILE CB  CG2  sing N N 136 
ILE CB  HB   sing N N 137 
ILE CG1 CD1  sing N N 138 
ILE CG1 HG12 sing N N 139 
ILE CG1 HG13 sing N N 140 
ILE CG2 HG21 sing N N 141 
ILE CG2 HG22 sing N N 142 
ILE CG2 HG23 sing N N 143 
ILE CD1 HD11 sing N N 144 
ILE CD1 HD12 sing N N 145 
ILE CD1 HD13 sing N N 146 
ILE OXT HXT  sing N N 147 
LEU N   CA   sing N N 148 
LEU N   H    sing N N 149 
LEU N   H2   sing N N 150 
LEU CA  C    sing N N 151 
LEU CA  CB   sing N N 152 
LEU CA  HA   sing N N 153 
LEU C   O    doub N N 154 
LEU C   OXT  sing N N 155 
LEU CB  CG   sing N N 156 
LEU CB  HB2  sing N N 157 
LEU CB  HB3  sing N N 158 
LEU CG  CD1  sing N N 159 
LEU CG  CD2  sing N N 160 
LEU CG  HG   sing N N 161 
LEU CD1 HD11 sing N N 162 
LEU CD1 HD12 sing N N 163 
LEU CD1 HD13 sing N N 164 
LEU CD2 HD21 sing N N 165 
LEU CD2 HD22 sing N N 166 
LEU CD2 HD23 sing N N 167 
LEU OXT HXT  sing N N 168 
LYS N   CA   sing N N 169 
LYS N   H    sing N N 170 
LYS N   H2   sing N N 171 
LYS CA  C    sing N N 172 
LYS CA  CB   sing N N 173 
LYS CA  HA   sing N N 174 
LYS C   O    doub N N 175 
LYS C   OXT  sing N N 176 
LYS CB  CG   sing N N 177 
LYS CB  HB2  sing N N 178 
LYS CB  HB3  sing N N 179 
LYS CG  CD   sing N N 180 
LYS CG  HG2  sing N N 181 
LYS CG  HG3  sing N N 182 
LYS CD  CE   sing N N 183 
LYS CD  HD2  sing N N 184 
LYS CD  HD3  sing N N 185 
LYS CE  NZ   sing N N 186 
LYS CE  HE2  sing N N 187 
LYS CE  HE3  sing N N 188 
LYS NZ  HZ1  sing N N 189 
LYS NZ  HZ2  sing N N 190 
LYS NZ  HZ3  sing N N 191 
LYS OXT HXT  sing N N 192 
SER N   CA   sing N N 193 
SER N   H    sing N N 194 
SER N   H2   sing N N 195 
SER CA  C    sing N N 196 
SER CA  CB   sing N N 197 
SER CA  HA   sing N N 198 
SER C   O    doub N N 199 
SER C   OXT  sing N N 200 
SER CB  OG   sing N N 201 
SER CB  HB2  sing N N 202 
SER CB  HB3  sing N N 203 
SER OG  HG   sing N N 204 
SER OXT HXT  sing N N 205 
THR N   CA   sing N N 206 
THR N   H    sing N N 207 
THR N   H2   sing N N 208 
THR CA  C    sing N N 209 
THR CA  CB   sing N N 210 
THR CA  HA   sing N N 211 
THR C   O    doub N N 212 
THR C   OXT  sing N N 213 
THR CB  OG1  sing N N 214 
THR CB  CG2  sing N N 215 
THR CB  HB   sing N N 216 
THR OG1 HG1  sing N N 217 
THR CG2 HG21 sing N N 218 
THR CG2 HG22 sing N N 219 
THR CG2 HG23 sing N N 220 
THR OXT HXT  sing N N 221 
VAL N   CA   sing N N 222 
VAL N   H    sing N N 223 
VAL N   H2   sing N N 224 
VAL CA  C    sing N N 225 
VAL CA  CB   sing N N 226 
VAL CA  HA   sing N N 227 
VAL C   O    doub N N 228 
VAL C   OXT  sing N N 229 
VAL CB  CG1  sing N N 230 
VAL CB  CG2  sing N N 231 
VAL CB  HB   sing N N 232 
VAL CG1 HG11 sing N N 233 
VAL CG1 HG12 sing N N 234 
VAL CG1 HG13 sing N N 235 
VAL CG2 HG21 sing N N 236 
VAL CG2 HG22 sing N N 237 
VAL CG2 HG23 sing N N 238 
VAL OXT HXT  sing N N 239 
# 
_pdbx_audit_support.funding_organization   'Howard Hughes Medical Institute (HHMI)' 
_pdbx_audit_support.country                'United States' 
_pdbx_audit_support.grant_number           ? 
_pdbx_audit_support.ordinal                1 
# 
_pdbx_initial_refinement_model.accession_code   ? 
_pdbx_initial_refinement_model.id               1 
_pdbx_initial_refinement_model.entity_id_list   ? 
_pdbx_initial_refinement_model.type             'in silico model' 
_pdbx_initial_refinement_model.source_name      Other 
_pdbx_initial_refinement_model.details          'Designed Model' 
# 
_space_group.name_H-M_alt     'I 41 2 2' 
_space_group.name_Hall        'I 4bw 2bw' 
_space_group.IT_number        98 
_space_group.crystal_system   tetragonal 
_space_group.id               1 
# 
_atom_sites.entry_id                    6WI5 
_atom_sites.Cartn_transf_matrix[1][1]   ? 
_atom_sites.Cartn_transf_matrix[1][2]   ? 
_atom_sites.Cartn_transf_matrix[1][3]   ? 
_atom_sites.Cartn_transf_matrix[2][1]   ? 
_atom_sites.Cartn_transf_matrix[2][2]   ? 
_atom_sites.Cartn_transf_matrix[2][3]   ? 
_atom_sites.Cartn_transf_matrix[3][1]   ? 
_atom_sites.Cartn_transf_matrix[3][2]   ? 
_atom_sites.Cartn_transf_matrix[3][3]   ? 
_atom_sites.Cartn_transf_vector[1]      ? 
_atom_sites.Cartn_transf_vector[2]      ? 
_atom_sites.Cartn_transf_vector[3]      ? 
_atom_sites.fract_transf_matrix[1][1]   -0.00792493 
_atom_sites.fract_transf_matrix[1][2]   0.01199300 
_atom_sites.fract_transf_matrix[1][3]   -0.00610616 
_atom_sites.fract_transf_matrix[2][1]   0.01293836 
_atom_sites.fract_transf_matrix[2][2]   0.00873965 
_atom_sites.fract_transf_matrix[2][3]   0.00037326 
_atom_sites.fract_transf_matrix[3][1]   0.00107090 
_atom_sites.fract_transf_matrix[3][2]   -0.00140792 
_atom_sites.fract_transf_matrix[3][3]   -0.00415514 
_atom_sites.fract_transf_vector[1]      0.392979 
_atom_sites.fract_transf_vector[2]      -0.225665 
_atom_sites.fract_transf_vector[3]      -0.066299 
_atom_sites.solution_primary            ? 
_atom_sites.solution_secondary          ? 
_atom_sites.solution_hydrogens          ? 
_atom_sites.special_details             ? 
# 
loop_
_atom_type.symbol 
_atom_type.scat_dispersion_real 
_atom_type.scat_dispersion_imag 
_atom_type.scat_Cromer_Mann_a1 
_atom_type.scat_Cromer_Mann_a2 
_atom_type.scat_Cromer_Mann_a3 
_atom_type.scat_Cromer_Mann_a4 
_atom_type.scat_Cromer_Mann_b1 
_atom_type.scat_Cromer_Mann_b2 
_atom_type.scat_Cromer_Mann_b3 
_atom_type.scat_Cromer_Mann_b4 
_atom_type.scat_Cromer_Mann_c 
_atom_type.scat_source 
_atom_type.scat_dispersion_source 
C ? ? 3.54356 2.42580 ? ? 25.62398 1.50364 ? ? 0.0 
;2-Gaussian fit: Grosse-Kunstleve RW, Sauter NK, Adams PD: Newsletter of the IUCr Commission on Crystallographic Computing 2004, 3, 22-31.
;
? 
N ? ? 4.01032 2.96436 ? ? 19.97189 1.75589 ? ? 0.0 
;2-Gaussian fit: Grosse-Kunstleve RW, Sauter NK, Adams PD: Newsletter of the IUCr Commission on Crystallographic Computing 2004, 3, 22-31.
;
? 
O ? ? 4.49882 3.47563 ? ? 15.80542 1.70748 ? ? 0.0 
;2-Gaussian fit: Grosse-Kunstleve RW, Sauter NK, Adams PD: Newsletter of the IUCr Commission on Crystallographic Computing 2004, 3, 22-31.
;
? 
# 
loop_
_atom_site.group_PDB 
_atom_site.id 
_atom_site.type_symbol 
_atom_site.label_atom_id 
_atom_site.label_alt_id 
_atom_site.label_comp_id 
_atom_site.label_asym_id 
_atom_site.label_entity_id 
_atom_site.label_seq_id 
_atom_site.pdbx_PDB_ins_code 
_atom_site.Cartn_x 
_atom_site.Cartn_y 
_atom_site.Cartn_z 
_atom_site.occupancy 
_atom_site.B_iso_or_equiv 
_atom_site.pdbx_formal_charge 
_atom_site.auth_seq_id 
_atom_site.auth_comp_id 
_atom_site.auth_asym_id 
_atom_site.auth_atom_id 
_atom_site.pdbx_PDB_model_num 
ATOM   1    N N   . GLU A 1 1  ? 30.72155  3.07462   11.42463  1.000 62.28056  ? 1   GLU A N   1 
ATOM   2    C CA  . GLU A 1 1  ? 30.57044  2.01062   10.43856  1.000 53.93343  ? 1   GLU A CA  1 
ATOM   3    C C   . GLU A 1 1  ? 29.09666  1.71754   10.17282  1.000 35.30289  ? 1   GLU A C   1 
ATOM   4    O O   . GLU A 1 1  ? 28.25888  1.84271   11.06576  1.000 41.72798  ? 1   GLU A O   1 
ATOM   5    C CB  . GLU A 1 1  ? 31.28678  0.74080   10.90551  1.000 55.16721  ? 1   GLU A CB  1 
ATOM   6    C CG  . GLU A 1 1  ? 32.77080  0.92723   11.19723  1.000 56.55021  ? 1   GLU A CG  1 
ATOM   7    C CD  . GLU A 1 1  ? 33.60226  1.14199   9.94409   1.000 68.20686  ? 1   GLU A CD  1 
ATOM   8    O OE1 . GLU A 1 1  ? 33.08452  0.91547   8.82962   1.000 68.31251  ? 1   GLU A OE1 1 
ATOM   9    O OE2 . GLU A 1 1  ? 34.78031  1.53583   10.07551  1.000 78.14455  ? 1   GLU A OE2 1 
ATOM   10   N N   . GLU A 1 2  ? 28.78564  1.32518   8.94159   1.000 35.01729  ? 2   GLU A N   1 
ATOM   11   C CA  . GLU A 1 2  ? 27.41351  1.04312   8.55167   1.000 30.60547  ? 2   GLU A CA  1 
ATOM   12   C C   . GLU A 1 2  ? 27.03742  -0.38924  8.91078   1.000 34.59003  ? 2   GLU A C   1 
ATOM   13   O O   . GLU A 1 2  ? 27.88804  -1.28094  8.97594   1.000 27.72611  ? 2   GLU A O   1 
ATOM   14   C CB  . GLU A 1 2  ? 27.21373  1.27093   7.05113   1.000 35.40178  ? 2   GLU A CB  1 
ATOM   15   C CG  . GLU A 1 2  ? 27.88919  0.23785   6.16131   1.000 44.99314  ? 2   GLU A CG  1 
ATOM   16   C CD  . GLU A 1 2  ? 27.49924  0.37868   4.70076   1.000 59.41627  ? 2   GLU A CD  1 
ATOM   17   O OE1 . GLU A 1 2  ? 26.85478  1.38955   4.34952   1.000 56.55723  ? 2   GLU A OE1 1 
ATOM   18   O OE2 . GLU A 1 2  ? 27.83340  -0.52437  3.90442   1.000 60.87245  ? 2   GLU A OE2 1 
ATOM   19   N N   . VAL A 1 3  ? 25.74569  -0.59908  9.14828   1.000 24.10340  ? 3   VAL A N   1 
ATOM   20   C CA  . VAL A 1 3  ? 25.18723  -1.91850  9.41965   1.000 21.63743  ? 3   VAL A CA  1 
ATOM   21   C C   . VAL A 1 3  ? 24.34381  -2.32849  8.22204   1.000 26.32382  ? 3   VAL A C   1 
ATOM   22   O O   . VAL A 1 3  ? 23.54424  -1.53120  7.71714   1.000 24.80381  ? 3   VAL A O   1 
ATOM   23   C CB  . VAL A 1 3  ? 24.34769  -1.92527  10.70923  1.000 25.50477  ? 3   VAL A CB  1 
ATOM   24   C CG1 . VAL A 1 3  ? 23.82854  -3.32688  10.99693  1.000 26.42337  ? 3   VAL A CG1 1 
ATOM   25   C CG2 . VAL A 1 3  ? 25.16415  -1.40140  11.87921  1.000 32.86402  ? 3   VAL A CG2 1 
ATOM   26   N N   . VAL A 1 4  ? 24.52426  -3.56504  7.76527   1.000 17.40475  ? 4   VAL A N   1 
ATOM   27   C CA  . VAL A 1 4  ? 23.74804  -4.12553  6.66617   1.000 18.33175  ? 4   VAL A CA  1 
ATOM   28   C C   . VAL A 1 4  ? 22.97764  -5.32571  7.19367   1.000 25.85634  ? 4   VAL A C   1 
ATOM   29   O O   . VAL A 1 4  ? 23.56619  -6.22922  7.79796   1.000 21.49656  ? 4   VAL A O   1 
ATOM   30   C CB  . VAL A 1 4  ? 24.64150  -4.53186  5.48002   1.000 25.65499  ? 4   VAL A CB  1 
ATOM   31   C CG1 . VAL A 1 4  ? 23.79759  -5.12756  4.36266   1.000 26.04528  ? 4   VAL A CG1 1 
ATOM   32   C CG2 . VAL A 1 4  ? 25.43702  -3.33851  4.97749   1.000 38.08942  ? 4   VAL A CG2 1 
ATOM   33   N N   . VAL A 1 5  ? 21.66642  -5.33327  6.96877   1.000 19.47206  ? 5   VAL A N   1 
ATOM   34   C CA  . VAL A 1 5  ? 20.80255  -6.43573  7.37188   1.000 19.62478  ? 5   VAL A CA  1 
ATOM   35   C C   . VAL A 1 5  ? 20.09555  -6.96659  6.13582   1.000 23.89318  ? 5   VAL A C   1 
ATOM   36   O O   . VAL A 1 5  ? 19.52531  -6.19138  5.35924   1.000 25.04562  ? 5   VAL A O   1 
ATOM   37   C CB  . VAL A 1 5  ? 19.78176  -6.00596  8.44027   1.000 27.69185  ? 5   VAL A CB  1 
ATOM   38   C CG1 . VAL A 1 5  ? 18.81981  -7.14803  8.74163   1.000 27.38861  ? 5   VAL A CG1 1 
ATOM   39   C CG2 . VAL A 1 5  ? 20.49852  -5.57583  9.69711   1.000 21.53309  ? 5   VAL A CG2 1 
ATOM   40   N N   . GLU A 1 6  ? 20.13801  -8.28249  5.95431   1.000 19.27759  ? 6   GLU A N   1 
ATOM   41   C CA  . GLU A 1 6  ? 19.46163  -8.95312  4.85447   1.000 18.60311  ? 6   GLU A CA  1 
ATOM   42   C C   . GLU A 1 6  ? 18.42929  -9.90880  5.43155   1.000 24.24767  ? 6   GLU A C   1 
ATOM   43   O O   . GLU A 1 6  ? 18.76902  -10.78363 6.23413   1.000 24.66862  ? 6   GLU A O   1 
ATOM   44   C CB  . GLU A 1 6  ? 20.46001  -9.70504  3.97327   1.000 23.95625  ? 6   GLU A CB  1 
ATOM   45   C CG  . GLU A 1 6  ? 21.65169  -8.86508  3.55230   1.000 31.47796  ? 6   GLU A CG  1 
ATOM   46   C CD  . GLU A 1 6  ? 22.77896  -9.70142  2.98531   1.000 64.75418  ? 6   GLU A CD  1 
ATOM   47   O OE1 . GLU A 1 6  ? 22.67984  -10.12319 1.81405   1.000 75.54347  ? 6   GLU A OE1 1 
ATOM   48   O OE2 . GLU A 1 6  ? 23.75907  -9.94808  3.71942   1.000 40.74133  ? 6   GLU A OE2 1 
ATOM   49   N N   . ILE A 1 7  ? 17.17435  -9.73198  5.03171   1.000 20.79683  ? 7   ILE A N   1 
ATOM   50   C CA  . ILE A 1 7  ? 16.06189  -10.52443 5.53959   1.000 20.43229  ? 7   ILE A CA  1 
ATOM   51   C C   . ILE A 1 7  ? 15.48973  -11.33488 4.38704   1.000 26.80171  ? 7   ILE A C   1 
ATOM   52   O O   . ILE A 1 7  ? 15.12953  -10.77314 3.34680   1.000 28.16808  ? 7   ILE A O   1 
ATOM   53   C CB  . ILE A 1 7  ? 14.97699  -9.63599  6.17435   1.000 23.07533  ? 7   ILE A CB  1 
ATOM   54   C CG1 . ILE A 1 7  ? 15.59083  -8.71367  7.22726   1.000 28.20079  ? 7   ILE A CG1 1 
ATOM   55   C CG2 . ILE A 1 7  ? 13.88188  -10.49208 6.79239   1.000 21.31874  ? 7   ILE A CG2 1 
ATOM   56   C CD1 . ILE A 1 7  ? 14.59955  -7.75687  7.84517   1.000 31.12411  ? 7   ILE A CD1 1 
ATOM   57   N N   . ARG A 1 8  ? 15.41363  -12.64988 4.56927   1.000 21.88352  ? 8   ARG A N   1 
ATOM   58   C CA  . ARG A 1 8  ? 14.85653  -13.55691 3.57400   1.000 22.93426  ? 8   ARG A CA  1 
ATOM   59   C C   . ARG A 1 8  ? 13.57627  -14.15839 4.13339   1.000 22.35262  ? 8   ARG A C   1 
ATOM   60   O O   . ARG A 1 8  ? 13.59306  -14.76353 5.20970   1.000 26.47180  ? 8   ARG A O   1 
ATOM   61   C CB  . ARG A 1 8  ? 15.85218  -14.65793 3.21143   1.000 32.45742  ? 8   ARG A CB  1 
ATOM   62   C CG  . ARG A 1 8  ? 15.34884  -15.61780 2.14420   1.000 33.38251  ? 8   ARG A CG  1 
ATOM   63   C CD  . ARG A 1 8  ? 16.29340  -16.79572 1.97872   1.000 46.75659  ? 8   ARG A CD  1 
ATOM   64   N NE  . ARG A 1 8  ? 16.34953  -17.61849 3.18346   1.000 57.49174  ? 8   ARG A NE  1 
ATOM   65   C CZ  . ARG A 1 8  ? 17.17455  -18.64720 3.34763   1.000 64.99877  ? 8   ARG A CZ  1 
ATOM   66   N NH1 . ARG A 1 8  ? 18.02050  -18.98087 2.38274   1.000 56.42633  ? 8   ARG A NH1 1 
ATOM   67   N NH2 . ARG A 1 8  ? 17.15600  -19.34141 4.47743   1.000 61.99204  ? 8   ARG A NH2 1 
ATOM   68   N N   . ILE A 1 9  ? 12.47588  -13.99534 3.40478   1.000 22.29050  ? 9   ILE A N   1 
ATOM   69   C CA  . ILE A 1 9  ? 11.16015  -14.43987 3.84778   1.000 20.61982  ? 9   ILE A CA  1 
ATOM   70   C C   . ILE A 1 9  ? 10.63262  -15.44811 2.83819   1.000 28.20625  ? 9   ILE A C   1 
ATOM   71   O O   . ILE A 1 9  ? 10.49738  -15.13162 1.64961   1.000 27.26124  ? 9   ILE A O   1 
ATOM   72   C CB  . ILE A 1 9  ? 10.18502  -13.26273 3.99881   1.000 23.86117  ? 9   ILE A CB  1 
ATOM   73   C CG1 . ILE A 1 9  ? 10.82423  -12.14999 4.82909   1.000 29.49687  ? 9   ILE A CG1 1 
ATOM   74   C CG2 . ILE A 1 9  ? 8.87897   -13.72982 4.62877   1.000 23.68428  ? 9   ILE A CG2 1 
ATOM   75   C CD1 . ILE A 1 9  ? 10.47055  -10.76597 4.35280   1.000 26.25491  ? 9   ILE A CD1 1 
ATOM   76   N N   . ARG A 1 10 ? 10.32963  -16.65438 3.30963   1.000 26.23631  ? 10  ARG A N   1 
ATOM   77   C CA  . ARG A 1 10 ? 9.71254   -17.68166 2.47707   1.000 38.16143  ? 10  ARG A CA  1 
ATOM   78   C C   . ARG A 1 10 ? 8.19862   -17.53362 2.57022   1.000 38.94319  ? 10  ARG A C   1 
ATOM   79   O O   . ARG A 1 10 ? 7.61173   -17.73579 3.63828   1.000 39.23869  ? 10  ARG A O   1 
ATOM   80   C CB  . ARG A 1 10 ? 10.15951  -19.07569 2.90837   1.000 39.68373  ? 10  ARG A CB  1 
ATOM   81   C CG  . ARG A 1 10 ? 11.51535  -19.48603 2.35742   1.000 66.71624  ? 10  ARG A CG  1 
ATOM   82   C CD  . ARG A 1 10 ? 11.88827  -20.89583 2.78733   1.000 82.09295  ? 10  ARG A CD  1 
ATOM   83   N NE  . ARG A 1 10 ? 12.38756  -21.69362 1.67051   1.000 91.22027  ? 10  ARG A NE  1 
ATOM   84   C CZ  . ARG A 1 10 ? 11.63032  -22.50111 0.93450   1.000 95.87285  ? 10  ARG A CZ  1 
ATOM   85   N NH1 . ARG A 1 10 ? 12.16522  -23.19053 -0.06415  1.000 84.21799  ? 10  ARG A NH1 1 
ATOM   86   N NH2 . ARG A 1 10 ? 10.33652  -22.62170 1.19907   1.000 83.19439  ? 10  ARG A NH2 1 
ATOM   87   N N   . VAL A 1 11 ? 7.56904   -17.17696 1.45434   1.000 34.43811  ? 11  VAL A N   1 
ATOM   88   C CA  . VAL A 1 11 ? 6.12870   -16.95675 1.39357   1.000 54.03094  ? 11  VAL A CA  1 
ATOM   89   C C   . VAL A 1 11 ? 5.47115   -18.18771 0.78884   1.000 56.94674  ? 11  VAL A C   1 
ATOM   90   O O   . VAL A 1 11 ? 5.97010   -18.75646 -0.19101  1.000 55.64347  ? 11  VAL A O   1 
ATOM   91   C CB  . VAL A 1 11 ? 5.79426   -15.69042 0.58198   1.000 48.94791  ? 11  VAL A CB  1 
ATOM   92   C CG1 . VAL A 1 11 ? 4.31644   -15.35040 0.70646   1.000 46.87704  ? 11  VAL A CG1 1 
ATOM   93   C CG2 . VAL A 1 11 ? 6.65549   -14.52392 1.04197   1.000 39.51755  ? 11  VAL A CG2 1 
ATOM   94   N N   . GLN A 1 12 ? 4.34632   -18.60241 1.37486   1.000 78.81313  ? 12  GLN A N   1 
ATOM   95   C CA  . GLN A 1 12 ? 3.66600   -19.81042 0.91792   1.000 79.57457  ? 12  GLN A CA  1 
ATOM   96   C C   . GLN A 1 12 ? 3.11860   -19.63465 -0.49382  1.000 67.87514  ? 12  GLN A C   1 
ATOM   97   O O   . GLN A 1 12 ? 3.46627   -20.39096 -1.40818  1.000 74.48838  ? 12  GLN A O   1 
ATOM   98   C CB  . GLN A 1 12 ? 2.54540   -20.17861 1.89264   1.000 79.09315  ? 12  GLN A CB  1 
ATOM   99   N N   . ARG A 1 13 ? 2.26140   -18.63792 -0.69189  1.000 50.74829  ? 13  ARG A N   1 
ATOM   100  C CA  . ARG A 1 13 ? 1.62972   -18.38947 -1.97887  1.000 68.44944  ? 13  ARG A CA  1 
ATOM   101  C C   . ARG A 1 13 ? 1.96199   -16.98373 -2.45896  1.000 48.17014  ? 13  ARG A C   1 
ATOM   102  O O   . ARG A 1 13 ? 2.04335   -16.04537 -1.65973  1.000 46.52280  ? 13  ARG A O   1 
ATOM   103  C CB  . ARG A 1 13 ? 0.11184   -18.58599 -1.88894  1.000 76.81064  ? 13  ARG A CB  1 
ATOM   104  C CG  . ARG A 1 13 ? -0.31434  -20.04744 -1.97062  1.000 84.46501  ? 13  ARG A CG  1 
ATOM   105  C CD  . ARG A 1 13 ? -1.63568  -20.31374 -1.25957  1.000 97.71643  ? 13  ARG A CD  1 
ATOM   106  N NE  . ARG A 1 13 ? -2.70024  -19.40850 -1.68243  1.000 94.08973  ? 13  ARG A NE  1 
ATOM   107  C CZ  . ARG A 1 13 ? -3.16539  -18.40758 -0.94182  1.000 82.10439  ? 13  ARG A CZ  1 
ATOM   108  N NH1 . ARG A 1 13 ? -2.66119  -18.18387 0.26409   1.000 73.83669  ? 13  ARG A NH1 1 
ATOM   109  N NH2 . ARG A 1 13 ? -4.13641  -17.63237 -1.40426  1.000 80.02472  ? 13  ARG A NH2 1 
ATOM   110  N N   . GLU A 1 14 ? 2.15187   -16.84971 -3.77462  1.000 42.81505  ? 14  GLU A N   1 
ATOM   111  C CA  . GLU A 1 14 ? 2.56783   -15.58007 -4.36060  1.000 47.38326  ? 14  GLU A CA  1 
ATOM   112  C C   . GLU A 1 14 ? 1.53748   -14.47622 -4.15430  1.000 49.26604  ? 14  GLU A C   1 
ATOM   113  O O   . GLU A 1 14 ? 1.88973   -13.29355 -4.22614  1.000 48.50668  ? 14  GLU A O   1 
ATOM   114  C CB  . GLU A 1 14 ? 2.84449   -15.77092 -5.85507  1.000 50.97509  ? 14  GLU A CB  1 
ATOM   115  C CG  . GLU A 1 14 ? 3.51124   -14.58729 -6.53992  1.000 70.08144  ? 14  GLU A CG  1 
ATOM   116  C CD  . GLU A 1 14 ? 3.66765   -14.79209 -8.03468  1.000 84.87875  ? 14  GLU A CD  1 
ATOM   117  O OE1 . GLU A 1 14 ? 3.29089   -15.87487 -8.53046  1.000 76.24949  ? 14  GLU A OE1 1 
ATOM   118  O OE2 . GLU A 1 14 ? 4.16581   -13.86998 -8.71433  1.000 99.10801  ? 14  GLU A OE2 1 
ATOM   119  N N   . GLU A 1 15 ? 0.27817   -14.83262 -3.88866  1.000 46.44067  ? 15  GLU A N   1 
ATOM   120  C CA  . GLU A 1 15 ? -0.77001  -13.83083 -3.72949  1.000 57.15741  ? 15  GLU A CA  1 
ATOM   121  C C   . GLU A 1 15 ? -0.55268  -12.93805 -2.51356  1.000 51.96422  ? 15  GLU A C   1 
ATOM   122  O O   . GLU A 1 15 ? -1.08256  -11.82251 -2.48013  1.000 53.86729  ? 15  GLU A O   1 
ATOM   123  C CB  . GLU A 1 15 ? -2.13581  -14.51296 -3.63260  1.000 55.01988  ? 15  GLU A CB  1 
ATOM   124  N N   . LYS A 1 16 ? 0.20827   -13.39461 -1.52165  1.000 48.50623  ? 16  LYS A N   1 
ATOM   125  C CA  . LYS A 1 16 ? 0.44865   -12.62294 -0.30929  1.000 37.13733  ? 16  LYS A CA  1 
ATOM   126  C C   . LYS A 1 16 ? 1.70750   -11.76716 -0.37967  1.000 36.04198  ? 16  LYS A C   1 
ATOM   127  O O   . LYS A 1 16 ? 2.03325   -11.09372 0.60310   1.000 37.38269  ? 16  LYS A O   1 
ATOM   128  C CB  . LYS A 1 16 ? 0.53963   -13.55746 0.90192   1.000 44.76591  ? 16  LYS A CB  1 
ATOM   129  C CG  . LYS A 1 16 ? -0.73484  -14.32865 1.20038   1.000 53.04451  ? 16  LYS A CG  1 
ATOM   130  C CD  . LYS A 1 16 ? -0.61178  -15.10658 2.50256   1.000 71.27286  ? 16  LYS A CD  1 
ATOM   131  C CE  . LYS A 1 16 ? -1.93252  -15.75417 2.88607   1.000 69.71042  ? 16  LYS A CE  1 
ATOM   132  N NZ  . LYS A 1 16 ? -1.85607  -16.43623 4.20742   1.000 64.29074  ? 16  LYS A NZ  1 
ATOM   133  N N   . VAL A 1 17 ? 2.41511   -11.76807 -1.51090  1.000 37.03954  ? 17  VAL A N   1 
ATOM   134  C CA  . VAL A 1 17 ? 3.68628   -11.05413 -1.59434  1.000 34.93177  ? 17  VAL A CA  1 
ATOM   135  C C   . VAL A 1 17 ? 3.46544   -9.54632  -1.58999  1.000 38.04083  ? 17  VAL A C   1 
ATOM   136  O O   . VAL A 1 17 ? 4.21758   -8.79787  -0.95300  1.000 28.43491  ? 17  VAL A O   1 
ATOM   137  C CB  . VAL A 1 17 ? 4.46521   -11.50850 -2.84137  1.000 36.32865  ? 17  VAL A CB  1 
ATOM   138  C CG1 . VAL A 1 17 ? 5.70719   -10.65409 -3.03887  1.000 33.58119  ? 17  VAL A CG1 1 
ATOM   139  C CG2 . VAL A 1 17 ? 4.83477   -12.97464 -2.71990  1.000 38.76589  ? 17  VAL A CG2 1 
ATOM   140  N N   . ARG A 1 18 ? 2.43439   -9.07665  -2.29608  1.000 29.77266  ? 18  ARG A N   1 
ATOM   141  C CA  . ARG A 1 18 ? 2.21401   -7.63950  -2.43332  1.000 30.88997  ? 18  ARG A CA  1 
ATOM   142  C C   . ARG A 1 18 ? 1.96548   -6.98218  -1.08025  1.000 25.05479  ? 18  ARG A C   1 
ATOM   143  O O   . ARG A 1 18 ? 2.54532   -5.93433  -0.77140  1.000 28.10182  ? 18  ARG A O   1 
ATOM   144  C CB  . ARG A 1 18 ? 1.04323   -7.38246  -3.38138  1.000 32.00782  ? 18  ARG A CB  1 
ATOM   145  C CG  . ARG A 1 18 ? 0.66366   -5.92041  -3.51893  1.000 32.73517  ? 18  ARG A CG  1 
ATOM   146  C CD  . ARG A 1 18 ? -0.61319  -5.77145  -4.32608  1.000 43.16908  ? 18  ARG A CD  1 
ATOM   147  N NE  . ARG A 1 18 ? -1.66371  -6.65687  -3.83275  1.000 57.46959  ? 18  ARG A NE  1 
ATOM   148  C CZ  . ARG A 1 18 ? -2.46314  -6.37173  -2.81009  1.000 69.72945  ? 18  ARG A CZ  1 
ATOM   149  N NH1 . ARG A 1 18 ? -2.33435  -5.22004  -2.16543  1.000 69.73294  ? 18  ARG A NH1 1 
ATOM   150  N NH2 . ARG A 1 18 ? -3.39088  -7.23969  -2.42998  1.000 64.46592  ? 18  ARG A NH2 1 
ATOM   151  N N   . ARG A 1 19 ? 1.10029   -7.58295  -0.25921  1.000 28.35294  ? 19  ARG A N   1 
ATOM   152  C CA  . ARG A 1 19 ? 0.82451   -7.01795  1.05883   1.000 31.18957  ? 19  ARG A CA  1 
ATOM   153  C C   . ARG A 1 19 ? 2.05642   -7.07135  1.95226   1.000 32.19966  ? 19  ARG A C   1 
ATOM   154  O O   . ARG A 1 19 ? 2.30144   -6.14984  2.73949   1.000 25.84355  ? 19  ARG A O   1 
ATOM   155  C CB  . ARG A 1 19 ? -0.34114  -7.75307  1.71936   1.000 35.31135  ? 19  ARG A CB  1 
ATOM   156  C CG  . ARG A 1 19 ? -1.68555  -7.06818  1.55346   1.000 57.20794  ? 19  ARG A CG  1 
ATOM   157  C CD  . ARG A 1 19 ? -2.41670  -6.99181  2.88476   1.000 41.55334  ? 19  ARG A CD  1 
ATOM   158  N NE  . ARG A 1 19 ? -2.64627  -8.31361  3.46009   1.000 51.90755  ? 19  ARG A NE  1 
ATOM   159  C CZ  . ARG A 1 19 ? -3.12120  -8.52222  4.68342   1.000 48.68924  ? 19  ARG A CZ  1 
ATOM   160  N NH1 . ARG A 1 19 ? -3.41257  -7.49343  5.46762   1.000 49.45781  ? 19  ARG A NH1 1 
ATOM   161  N NH2 . ARG A 1 19 ? -3.29903  -9.75944  5.12590   1.000 59.48725  ? 19  ARG A NH2 1 
ATOM   162  N N   . LEU A 1 20 ? 2.84130   -8.14452  1.84647   1.000 27.29415  ? 20  LEU A N   1 
ATOM   163  C CA  . LEU A 1 20 ? 4.03721   -8.27418  2.67316   1.000 29.07252  ? 20  LEU A CA  1 
ATOM   164  C C   . LEU A 1 20 ? 5.04930   -7.18222  2.35080   1.000 26.59352  ? 20  LEU A C   1 
ATOM   165  O O   . LEU A 1 20 ? 5.59491   -6.53875  3.25477   1.000 34.44620  ? 20  LEU A O   1 
ATOM   166  C CB  . LEU A 1 20 ? 4.65544   -9.65905  2.48159   1.000 27.96069  ? 20  LEU A CB  1 
ATOM   167  C CG  . LEU A 1 20 ? 5.96593   -9.91880  3.22713   1.000 39.00037  ? 20  LEU A CG  1 
ATOM   168  C CD1 . LEU A 1 20 ? 5.76231   -9.79352  4.72821   1.000 39.84918  ? 20  LEU A CD1 1 
ATOM   169  C CD2 . LEU A 1 20 ? 6.52435   -11.28690 2.86947   1.000 40.40749  ? 20  LEU A CD2 1 
ATOM   170  N N   . ILE A 1 21 ? 5.31160   -6.95650  1.06158   1.000 25.85871  ? 21  ILE A N   1 
ATOM   171  C CA  . ILE A 1 21 ? 6.26473   -5.92285  0.66633   1.000 25.36905  ? 21  ILE A CA  1 
ATOM   172  C C   . ILE A 1 21 ? 5.75448   -4.54421  1.06353   1.000 33.42895  ? 21  ILE A C   1 
ATOM   173  O O   . ILE A 1 21 ? 6.52083   -3.69230  1.53023   1.000 23.51687  ? 21  ILE A O   1 
ATOM   174  C CB  . ILE A 1 21 ? 6.54769   -6.00916  -0.84434  1.000 28.10424  ? 21  ILE A CB  1 
ATOM   175  C CG1 . ILE A 1 21 ? 7.31686   -7.29092  -1.16766  1.000 28.48378  ? 21  ILE A CG1 1 
ATOM   176  C CG2 . ILE A 1 21 ? 7.30989   -4.78087  -1.32204  1.000 31.39465  ? 21  ILE A CG2 1 
ATOM   177  C CD1 . ILE A 1 21 ? 7.63936   -7.44453  -2.63238  1.000 31.81584  ? 21  ILE A CD1 1 
ATOM   178  N N   . LYS A 1 22 ? 4.45331   -4.30160  0.88805   1.000 26.08895  ? 22  LYS A N   1 
ATOM   179  C CA  . LYS A 1 22 ? 3.88798   -3.00882  1.25973   1.000 32.05713  ? 22  LYS A CA  1 
ATOM   180  C C   . LYS A 1 22 ? 4.03986   -2.75090  2.75313   1.000 24.54045  ? 22  LYS A C   1 
ATOM   181  O O   . LYS A 1 22 ? 4.40501   -1.64405  3.16590   1.000 28.86677  ? 22  LYS A O   1 
ATOM   182  C CB  . LYS A 1 22 ? 2.41586   -2.94204  0.85067   1.000 33.32056  ? 22  LYS A CB  1 
ATOM   183  C CG  . LYS A 1 22 ? 1.74497   -1.61353  1.15976   1.000 36.12851  ? 22  LYS A CG  1 
ATOM   184  C CD  . LYS A 1 22 ? 0.26639   -1.64382  0.80422   1.000 38.92968  ? 22  LYS A CD  1 
ATOM   185  C CE  . LYS A 1 22 ? -0.39636  -0.30625  1.09607   1.000 58.13232  ? 22  LYS A CE  1 
ATOM   186  N NZ  . LYS A 1 22 ? -1.85465  -0.32488  0.79467   1.000 47.48360  ? 22  LYS A NZ  1 
ATOM   187  N N   . ARG A 1 23 ? 3.77443   -3.76617  3.57835   1.000 27.47603  ? 23  ARG A N   1 
ATOM   188  C CA  . ARG A 1 23 ? 3.88512   -3.59561  5.02354   1.000 34.91407  ? 23  ARG A CA  1 
ATOM   189  C C   . ARG A 1 23 ? 5.32756   -3.34015  5.44579   1.000 34.34343  ? 23  ARG A C   1 
ATOM   190  O O   . ARG A 1 23 ? 5.58259   -2.52364  6.33852   1.000 31.00847  ? 23  ARG A O   1 
ATOM   191  C CB  . ARG A 1 23 ? 3.32820   -4.82610  5.73803   1.000 35.38616  ? 23  ARG A CB  1 
ATOM   192  C CG  . ARG A 1 23 ? 3.40909   -4.75627  7.25332   1.000 54.77593  ? 23  ARG A CG  1 
ATOM   193  C CD  . ARG A 1 23 ? 2.27681   -3.92846  7.83880   1.000 62.77510  ? 23  ARG A CD  1 
ATOM   194  N NE  . ARG A 1 23 ? 0.97200   -4.51777  7.55214   1.000 60.87402  ? 23  ARG A NE  1 
ATOM   195  C CZ  . ARG A 1 23 ? 0.44825   -5.53820  8.22426   1.000 74.37382  ? 23  ARG A CZ  1 
ATOM   196  N NH1 . ARG A 1 23 ? 1.11955   -6.09285  9.22524   1.000 61.72503  ? 23  ARG A NH1 1 
ATOM   197  N NH2 . ARG A 1 23 ? -0.74668  -6.00782  7.89292   1.000 56.99371  ? 23  ARG A NH2 1 
ATOM   198  N N   . ILE A 1 24 ? 6.28361   -4.02636  4.81538   1.000 30.05086  ? 24  ILE A N   1 
ATOM   199  C CA  . ILE A 1 24 ? 7.68582   -3.85795  5.18442   1.000 29.95411  ? 24  ILE A CA  1 
ATOM   200  C C   . ILE A 1 24 ? 8.17904   -2.47122  4.79585   1.000 27.58621  ? 24  ILE A C   1 
ATOM   201  O O   . ILE A 1 24 ? 8.87813   -1.80598  5.57084   1.000 32.76275  ? 24  ILE A O   1 
ATOM   202  C CB  . ILE A 1 24 ? 8.54282   -4.96565  4.54479   1.000 26.27132  ? 24  ILE A CB  1 
ATOM   203  C CG1 . ILE A 1 24 ? 8.15325   -6.33155  5.10807   1.000 26.71778  ? 24  ILE A CG1 1 
ATOM   204  C CG2 . ILE A 1 24 ? 10.02189  -4.70423  4.78079   1.000 35.54088  ? 24  ILE A CG2 1 
ATOM   205  C CD1 . ILE A 1 24 ? 8.93402   -7.47735  4.51215   1.000 40.60520  ? 24  ILE A CD1 1 
ATOM   206  N N   . LEU A 1 25 ? 7.82698   -2.01037  3.59295   1.000 26.18666  ? 25  LEU A N   1 
ATOM   207  C CA  . LEU A 1 25 ? 8.23443   -0.67443  3.17227   1.000 31.05721  ? 25  LEU A CA  1 
ATOM   208  C C   . LEU A 1 25 ? 7.57963   0.40337   4.02495   1.000 27.95307  ? 25  LEU A C   1 
ATOM   209  O O   . LEU A 1 25 ? 8.15666   1.48060   4.21294   1.000 31.59575  ? 25  LEU A O   1 
ATOM   210  C CB  . LEU A 1 25 ? 7.89818   -0.45858  1.69754   1.000 30.75938  ? 25  LEU A CB  1 
ATOM   211  C CG  . LEU A 1 25 ? 8.64906   -1.34278  0.70300   1.000 40.18988  ? 25  LEU A CG  1 
ATOM   212  C CD1 . LEU A 1 25 ? 8.27573   -0.97897  -0.72144  1.000 35.79964  ? 25  LEU A CD1 1 
ATOM   213  C CD2 . LEU A 1 25 ? 10.15051  -1.22664  0.91015   1.000 35.36877  ? 25  LEU A CD2 1 
ATOM   214  N N   . GLU A 1 26 ? 6.37973   0.13562   4.54232   0.807 28.73554  ? 26  GLU A N   1 
ATOM   215  C CA  . GLU A 1 26 ? 5.72510   1.09885   5.42012   0.807 31.26042  ? 26  GLU A CA  1 
ATOM   216  C C   . GLU A 1 26 ? 6.46503   1.22684   6.74412   0.807 33.57193  ? 26  GLU A C   1 
ATOM   217  O O   . GLU A 1 26 ? 6.59942   2.33201   7.28132   0.807 29.95342  ? 26  GLU A O   1 
ATOM   218  C CB  . GLU A 1 26 ? 4.27054   0.69286   5.65187   0.807 33.12024  ? 26  GLU A CB  1 
ATOM   219  C CG  . GLU A 1 26 ? 3.34677   1.03390   4.49923   0.807 53.60416  ? 26  GLU A CG  1 
ATOM   220  C CD  . GLU A 1 26 ? 1.98022   0.40235   4.64845   0.807 60.84867  ? 26  GLU A CD  1 
ATOM   221  O OE1 . GLU A 1 26 ? 1.84153   -0.52150  5.47768   0.807 66.16716  ? 26  GLU A OE1 1 
ATOM   222  O OE2 . GLU A 1 26 ? 1.04553   0.82854   3.93823   0.807 53.18516  ? 26  GLU A OE2 1 
ATOM   223  N N   . GLU A 1 27 ? 6.95596   0.10903   7.28449   1.000 26.89582  ? 27  GLU A N   1 
ATOM   224  C CA  . GLU A 1 27 ? 7.70408   0.16920   8.53572   1.000 34.06388  ? 27  GLU A CA  1 
ATOM   225  C C   . GLU A 1 27 ? 9.04459   0.86740   8.34644   1.000 40.12323  ? 27  GLU A C   1 
ATOM   226  O O   . GLU A 1 27 ? 9.51150   1.57722   9.24431   1.000 32.87321  ? 27  GLU A O   1 
ATOM   227  C CB  . GLU A 1 27 ? 7.90141   -1.23653  9.10132   1.000 39.18950  ? 27  GLU A CB  1 
ATOM   228  C CG  . GLU A 1 27 ? 6.61078   -1.90887  9.53753   1.000 43.32997  ? 27  GLU A CG  1 
ATOM   229  C CD  . GLU A 1 27 ? 5.88914   -1.14066  10.63035  1.000 53.97099  ? 27  GLU A CD  1 
ATOM   230  O OE1 . GLU A 1 27 ? 6.56320   -0.46791  11.43788  1.000 55.99533  ? 27  GLU A OE1 1 
ATOM   231  O OE2 . GLU A 1 27 ? 4.64468   -1.20951  10.67863  1.000 48.99741  ? 27  GLU A OE2 1 
ATOM   232  N N   . VAL A 1 28 ? 9.68054   0.67646   7.18891   1.000 32.29016  ? 28  VAL A N   1 
ATOM   233  C CA  . VAL A 1 28 ? 10.91861  1.39309   6.90129   1.000 30.52851  ? 28  VAL A CA  1 
ATOM   234  C C   . VAL A 1 28 ? 10.64983  2.88742   6.78354   1.000 31.68851  ? 28  VAL A C   1 
ATOM   235  O O   . VAL A 1 28 ? 11.43979  3.71486   7.25416   1.000 34.54890  ? 28  VAL A O   1 
ATOM   236  C CB  . VAL A 1 28 ? 11.57577  0.83082   5.62733   1.000 32.45260  ? 28  VAL A CB  1 
ATOM   237  C CG1 . VAL A 1 28 ? 12.81069  1.63883   5.26212   1.000 31.51087  ? 28  VAL A CG1 1 
ATOM   238  C CG2 . VAL A 1 28 ? 11.93313  -0.63665  5.81857   1.000 26.19725  ? 28  VAL A CG2 1 
ATOM   239  N N   . LYS A 1 29 ? 9.52759   3.25483   6.16085   1.000 28.33934  ? 29  LYS A N   1 
ATOM   240  C CA  . LYS A 1 29 ? 9.16459   4.66243   6.03165   1.000 38.82879  ? 29  LYS A CA  1 
ATOM   241  C C   . LYS A 1 29 ? 8.87591   5.28865   7.39118   1.000 37.04946  ? 29  LYS A C   1 
ATOM   242  O O   . LYS A 1 29 ? 9.23020   6.44822   7.63497   1.000 42.31948  ? 29  LYS A O   1 
ATOM   243  C CB  . LYS A 1 29 ? 7.95362   4.79793   5.10862   1.000 45.26213  ? 29  LYS A CB  1 
ATOM   244  C CG  . LYS A 1 29 ? 7.46174   6.21866   4.90359   1.000 71.06769  ? 29  LYS A CG  1 
ATOM   245  C CD  . LYS A 1 29 ? 6.07625   6.21840   4.27535   1.000 79.04715  ? 29  LYS A CD  1 
ATOM   246  C CE  . LYS A 1 29 ? 5.60232   7.62640   3.95891   1.000 72.82071  ? 29  LYS A CE  1 
ATOM   247  N NZ  . LYS A 1 29 ? 6.34928   8.21848   2.81555   1.000 69.07329  ? 29  LYS A NZ  1 
ATOM   248  N N   . ARG A 1 30 ? 8.23182   4.53755   8.28829   1.000 39.91941  ? 30  ARG A N   1 
ATOM   249  C CA  . ARG A 1 30 ? 7.91709   5.06812   9.61069   1.000 43.23748  ? 30  ARG A CA  1 
ATOM   250  C C   . ARG A 1 30 ? 9.17159   5.28847   10.44434  1.000 54.38673  ? 30  ARG A C   1 
ATOM   251  O O   . ARG A 1 30 ? 9.20310   6.19539   11.28380  1.000 52.19468  ? 30  ARG A O   1 
ATOM   252  C CB  . ARG A 1 30 ? 6.95627   4.12836   10.33971  1.000 35.79230  ? 30  ARG A CB  1 
ATOM   253  C CG  . ARG A 1 30 ? 5.55027   4.10677   9.76215   1.000 42.01401  ? 30  ARG A CG  1 
ATOM   254  C CD  . ARG A 1 30 ? 4.69890   3.02946   10.41553  1.000 38.57489  ? 30  ARG A CD  1 
ATOM   255  N NE  . ARG A 1 30 ? 3.31124   3.08615   9.96535   1.000 47.50614  ? 30  ARG A NE  1 
ATOM   256  C CZ  . ARG A 1 30 ? 2.37326   2.21434   10.32080  1.000 63.44701  ? 30  ARG A CZ  1 
ATOM   257  N NH1 . ARG A 1 30 ? 1.13557   2.34553   9.86313   1.000 57.42852  ? 30  ARG A NH1 1 
ATOM   258  N NH2 . ARG A 1 30 ? 2.67260   1.20910   11.13184  1.000 59.46712  ? 30  ARG A NH2 1 
ATOM   259  N N   . GLU A 1 31 ? 10.20918  4.47831   10.22985  1.000 43.83148  ? 31  GLU A N   1 
ATOM   260  C CA  . GLU A 1 31 ? 11.43826  4.62281   11.00290  1.000 56.89226  ? 31  GLU A CA  1 
ATOM   261  C C   . GLU A 1 31 ? 12.15105  5.92553   10.65830  1.000 58.81185  ? 31  GLU A C   1 
ATOM   262  O O   . GLU A 1 31 ? 12.29263  6.81430   11.50657  1.000 72.47322  ? 31  GLU A O   1 
ATOM   263  C CB  . GLU A 1 31 ? 12.35014  3.41849   10.76122  1.000 43.92701  ? 31  GLU A CB  1 
ATOM   264  C CG  . GLU A 1 31 ? 13.64548  3.44634   11.55171  1.000 49.31740  ? 31  GLU A CG  1 
ATOM   265  C CD  . GLU A 1 31 ? 13.42044  3.62475   13.04117  1.000 49.36245  ? 31  GLU A CD  1 
ATOM   266  O OE1 . GLU A 1 31 ? 13.89793  4.63591   13.59768  1.000 51.01687  ? 31  GLU A OE1 1 
ATOM   267  O OE2 . GLU A 1 31 ? 12.76221  2.75748   13.65437  1.000 40.38919  ? 31  GLU A OE2 1 
ATOM   268  N N   . SER A 1 32 ? 12.60099  6.05882   9.41349   1.000 57.54259  ? 32  SER A N   1 
ATOM   269  C CA  . SER A 1 32 ? 13.29241  7.26016   8.96434   1.000 57.61366  ? 32  SER A CA  1 
ATOM   270  C C   . SER A 1 32 ? 13.39706  7.22296   7.44818   1.000 69.61259  ? 32  SER A C   1 
ATOM   271  O O   . SER A 1 32 ? 13.33252  6.15655   6.83017   1.000 66.62696  ? 32  SER A O   1 
ATOM   272  C CB  . SER A 1 32 ? 14.68590  7.38170   9.59178   1.000 56.84855  ? 32  SER A CB  1 
ATOM   273  O OG  . SER A 1 32 ? 15.37548  8.51200   9.08817   1.000 63.94710  ? 32  SER A OG  1 
ATOM   274  N N   . ASN A 1 33 ? 13.55924  8.40631   6.85643   1.000 76.98684  ? 33  ASN A N   1 
ATOM   275  C CA  . ASN A 1 33 ? 13.80061  8.51393   5.42389   1.000 70.65469  ? 33  ASN A CA  1 
ATOM   276  C C   . ASN A 1 33 ? 15.26966  8.34524   5.06112   1.000 56.90765  ? 33  ASN A C   1 
ATOM   277  O O   . ASN A 1 33 ? 15.59119  8.25487   3.87147   1.000 65.51581  ? 33  ASN A O   1 
ATOM   278  C CB  . ASN A 1 33 ? 13.29179  9.86041   4.90019   1.000 74.83710  ? 33  ASN A CB  1 
ATOM   279  C CG  . ASN A 1 33 ? 13.77354  11.03145  5.73460   1.000 92.70421  ? 33  ASN A CG  1 
ATOM   280  O OD1 . ASN A 1 33 ? 14.60948  10.87415  6.62488   1.000 99.12438  ? 33  ASN A OD1 1 
ATOM   281  N ND2 . ASN A 1 33 ? 13.24776  12.21656  5.44789   1.000 91.63901  ? 33  ASN A ND2 1 
ATOM   282  N N   . SER A 1 34 ? 16.16222  8.30765   6.05077   1.000 63.89398  ? 34  SER A N   1 
ATOM   283  C CA  . SER A 1 34 ? 17.57737  8.06599   5.80666   1.000 59.43574  ? 34  SER A CA  1 
ATOM   284  C C   . SER A 1 34 ? 17.90381  6.58748   5.64964   1.000 65.62900  ? 34  SER A C   1 
ATOM   285  O O   . SER A 1 34 ? 19.02899  6.25476   5.26140   1.000 49.30582  ? 34  SER A O   1 
ATOM   286  C CB  . SER A 1 34 ? 18.41169  8.65555   6.94639   1.000 62.07489  ? 34  SER A CB  1 
ATOM   287  O OG  . SER A 1 34 ? 18.06119  8.06971   8.18857   1.000 57.84036  ? 34  SER A OG  1 
ATOM   288  N N   . VAL A 1 35 ? 16.95485  5.70308   5.93556   1.000 58.36913  ? 35  VAL A N   1 
ATOM   289  C CA  . VAL A 1 35 ? 17.18992  4.26640   5.86006   1.000 42.48639  ? 35  VAL A CA  1 
ATOM   290  C C   . VAL A 1 35 ? 17.12420  3.82029   4.40533   1.000 33.77873  ? 35  VAL A C   1 
ATOM   291  O O   . VAL A 1 35 ? 16.13002  4.06120   3.71079   1.000 30.46525  ? 35  VAL A O   1 
ATOM   292  C CB  . VAL A 1 35 ? 16.17008  3.50647   6.72222   1.000 45.10779  ? 35  VAL A CB  1 
ATOM   293  C CG1 . VAL A 1 35 ? 16.28487  2.01462   6.48384   1.000 28.99635  ? 35  VAL A CG1 1 
ATOM   294  C CG2 . VAL A 1 35 ? 16.37493  3.83121   8.19475   1.000 44.04552  ? 35  VAL A CG2 1 
ATOM   295  N N   . GLU A 1 36 ? 18.18519  3.16574   3.94244   1.000 27.89328  ? 36  GLU A N   1 
ATOM   296  C CA  . GLU A 1 36 ? 18.24814  2.63231   2.58880   1.000 25.68927  ? 36  GLU A CA  1 
ATOM   297  C C   . GLU A 1 36 ? 17.67958  1.21830   2.57709   1.000 30.45899  ? 36  GLU A C   1 
ATOM   298  O O   . GLU A 1 36 ? 18.07496  0.37938   3.39199   1.000 27.02755  ? 36  GLU A O   1 
ATOM   299  C CB  . GLU A 1 36 ? 19.69339  2.64070   2.08825   1.000 29.48266  ? 36  GLU A CB  1 
ATOM   300  C CG  . GLU A 1 36 ? 19.88973  2.16797   0.66196   1.000 52.48614  ? 36  GLU A CG  1 
ATOM   301  C CD  . GLU A 1 36 ? 21.33442  2.29419   0.21525   1.000 57.99620  ? 36  GLU A CD  1 
ATOM   302  O OE1 . GLU A 1 36 ? 22.13335  2.90717   0.95554   1.000 51.65927  ? 36  GLU A OE1 1 
ATOM   303  O OE2 . GLU A 1 36 ? 21.67289  1.78076   -0.87142  1.000 76.25871  ? 36  GLU A OE2 1 
ATOM   304  N N   . VAL A 1 37 ? 16.74708  0.95754   1.66345   1.000 25.70249  ? 37  VAL A N   1 
ATOM   305  C CA  . VAL A 1 37 ? 16.07139  -0.33403  1.59805   1.000 21.80842  ? 37  VAL A CA  1 
ATOM   306  C C   . VAL A 1 37 ? 15.95279  -0.76628  0.14198   1.000 29.40579  ? 37  VAL A C   1 
ATOM   307  O O   . VAL A 1 37 ? 15.69297  0.05354   -0.74539  1.000 29.80806  ? 37  VAL A O   1 
ATOM   308  C CB  . VAL A 1 37 ? 14.68612  -0.28564  2.28297   1.000 26.94619  ? 37  VAL A CB  1 
ATOM   309  C CG1 . VAL A 1 37 ? 13.75720  0.69981   1.57865   1.000 28.82949  ? 37  VAL A CG1 1 
ATOM   310  C CG2 . VAL A 1 37 ? 14.06684  -1.67392  2.34139   1.000 18.61653  ? 37  VAL A CG2 1 
ATOM   311  N N   . HIS A 1 38 ? 16.16903  -2.05775  -0.10216  1.000 23.74226  ? 38  HIS A N   1 
ATOM   312  C CA  . HIS A 1 38 ? 15.96696  -2.67045  -1.40736  1.000 30.82671  ? 38  HIS A CA  1 
ATOM   313  C C   . HIS A 1 38 ? 15.21951  -3.98150  -1.21982  1.000 31.57360  ? 38  HIS A C   1 
ATOM   314  O O   . HIS A 1 38 ? 15.52120  -4.74965  -0.30184  1.000 27.19441  ? 38  HIS A O   1 
ATOM   315  C CB  . HIS A 1 38 ? 17.29760  -2.92692  -2.13328  1.000 39.43251  ? 38  HIS A CB  1 
ATOM   316  C CG  . HIS A 1 38 ? 18.06876  -1.68299  -2.44955  1.000 58.51860  ? 38  HIS A CG  1 
ATOM   317  N ND1 . HIS A 1 38 ? 18.95055  -1.10778  -1.55980  1.000 64.37761  ? 38  HIS A ND1 1 
ATOM   318  C CD2 . HIS A 1 38 ? 18.09498  -0.90668  -3.55912  1.000 62.48638  ? 38  HIS A CD2 1 
ATOM   319  C CE1 . HIS A 1 38 ? 19.48529  -0.03085  -2.10658  1.000 61.88415  ? 38  HIS A CE1 1 
ATOM   320  N NE2 . HIS A 1 38 ? 18.98262  0.11403   -3.31964  1.000 67.00957  ? 38  HIS A NE2 1 
ATOM   321  N N   . VAL A 1 39 ? 14.24524  -4.23384  -2.08993  1.000 23.42785  ? 39  VAL A N   1 
ATOM   322  C CA  . VAL A 1 39 ? 13.39295  -5.41271  -2.00514  1.000 23.00752  ? 39  VAL A CA  1 
ATOM   323  C C   . VAL A 1 39 ? 13.51396  -6.20020  -3.30185  1.000 32.75390  ? 39  VAL A C   1 
ATOM   324  O O   . VAL A 1 39 ? 13.48241  -5.62300  -4.39431  1.000 33.86196  ? 39  VAL A O   1 
ATOM   325  C CB  . VAL A 1 39 ? 11.92357  -5.02875  -1.73105  1.000 32.15636  ? 39  VAL A CB  1 
ATOM   326  C CG1 . VAL A 1 39 ? 11.04661  -6.26851  -1.68622  1.000 30.00841  ? 39  VAL A CG1 1 
ATOM   327  C CG2 . VAL A 1 39 ? 11.81480  -4.25097  -0.42919  1.000 30.82288  ? 39  VAL A CG2 1 
ATOM   328  N N   . GLU A 1 40 ? 13.65026  -7.52025  -3.17715  1.000 27.09974  ? 40  GLU A N   1 
ATOM   329  C CA  . GLU A 1 40 ? 13.77619  -8.40710  -4.32579  1.000 27.98910  ? 40  GLU A CA  1 
ATOM   330  C C   . GLU A 1 40 ? 12.93592  -9.65490  -4.09911  1.000 32.15996  ? 40  GLU A C   1 
ATOM   331  O O   . GLU A 1 40 ? 12.98944  -10.25805 -3.02390  1.000 30.84948  ? 40  GLU A O   1 
ATOM   332  C CB  . GLU A 1 40 ? 15.24139  -8.79409  -4.57161  1.000 34.47886  ? 40  GLU A CB  1 
ATOM   333  C CG  . GLU A 1 40 ? 15.43218  -9.87342  -5.62944  1.000 38.08873  ? 40  GLU A CG  1 
ATOM   334  C CD  . GLU A 1 40 ? 16.88092  -10.29589 -5.78062  1.000 45.83103  ? 40  GLU A CD  1 
ATOM   335  O OE1 . GLU A 1 40 ? 17.75331  -9.41021  -5.89581  1.000 66.63199  ? 40  GLU A OE1 1 
ATOM   336  O OE2 . GLU A 1 40 ? 17.14786  -11.51570 -5.77525  1.000 59.29218  ? 40  GLU A OE2 1 
ATOM   337  N N   A THR A 1 41 ? 12.18421  -10.04776 -5.12401  0.490 28.92580  ? 41  THR A N   1 
ATOM   338  N N   B THR A 1 41 ? 12.14660  -10.02433 -5.10311  0.510 28.93210  ? 41  THR A N   1 
ATOM   339  C CA  A THR A 1 41 ? 11.31545  -11.21688 -5.07964  0.490 30.37435  ? 41  THR A CA  1 
ATOM   340  C CA  B THR A 1 41 ? 11.33303  -11.22953 -5.05828  0.510 30.39915  ? 41  THR A CA  1 
ATOM   341  C C   A THR A 1 41 ? 11.89455  -12.31390 -5.96502  0.490 34.88390  ? 41  THR A C   1 
ATOM   342  C C   B THR A 1 41 ? 11.96240  -12.30168 -5.93533  0.510 34.86123  ? 41  THR A C   1 
ATOM   343  O O   A THR A 1 41 ? 12.24322  -12.05991 -7.12236  0.490 35.27427  ? 41  THR A O   1 
ATOM   344  O O   B THR A 1 41 ? 12.40967  -12.02168 -7.05117  0.510 34.62818  ? 41  THR A O   1 
ATOM   345  C CB  A THR A 1 41 ? 9.89926   -10.85221 -5.53551  0.490 33.41785  ? 41  THR A CB  1 
ATOM   346  C CB  B THR A 1 41 ? 9.90000   -10.95803 -5.52307  0.510 33.37015  ? 41  THR A CB  1 
ATOM   347  O OG1 A THR A 1 41 ? 9.26436   -10.04611 -4.53394  0.490 32.31094  ? 41  THR A OG1 1 
ATOM   348  O OG1 B THR A 1 41 ? 9.91180   -10.52114 -6.88693  0.510 28.30195  ? 41  THR A OG1 1 
ATOM   349  C CG2 A THR A 1 41 ? 9.06856   -12.09992 -5.78525  0.490 34.01237  ? 41  THR A CG2 1 
ATOM   350  C CG2 B THR A 1 41 ? 9.25714   -9.89010  -4.66199  0.510 31.97997  ? 41  THR A CG2 1 
ATOM   351  N N   . ARG A 1 42 ? 12.00013  -13.52639 -5.42105  1.000 27.22991  ? 42  ARG A N   1 
ATOM   352  C CA  . ARG A 1 42 ? 12.55533  -14.66682 -6.13882  1.000 29.64314  ? 42  ARG A CA  1 
ATOM   353  C C   . ARG A 1 42 ? 11.53916  -15.79811 -6.14229  1.000 31.83856  ? 42  ARG A C   1 
ATOM   354  O O   . ARG A 1 42 ? 11.04391  -16.19295 -5.08233  1.000 34.15286  ? 42  ARG A O   1 
ATOM   355  C CB  . ARG A 1 42 ? 13.86961  -15.13819 -5.50812  1.000 34.37785  ? 42  ARG A CB  1 
ATOM   356  C CG  . ARG A 1 42 ? 14.97202  -14.09139 -5.49011  1.000 34.68855  ? 42  ARG A CG  1 
ATOM   357  C CD  . ARG A 1 42 ? 16.27122  -14.68158 -4.96549  1.000 35.31583  ? 42  ARG A CD  1 
ATOM   358  N NE  . ARG A 1 42 ? 17.31410  -13.67229 -4.80859  1.000 48.41307  ? 42  ARG A NE  1 
ATOM   359  C CZ  . ARG A 1 42 ? 18.55497  -13.93865 -4.41448  1.000 56.83832  ? 42  ARG A CZ  1 
ATOM   360  N NH1 . ARG A 1 42 ? 18.91025  -15.18627 -4.13913  1.000 57.48299  ? 42  ARG A NH1 1 
ATOM   361  N NH2 . ARG A 1 42 ? 19.44106  -12.95905 -4.29693  1.000 65.98188  ? 42  ARG A NH2 1 
ATOM   362  N N   . LYS A 1 43 ? 11.23376  -16.32037 -7.32785  1.000 29.53208  ? 43  LYS A N   1 
ATOM   363  C CA  . LYS A 1 43 ? 10.25893  -17.39370 -7.48429  1.000 29.67062  ? 43  LYS A CA  1 
ATOM   364  C C   . LYS A 1 43 ? 10.95330  -18.63287 -8.02561  1.000 39.83464  ? 43  LYS A C   1 
ATOM   365  O O   . LYS A 1 43 ? 11.49546  -18.60895 -9.13659  1.000 40.38384  ? 43  LYS A O   1 
ATOM   366  C CB  . LYS A 1 43 ? 9.11842   -16.97463 -8.41313  1.000 35.72681  ? 43  LYS A CB  1 
ATOM   367  C CG  . LYS A 1 43 ? 8.26595   -15.84771 -7.87141  1.000 55.17940  ? 43  LYS A CG  1 
ATOM   368  C CD  . LYS A 1 43 ? 7.07585   -15.57863 -8.77487  1.000 55.77795  ? 43  LYS A CD  1 
ATOM   369  N N   . ARG A 1 44 ? 10.93519  -19.71098 -7.24425  0.707 38.96809  ? 44  ARG A N   1 
ATOM   370  C CA  . ARG A 1 44 ? 11.41597  -21.01414 -7.68178  0.707 46.19344  ? 44  ARG A CA  1 
ATOM   371  C C   . ARG A 1 44 ? 10.34044  -22.05196 -7.40934  0.707 53.80654  ? 44  ARG A C   1 
ATOM   372  O O   . ARG A 1 44 ? 9.88415   -22.18420 -6.26891  0.707 58.26641  ? 44  ARG A O   1 
ATOM   373  C CB  . ARG A 1 44 ? 12.70079  -21.42693 -6.95860  0.707 43.97117  ? 44  ARG A CB  1 
ATOM   374  C CG  . ARG A 1 44 ? 13.80921  -20.40212 -6.94384  0.707 47.60354  ? 44  ARG A CG  1 
ATOM   375  C CD  . ARG A 1 44 ? 14.93581  -20.91371 -6.06335  0.707 55.34160  ? 44  ARG A CD  1 
ATOM   376  N NE  . ARG A 1 44 ? 15.82093  -19.84948 -5.60280  0.707 68.14978  ? 44  ARG A NE  1 
ATOM   377  C CZ  . ARG A 1 44 ? 15.54042  -19.02613 -4.59700  0.707 52.07377  ? 44  ARG A CZ  1 
ATOM   378  N NH1 . ARG A 1 44 ? 14.38696  -19.12873 -3.94746  0.707 52.39500  ? 44  ARG A NH1 1 
ATOM   379  N NH2 . ARG A 1 44 ? 16.41327  -18.09322 -4.24338  0.707 57.97379  ? 44  ARG A NH2 1 
ATOM   380  N N   . ASN A 1 45 ? 9.94543   -22.78304 -8.45179  1.000 59.26560  ? 45  ASN A N   1 
ATOM   381  C CA  . ASN A 1 45 ? 9.08164   -23.95708 -8.32370  1.000 68.34799  ? 45  ASN A CA  1 
ATOM   382  C C   . ASN A 1 45 ? 7.82297   -23.65175 -7.51215  1.000 64.10554  ? 45  ASN A C   1 
ATOM   383  O O   . ASN A 1 45 ? 7.48515   -24.35141 -6.55535  1.000 67.68469  ? 45  ASN A O   1 
ATOM   384  C CB  . ASN A 1 45 ? 9.85446   -25.12627 -7.71057  1.000 75.35061  ? 45  ASN A CB  1 
ATOM   385  N N   . GLY A 1 46 ? 7.12394   -22.58669 -7.90046  1.000 61.88166  ? 46  GLY A N   1 
ATOM   386  C CA  . GLY A 1 46 ? 5.88512   -22.21806 -7.24578  1.000 79.03865  ? 46  GLY A CA  1 
ATOM   387  C C   . GLY A 1 46 ? 6.02480   -21.60937 -5.86801  1.000 76.12053  ? 46  GLY A C   1 
ATOM   388  O O   . GLY A 1 46 ? 5.00385   -21.29515 -5.24483  1.000 75.44615  ? 46  GLY A O   1 
ATOM   389  N N   . GLU A 1 47 ? 7.24323   -21.43341 -5.36783  1.000 64.83886  ? 47  GLU A N   1 
ATOM   390  C CA  . GLU A 1 47 ? 7.48208   -20.80172 -4.07991  1.000 64.39722  ? 47  GLU A CA  1 
ATOM   391  C C   . GLU A 1 47 ? 8.15326   -19.45071 -4.28777  1.000 59.55073  ? 47  GLU A C   1 
ATOM   392  O O   . GLU A 1 47 ? 8.91488   -19.25874 -5.23915  1.000 52.42130  ? 47  GLU A O   1 
ATOM   393  C CB  . GLU A 1 47 ? 8.35158   -21.68641 -3.18115  1.000 53.27960  ? 47  GLU A CB  1 
ATOM   394  N N   . VAL A 1 48 ? 7.86672   -18.51324 -3.38807  1.000 46.67228  ? 48  VAL A N   1 
ATOM   395  C CA  . VAL A 1 48 ? 8.35528   -17.14412 -3.49304  1.000 34.84848  ? 48  VAL A CA  1 
ATOM   396  C C   . VAL A 1 48 ? 9.21124   -16.82752 -2.27511  1.000 41.06500  ? 48  VAL A C   1 
ATOM   397  O O   . VAL A 1 48 ? 8.81306   -17.10968 -1.13884  1.000 40.81926  ? 48  VAL A O   1 
ATOM   398  C CB  . VAL A 1 48 ? 7.19945   -16.13521 -3.61394  1.000 44.39106  ? 48  VAL A CB  1 
ATOM   399  C CG1 . VAL A 1 48 ? 7.74930   -14.72786 -3.72945  1.000 37.24877  ? 48  VAL A CG1 1 
ATOM   400  C CG2 . VAL A 1 48 ? 6.32003   -16.47117 -4.80614  1.000 51.63396  ? 48  VAL A CG2 1 
ATOM   401  N N   . GLU A 1 49 ? 10.38136  -16.24229 -2.51580  1.000 29.94004  ? 49  GLU A N   1 
ATOM   402  C CA  . GLU A 1 49 ? 11.23397  -15.69821 -1.46784  1.000 33.40377  ? 49  GLU A CA  1 
ATOM   403  C C   . GLU A 1 49 ? 11.30649  -14.18599 -1.62206  1.000 31.05431  ? 49  GLU A C   1 
ATOM   404  O O   . GLU A 1 49 ? 11.57660  -13.68305 -2.71776  1.000 33.94362  ? 49  GLU A O   1 
ATOM   405  C CB  . GLU A 1 49 ? 12.64267  -16.29295 -1.52596  1.000 39.31132  ? 49  GLU A CB  1 
ATOM   406  C CG  . GLU A 1 49 ? 12.77248  -17.69393 -0.95881  1.000 58.05587  ? 49  GLU A CG  1 
ATOM   407  C CD  . GLU A 1 49 ? 14.21934  -18.13906 -0.86516  1.000 60.05140  ? 49  GLU A CD  1 
ATOM   408  O OE1 . GLU A 1 49 ? 15.09723  -17.41919 -1.38782  1.000 53.03925  ? 49  GLU A OE1 1 
ATOM   409  O OE2 . GLU A 1 49 ? 14.47982  -19.20347 -0.26675  1.000 76.05206  ? 49  GLU A OE2 1 
ATOM   410  N N   . VAL A 1 50 ? 11.06228  -13.46666 -0.52957  1.000 24.43054  ? 50  VAL A N   1 
ATOM   411  C CA  . VAL A 1 50 ? 11.18989  -12.01429 -0.49675  1.000 21.84762  ? 50  VAL A CA  1 
ATOM   412  C C   . VAL A 1 50 ? 12.48627  -11.66657 0.21827   1.000 26.44543  ? 50  VAL A C   1 
ATOM   413  O O   . VAL A 1 50 ? 12.69520  -12.06791 1.36945   1.000 25.65082  ? 50  VAL A O   1 
ATOM   414  C CB  . VAL A 1 50 ? 9.98533   -11.35909 0.19890   1.000 28.91918  ? 50  VAL A CB  1 
ATOM   415  C CG1 . VAL A 1 50 ? 10.16661  -9.84926  0.25326   1.000 27.49012  ? 50  VAL A CG1 1 
ATOM   416  C CG2 . VAL A 1 50 ? 8.69438   -11.72122 -0.52211  1.000 28.69848  ? 50  VAL A CG2 1 
ATOM   417  N N   . HIS A 1 51 ? 13.35773  -10.92902 -0.46261  1.000 21.94947  ? 51  HIS A N   1 
ATOM   418  C CA  . HIS A 1 51 ? 14.64985  -10.52716 0.07911   1.000 22.50592  ? 51  HIS A CA  1 
ATOM   419  C C   . HIS A 1 51 ? 14.63075  -9.02737  0.33315   1.000 30.20765  ? 51  HIS A C   1 
ATOM   420  O O   . HIS A 1 51 ? 14.37013  -8.24303  -0.58509  1.000 28.90066  ? 51  HIS A O   1 
ATOM   421  C CB  . HIS A 1 51 ? 15.78552  -10.89681 -0.87540  1.000 21.20196  ? 51  HIS A CB  1 
ATOM   422  C CG  . HIS A 1 51 ? 15.98857  -12.37236 -1.02872  1.000 36.21573  ? 51  HIS A CG  1 
ATOM   423  N ND1 . HIS A 1 51 ? 17.10500  -13.02320 -0.55167  1.000 40.15711  ? 51  HIS A ND1 1 
ATOM   424  C CD2 . HIS A 1 51 ? 15.21268  -13.32345 -1.60070  1.000 38.22244  ? 51  HIS A CD2 1 
ATOM   425  C CE1 . HIS A 1 51 ? 17.01097  -14.31299 -0.82652  1.000 46.18494  ? 51  HIS A CE1 1 
ATOM   426  N NE2 . HIS A 1 51 ? 15.87254  -14.52095 -1.46180  1.000 38.94507  ? 51  HIS A NE2 1 
ATOM   427  N N   . VAL A 1 52 ? 14.90554  -8.63576  1.57447   1.000 25.17428  ? 52  VAL A N   1 
ATOM   428  C CA  . VAL A 1 52 ? 14.94459  -7.23525  1.98008   1.000 20.97517  ? 52  VAL A CA  1 
ATOM   429  C C   . VAL A 1 52 ? 16.34761  -6.93398  2.48341   1.000 27.43659  ? 52  VAL A C   1 
ATOM   430  O O   . VAL A 1 52 ? 16.83221  -7.59232  3.41153   1.000 26.65710  ? 52  VAL A O   1 
ATOM   431  C CB  . VAL A 1 52 ? 13.90232  -6.92303  3.06569   1.000 25.60764  ? 52  VAL A CB  1 
ATOM   432  C CG1 . VAL A 1 52 ? 13.89115  -5.43449  3.37697   1.000 29.07106  ? 52  VAL A CG1 1 
ATOM   433  C CG2 . VAL A 1 52 ? 12.52244  -7.40000  2.63831   1.000 28.51267  ? 52  VAL A CG2 1 
ATOM   434  N N   . ARG A 1 53 ? 16.99683  -5.94428  1.87823   1.000 21.81899  ? 53  ARG A N   1 
ATOM   435  C CA  . ARG A 1 53 ? 18.30554  -5.48208  2.31873   1.000 19.46516  ? 53  ARG A CA  1 
ATOM   436  C C   . ARG A 1 53 ? 18.18745  -4.05264  2.82836   1.000 21.49270  ? 53  ARG A C   1 
ATOM   437  O O   . ARG A 1 53 ? 17.64454  -3.18398  2.13711   1.000 22.40338  ? 53  ARG A O   1 
ATOM   438  C CB  . ARG A 1 53 ? 19.33619  -5.56385  1.19142   1.000 26.22349  ? 53  ARG A CB  1 
ATOM   439  C CG  . ARG A 1 53 ? 20.74895  -5.23983  1.64583   1.000 35.27547  ? 53  ARG A CG  1 
ATOM   440  C CD  . ARG A 1 53 ? 21.76446  -5.47460  0.54307   1.000 43.09724  ? 53  ARG A CD  1 
ATOM   441  N NE  . ARG A 1 53 ? 21.49479  -4.65712  -0.63476  1.000 65.80733  ? 53  ARG A NE  1 
ATOM   442  C CZ  . ARG A 1 53 ? 21.87367  -3.39035  -0.76550  1.000 77.14277  ? 53  ARG A CZ  1 
ATOM   443  N NH1 . ARG A 1 53 ? 22.53560  -2.79081  0.21429   1.000 66.87285  ? 53  ARG A NH1 1 
ATOM   444  N NH2 . ARG A 1 53 ? 21.58821  -2.72139  -1.87419  1.000 84.64273  ? 53  ARG A NH2 1 
ATOM   445  N N   . ILE A 1 54 ? 18.69127  -3.81705  4.03660   1.000 21.54650  ? 54  ILE A N   1 
ATOM   446  C CA  . ILE A 1 54 ? 18.59110  -2.52613  4.70620   1.000 25.48049  ? 54  ILE A CA  1 
ATOM   447  C C   . ILE A 1 54 ? 19.98557  -2.09810  5.13722   1.000 28.51042  ? 54  ILE A C   1 
ATOM   448  O O   . ILE A 1 54 ? 20.72117  -2.88744  5.73997   1.000 23.45756  ? 54  ILE A O   1 
ATOM   449  C CB  . ILE A 1 54 ? 17.64568  -2.58846  5.92147   1.000 25.32741  ? 54  ILE A CB  1 
ATOM   450  C CG1 . ILE A 1 54 ? 16.22851  -2.95030  5.47892   1.000 24.54452  ? 54  ILE A CG1 1 
ATOM   451  C CG2 . ILE A 1 54 ? 17.64222  -1.26829  6.66580   1.000 25.60607  ? 54  ILE A CG2 1 
ATOM   452  C CD1 . ILE A 1 54 ? 15.26228  -3.13667  6.62694   1.000 43.48669  ? 54  ILE A CD1 1 
ATOM   453  N N   . ARG A 1 55 ? 20.34808  -0.85451  4.82910   1.000 19.72929  ? 55  ARG A N   1 
ATOM   454  C CA  . ARG A 1 55 ? 21.64030  -0.29241  5.20000   1.000 21.84448  ? 55  ARG A CA  1 
ATOM   455  C C   . ARG A 1 55 ? 21.42513  0.96666   6.02761   1.000 29.48244  ? 55  ARG A C   1 
ATOM   456  O O   . ARG A 1 55 ? 20.59253  1.80945   5.67585   1.000 26.37909  ? 55  ARG A O   1 
ATOM   457  C CB  . ARG A 1 55 ? 22.48419  0.02878   3.96123   1.000 31.24140  ? 55  ARG A CB  1 
ATOM   458  C CG  . ARG A 1 55 ? 22.99875  -1.18430  3.20438   1.000 47.78466  ? 55  ARG A CG  1 
ATOM   459  C CD  . ARG A 1 55 ? 24.33076  -0.86701  2.53834   1.000 45.84647  ? 55  ARG A CD  1 
ATOM   460  N NE  . ARG A 1 55 ? 24.24269  0.30028   1.66597   1.000 54.74240  ? 55  ARG A NE  1 
ATOM   461  C CZ  . ARG A 1 55 ? 24.45070  0.27221   0.35361   1.000 70.54623  ? 55  ARG A CZ  1 
ATOM   462  N NH1 . ARG A 1 55 ? 24.77754  -0.86520  -0.24371  1.000 55.72854  ? 55  ARG A NH1 1 
ATOM   463  N NH2 . ARG A 1 55 ? 24.34333  1.38451   -0.36089  1.000 66.65623  ? 55  ARG A NH2 1 
ATOM   464  N N   . HIS A 1 56 ? 22.17527  1.09112   7.12163   1.000 26.66298  ? 56  HIS A N   1 
ATOM   465  C CA  . HIS A 1 56 ? 22.08459  2.26475   7.97959   1.000 27.97653  ? 56  HIS A CA  1 
ATOM   466  C C   . HIS A 1 56 ? 23.34327  2.35323   8.82960   1.000 30.63795  ? 56  HIS A C   1 
ATOM   467  O O   . HIS A 1 56 ? 24.06504  1.36837   9.00993   1.000 30.69378  ? 56  HIS A O   1 
ATOM   468  C CB  . HIS A 1 56 ? 20.83600  2.22011   8.86809   1.000 25.18319  ? 56  HIS A CB  1 
ATOM   469  C CG  . HIS A 1 56 ? 20.42356  3.55824   9.40075   1.000 32.32000  ? 56  HIS A CG  1 
ATOM   470  N ND1 . HIS A 1 56 ? 20.52084  3.89118   10.73203  1.000 41.30506  ? 56  HIS A ND1 1 
ATOM   471  C CD2 . HIS A 1 56 ? 19.91512  4.64482   8.77272   1.000 46.86951  ? 56  HIS A CD2 1 
ATOM   472  C CE1 . HIS A 1 56 ? 20.08459  5.12883   10.90590  1.000 44.74263  ? 56  HIS A CE1 1 
ATOM   473  N NE2 . HIS A 1 56 ? 19.71253  5.60617   9.73438   1.000 41.47414  ? 56  HIS A NE2 1 
ATOM   474  N N   . ASP A 1 57 ? 23.58899  3.55381   9.35643   1.000 28.20755  ? 57  ASP A N   1 
ATOM   475  C CA  . ASP A 1 57 ? 24.75897  3.79924   10.19079  1.000 33.89615  ? 57  ASP A CA  1 
ATOM   476  C C   . ASP A 1 57 ? 24.51679  3.50310   11.66653  1.000 39.82411  ? 57  ASP A C   1 
ATOM   477  O O   . ASP A 1 57 ? 25.46264  3.14471   12.37968  1.000 48.34992  ? 57  ASP A O   1 
ATOM   478  C CB  . ASP A 1 57 ? 25.22327  5.25272   10.03601  1.000 46.19216  ? 57  ASP A CB  1 
ATOM   479  C CG  . ASP A 1 57 ? 25.55031  5.61514   8.59731   1.000 69.41129  ? 57  ASP A CG  1 
ATOM   480  O OD1 . ASP A 1 57 ? 24.80512  6.41787   7.99883   1.000 81.56032  ? 57  ASP A OD1 1 
ATOM   481  O OD2 . ASP A 1 57 ? 26.54703  5.08781   8.06368   1.000 66.10261  ? 57  ASP A OD2 1 
ATOM   482  N N   . ASP A 1 58 ? 23.27869  3.64204   12.14113  1.000 36.53689  ? 58  ASP A N   1 
ATOM   483  C CA  . ASP A 1 58 ? 22.94959  3.49910   13.55700  1.000 35.17051  ? 58  ASP A CA  1 
ATOM   484  C C   . ASP A 1 58 ? 22.43730  2.08576   13.81591  1.000 37.88397  ? 58  ASP A C   1 
ATOM   485  O O   . ASP A 1 58 ? 21.37688  1.69970   13.31242  1.000 33.59686  ? 58  ASP A O   1 
ATOM   486  C CB  . ASP A 1 58 ? 21.91673  4.54361   13.97624  1.000 51.87957  ? 58  ASP A CB  1 
ATOM   487  C CG  . ASP A 1 58 ? 21.53740  4.43641   15.44141  1.000 49.28084  ? 58  ASP A CG  1 
ATOM   488  O OD1 . ASP A 1 58 ? 22.44457  4.48835   16.29887  1.000 64.88928  ? 58  ASP A OD1 1 
ATOM   489  O OD2 . ASP A 1 58 ? 20.33001  4.31475   15.73422  1.000 60.87692  ? 58  ASP A OD2 1 
ATOM   490  N N   . LYS A 1 59 ? 23.18749  1.31999   14.61458  1.000 34.47615  ? 59  LYS A N   1 
ATOM   491  C CA  . LYS A 1 59 ? 22.78756  -0.05128  14.91731  1.000 40.50393  ? 59  LYS A CA  1 
ATOM   492  C C   . LYS A 1 59 ? 21.51389  -0.09783  15.75293  1.000 37.85414  ? 59  LYS A C   1 
ATOM   493  O O   . LYS A 1 59 ? 20.72914  -1.04504  15.62683  1.000 33.32420  ? 59  LYS A O   1 
ATOM   494  C CB  . LYS A 1 59 ? 23.92196  -0.78765  15.63321  1.000 48.06529  ? 59  LYS A CB  1 
ATOM   495  C CG  . LYS A 1 59 ? 23.68210  -2.28116  15.80954  1.000 62.29605  ? 59  LYS A CG  1 
ATOM   496  C CD  . LYS A 1 59 ? 24.90548  -2.97963  16.38144  1.000 78.84152  ? 59  LYS A CD  1 
ATOM   497  N N   . GLU A 1 60 ? 21.28897  0.90798   16.60237  1.000 38.51176  ? 60  GLU A N   1 
ATOM   498  C CA  . GLU A 1 60 ? 20.05472  0.95872   17.38166  1.000 42.80816  ? 60  GLU A CA  1 
ATOM   499  C C   . GLU A 1 60 ? 18.84097  1.08274   16.46928  1.000 36.19808  ? 60  GLU A C   1 
ATOM   500  O O   . GLU A 1 60 ? 17.82742  0.40164   16.66661  1.000 33.68671  ? 60  GLU A O   1 
ATOM   501  C CB  . GLU A 1 60 ? 20.10422  2.12401   18.37037  1.000 49.97942  ? 60  GLU A CB  1 
ATOM   502  C CG  . GLU A 1 60 ? 18.91757  2.18200   19.31740  1.000 65.62080  ? 60  GLU A CG  1 
ATOM   503  C CD  . GLU A 1 60 ? 18.86269  3.47675   20.10357  1.000 80.48000  ? 60  GLU A CD  1 
ATOM   504  O OE1 . GLU A 1 60 ? 18.35656  4.48247   19.56133  1.000 82.32353  ? 60  GLU A OE1 1 
ATOM   505  O OE2 . GLU A 1 60 ? 19.33199  3.49070   21.26116  1.000 84.40146  ? 60  GLU A OE2 1 
ATOM   506  N N   . THR A 1 61 ? 18.92618  1.95896   15.46541  1.000 31.46742  ? 61  THR A N   1 
ATOM   507  C CA  . THR A 1 61 ? 17.85488  2.07360   14.48079  1.000 38.19935  ? 61  THR A CA  1 
ATOM   508  C C   . THR A 1 61 ? 17.65979  0.76400   13.72860  1.000 33.28071  ? 61  THR A C   1 
ATOM   509  O O   . THR A 1 61 ? 16.52366  0.33340   13.49531  1.000 29.70621  ? 61  THR A O   1 
ATOM   510  C CB  . THR A 1 61 ? 18.16661  3.20849   13.50393  1.000 38.78547  ? 61  THR A CB  1 
ATOM   511  O OG1 . THR A 1 61 ? 18.19036  4.45612   14.20772  1.000 46.51931  ? 61  THR A OG1 1 
ATOM   512  C CG2 . THR A 1 61 ? 17.12754  3.27300   12.39606  1.000 41.38603  ? 61  THR A CG2 1 
ATOM   513  N N   . ILE A 1 62 ? 18.76162  0.11147   13.35432  1.000 30.78435  ? 62  ILE A N   1 
ATOM   514  C CA  . ILE A 1 62 ? 18.68433  -1.13248  12.59376  1.000 27.63471  ? 62  ILE A CA  1 
ATOM   515  C C   . ILE A 1 62 ? 17.98160  -2.21436  13.40571  1.000 28.51692  ? 62  ILE A C   1 
ATOM   516  O O   . ILE A 1 62 ? 17.07330  -2.89236  12.91216  1.000 30.11548  ? 62  ILE A O   1 
ATOM   517  C CB  . ILE A 1 62 ? 20.09375  -1.57205  12.15521  1.000 38.18010  ? 62  ILE A CB  1 
ATOM   518  C CG1 . ILE A 1 62 ? 20.44737  -0.95985  10.79837  1.000 43.47520  ? 62  ILE A CG1 1 
ATOM   519  C CG2 . ILE A 1 62 ? 20.20627  -3.08449  12.11647  1.000 47.94104  ? 62  ILE A CG2 1 
ATOM   520  C CD1 . ILE A 1 62 ? 19.58536  -1.46074  9.66612   1.000 38.98831  ? 62  ILE A CD1 1 
ATOM   521  N N   . GLU A 1 63 ? 18.38316  -2.38612  14.66838  1.000 26.69406  ? 63  GLU A N   1 
ATOM   522  C CA  . GLU A 1 63 ? 17.79906  -3.44766  15.48268  1.000 29.60366  ? 63  GLU A CA  1 
ATOM   523  C C   . GLU A 1 63 ? 16.32900  -3.17616  15.77741  1.000 27.46088  ? 63  GLU A C   1 
ATOM   524  O O   . GLU A 1 63 ? 15.51535  -4.10666  15.80563  1.000 31.40543  ? 63  GLU A O   1 
ATOM   525  C CB  . GLU A 1 63 ? 18.58665  -3.61299  16.78213  1.000 41.45901  ? 63  GLU A CB  1 
ATOM   526  C CG  . GLU A 1 63 ? 20.04741  -3.97884  16.58107  1.000 56.19078  ? 63  GLU A CG  1 
ATOM   527  C CD  . GLU A 1 63 ? 20.75787  -4.27603  17.88649  1.000 80.61612  ? 63  GLU A CD  1 
ATOM   528  O OE1 . GLU A 1 63 ? 20.47993  -5.33514  18.48777  1.000 97.28860  ? 63  GLU A OE1 1 
ATOM   529  O OE2 . GLU A 1 63 ? 21.58630  -3.44577  18.31658  1.000 79.42562  ? 63  GLU A OE2 1 
ATOM   530  N N   . ARG A 1 64 ? 15.96975  -1.90988  15.99991  1.000 30.85418  ? 64  ARG A N   1 
ATOM   531  C CA  . ARG A 1 64 ? 14.56950  -1.57237  16.23398  1.000 35.66732  ? 64  ARG A CA  1 
ATOM   532  C C   . ARG A 1 64 ? 13.72742  -1.82796  14.99038  1.000 35.82377  ? 64  ARG A C   1 
ATOM   533  O O   . ARG A 1 64 ? 12.61459  -2.36034  15.08187  1.000 34.07742  ? 64  ARG A O   1 
ATOM   534  C CB  . ARG A 1 64 ? 14.44828  -0.11317  16.67515  1.000 38.73739  ? 64  ARG A CB  1 
ATOM   535  C CG  . ARG A 1 64 ? 13.01402  0.36993   16.82658  1.000 42.36345  ? 64  ARG A CG  1 
ATOM   536  C CD  . ARG A 1 64 ? 12.94497  1.79820   17.35386  1.000 43.31134  ? 64  ARG A CD  1 
ATOM   537  N NE  . ARG A 1 64 ? 13.56226  2.76540   16.45003  1.000 44.31922  ? 64  ARG A NE  1 
ATOM   538  C CZ  . ARG A 1 64 ? 14.75194  3.32442   16.64919  1.000 45.56378  ? 64  ARG A CZ  1 
ATOM   539  N NH1 . ARG A 1 64 ? 15.46110  3.01641   17.72644  1.000 45.36690  ? 64  ARG A NH1 1 
ATOM   540  N NH2 . ARG A 1 64 ? 15.23153  4.19550   15.77211  1.000 48.19105  ? 64  ARG A NH2 1 
ATOM   541  N N   . LEU A 1 65 ? 14.24747  -1.46302  13.81648  1.000 25.80375  ? 65  LEU A N   1 
ATOM   542  C CA  . LEU A 1 65 ? 13.49605  -1.64981  12.58000  1.000 29.29289  ? 65  LEU A CA  1 
ATOM   543  C C   . LEU A 1 65 ? 13.34523  -3.12686  12.23659  1.000 29.32870  ? 65  LEU A C   1 
ATOM   544  O O   . LEU A 1 65 ? 12.29285  -3.54999  11.74409  1.000 31.05859  ? 65  LEU A O   1 
ATOM   545  C CB  . LEU A 1 65 ? 14.17955  -0.89624  11.43969  1.000 26.16611  ? 65  LEU A CB  1 
ATOM   546  C CG  . LEU A 1 65 ? 13.53939  -1.00603  10.05588  1.000 37.20779  ? 65  LEU A CG  1 
ATOM   547  C CD1 . LEU A 1 65 ? 12.08553  -0.57022  10.10570  1.000 30.70181  ? 65  LEU A CD1 1 
ATOM   548  C CD2 . LEU A 1 65 ? 14.31544  -0.17654  9.04606   1.000 27.06644  ? 65  LEU A CD2 1 
ATOM   549  N N   . VAL A 1 66 ? 14.38168  -3.92734  12.49397  1.000 28.55520  ? 66  VAL A N   1 
ATOM   550  C CA  . VAL A 1 66 ? 14.32113  -5.35306  12.17812  1.000 26.22775  ? 66  VAL A CA  1 
ATOM   551  C C   . VAL A 1 66 ? 13.26017  -6.04413  13.02732  1.000 29.17360  ? 66  VAL A C   1 
ATOM   552  O O   . VAL A 1 66 ? 12.45084  -6.83164  12.52259  1.000 25.51818  ? 66  VAL A O   1 
ATOM   553  C CB  . VAL A 1 66 ? 15.70570  -6.00111  12.36093  1.000 33.79237  ? 66  VAL A CB  1 
ATOM   554  C CG1 . VAL A 1 66 ? 15.58590  -7.51472  12.39314  1.000 32.55117  ? 66  VAL A CG1 1 
ATOM   555  C CG2 . VAL A 1 66 ? 16.64032  -5.56718  11.24274  1.000 36.20497  ? 66  VAL A CG2 1 
ATOM   556  N N   . GLU A 1 67 ? 13.24364  -5.75507  14.33148  1.000 30.46405  ? 67  GLU A N   1 
ATOM   557  C CA  . GLU A 1 67 ? 12.26446  -6.38627  15.21230  1.000 36.48220  ? 67  GLU A CA  1 
ATOM   558  C C   . GLU A 1 67 ? 10.84339  -5.98999  14.83692  1.000 24.98549  ? 67  GLU A C   1 
ATOM   559  O O   . GLU A 1 67 ? 9.91860   -6.80532  14.92949  1.000 30.16551  ? 67  GLU A O   1 
ATOM   560  C CB  . GLU A 1 67 ? 12.55235  -6.02355  16.66876  1.000 37.50087  ? 67  GLU A CB  1 
ATOM   561  C CG  . GLU A 1 67 ? 13.87528  -6.55522  17.17845  1.000 44.06454  ? 67  GLU A CG  1 
ATOM   562  C CD  . GLU A 1 67 ? 14.00365  -8.05423  16.99649  1.000 57.96030  ? 67  GLU A CD  1 
ATOM   563  O OE1 . GLU A 1 67 ? 13.00265  -8.77117  17.21150  1.000 63.76102  ? 67  GLU A OE1 1 
ATOM   564  O OE2 . GLU A 1 67 ? 15.10469  -8.51530  16.62963  1.000 62.60651  ? 67  GLU A OE2 1 
ATOM   565  N N   . ARG A 1 68 ? 10.64823  -4.74106  14.41353  1.000 25.36158  ? 68  ARG A N   1 
ATOM   566  C CA  . ARG A 1 68 ? 9.31625   -4.30620  14.01042  1.000 33.81495  ? 68  ARG A CA  1 
ATOM   567  C C   . ARG A 1 68 ? 8.89514   -4.97564  12.70803  1.000 34.56167  ? 68  ARG A C   1 
ATOM   568  O O   . ARG A 1 68 ? 7.72588   -5.34227  12.54075  1.000 31.15255  ? 68  ARG A O   1 
ATOM   569  C CB  . ARG A 1 68 ? 9.28221   -2.78336  13.88217  1.000 34.75773  ? 68  ARG A CB  1 
ATOM   570  C CG  . ARG A 1 68 ? 7.92511   -2.17284  14.18601  1.000 55.86249  ? 68  ARG A CG  1 
ATOM   571  C CD  . ARG A 1 68 ? 8.00914   -0.66343  14.36113  1.000 53.23516  ? 68  ARG A CD  1 
ATOM   572  N NE  . ARG A 1 68 ? 8.27384   0.03141   13.10415  1.000 74.24808  ? 68  ARG A NE  1 
ATOM   573  C CZ  . ARG A 1 68 ? 9.43207   0.60367   12.79153  1.000 59.52001  ? 68  ARG A CZ  1 
ATOM   574  N NH1 . ARG A 1 68 ? 10.44425  0.57378   13.64788  1.000 57.87789  ? 68  ARG A NH1 1 
ATOM   575  N NH2 . ARG A 1 68 ? 9.57598   1.21277   11.62275  1.000 48.33172  ? 68  ARG A NH2 1 
ATOM   576  N N   . ILE A 1 69 ? 9.83915   -5.15372  11.78038  1.000 26.58278  ? 69  ILE A N   1 
ATOM   577  C CA  . ILE A 1 69 ? 9.54689   -5.86186  10.53706  1.000 22.80071  ? 69  ILE A CA  1 
ATOM   578  C C   . ILE A 1 69 ? 9.17951   -7.31171  10.82421  1.000 24.78940  ? 69  ILE A C   1 
ATOM   579  O O   . ILE A 1 69 ? 8.22101   -7.84962  10.25620  1.000 28.83459  ? 69  ILE A O   1 
ATOM   580  C CB  . ILE A 1 69 ? 10.74521  -5.75762  9.57354   1.000 28.04350  ? 69  ILE A CB  1 
ATOM   581  C CG1 . ILE A 1 69 ? 10.86047  -4.33741  9.01629   1.000 26.98159  ? 69  ILE A CG1 1 
ATOM   582  C CG2 . ILE A 1 69 ? 10.62431  -6.77623  8.44757   1.000 27.70113  ? 69  ILE A CG2 1 
ATOM   583  C CD1 . ILE A 1 69 ? 12.09489  -4.11265  8.17207   1.000 28.12824  ? 69  ILE A CD1 1 
ATOM   584  N N   . LEU A 1 70 ? 9.92443   -7.96393  11.72109  1.000 25.40404  ? 70  LEU A N   1 
ATOM   585  C CA  . LEU A 1 70 ? 9.64276   -9.36128  12.03451  1.000 25.52643  ? 70  LEU A CA  1 
ATOM   586  C C   . LEU A 1 70 ? 8.26425   -9.52071  12.66450  1.000 31.68080  ? 70  LEU A C   1 
ATOM   587  O O   . LEU A 1 70 ? 7.57045   -10.51166 12.40915  1.000 28.24594  ? 70  LEU A O   1 
ATOM   588  C CB  . LEU A 1 70 ? 10.72325  -9.92658  12.95565  1.000 27.62021  ? 70  LEU A CB  1 
ATOM   589  C CG  . LEU A 1 70 ? 12.13327  -9.98119  12.36222  1.000 29.83269  ? 70  LEU A CG  1 
ATOM   590  C CD1 . LEU A 1 70 ? 13.09681  -10.67376 13.31164  1.000 43.46777  ? 70  LEU A CD1 1 
ATOM   591  C CD2 . LEU A 1 70 ? 12.11947  -10.66721 11.00675  1.000 39.93890  ? 70  LEU A CD2 1 
ATOM   592  N N   . ARG A 1 71 ? 7.84725   -8.55619  13.49023  1.000 35.73246  ? 71  ARG A N   1 
ATOM   593  C CA  A ARG A 1 71 ? 6.51261   -8.63192  14.07736  0.474 33.61717  ? 71  ARG A CA  1 
ATOM   594  C CA  B ARG A 1 71 ? 6.51166   -8.61865  14.08009  0.526 33.62748  ? 71  ARG A CA  1 
ATOM   595  C C   . ARG A 1 71 ? 5.43304   -8.44896  13.01461  1.000 28.03702  ? 71  ARG A C   1 
ATOM   596  O O   . ARG A 1 71 ? 4.40387   -9.13570  13.05022  1.000 34.00208  ? 71  ARG A O   1 
ATOM   597  C CB  A ARG A 1 71 ? 6.36139   -7.59425  15.18998  0.474 34.75719  ? 71  ARG A CB  1 
ATOM   598  C CB  B ARG A 1 71 ? 6.35607   -7.55051  15.16247  0.526 34.65020  ? 71  ARG A CB  1 
ATOM   599  C CG  A ARG A 1 71 ? 6.82323   -8.09376  16.55165  0.474 41.71466  ? 71  ARG A CG  1 
ATOM   600  C CG  B ARG A 1 71 ? 7.24952   -7.73257  16.37947  0.526 39.00949  ? 71  ARG A CG  1 
ATOM   601  C CD  A ARG A 1 71 ? 6.54875   -7.09472  17.66882  0.474 50.15283  ? 71  ARG A CD  1 
ATOM   602  C CD  B ARG A 1 71 ? 6.85571   -6.75357  17.47684  0.526 49.85334  ? 71  ARG A CD  1 
ATOM   603  N NE  A ARG A 1 71 ? 7.66712   -6.18118  17.88857  0.474 52.15306  ? 71  ARG A NE  1 
ATOM   604  N NE  B ARG A 1 71 ? 7.92772   -6.54651  18.44543  0.526 52.53025  ? 71  ARG A NE  1 
ATOM   605  C CZ  A ARG A 1 71 ? 7.67122   -4.90192  17.52880  0.474 46.12787  ? 71  ARG A CZ  1 
ATOM   606  C CZ  B ARG A 1 71 ? 8.78133   -5.52845  18.40354  0.526 44.90225  ? 71  ARG A CZ  1 
ATOM   607  N NH1 A ARG A 1 71 ? 6.61010   -4.37634  16.93283  0.474 41.42745  ? 71  ARG A NH1 1 
ATOM   608  N NH1 B ARG A 1 71 ? 9.72883   -5.41537  19.32468  0.526 51.44664  ? 71  ARG A NH1 1 
ATOM   609  N NH2 A ARG A 1 71 ? 8.73390   -4.14542  17.77038  0.474 40.97501  ? 71  ARG A NH2 1 
ATOM   610  N NH2 B ARG A 1 71 ? 8.68488   -4.61993  17.44137  0.526 46.64322  ? 71  ARG A NH2 1 
ATOM   611  N N   . GLU A 1 72 ? 5.65243   -7.54220  12.06361  1.000 27.55125  ? 72  GLU A N   1 
ATOM   612  C CA  . GLU A 1 72 ? 4.67634   -7.34996  10.99579  1.000 36.14674  ? 72  GLU A CA  1 
ATOM   613  C C   . GLU A 1 72 ? 4.61793   -8.55648  10.06924  1.000 35.56818  ? 72  GLU A C   1 
ATOM   614  O O   . GLU A 1 72 ? 3.54559   -8.88602  9.54869   1.000 33.63234  ? 72  GLU A O   1 
ATOM   615  C CB  . GLU A 1 72 ? 5.00269   -6.08432  10.20313  1.000 38.09302  ? 72  GLU A CB  1 
ATOM   616  C CG  . GLU A 1 72 ? 4.93568   -4.80531  11.02052  1.000 46.39596  ? 72  GLU A CG  1 
ATOM   617  C CD  . GLU A 1 72 ? 3.54435   -4.51997  11.55833  1.000 68.35256  ? 72  GLU A CD  1 
ATOM   618  O OE1 . GLU A 1 72 ? 2.55630   -4.97828  10.94557  1.000 55.05995  ? 72  GLU A OE1 1 
ATOM   619  O OE2 . GLU A 1 72 ? 3.43931   -3.83571  12.59810  1.000 76.03227  ? 72  GLU A OE2 1 
ATOM   620  N N   . ILE A 1 73 ? 5.75401   -9.22269  9.85071   1.000 30.80720  ? 73  ILE A N   1 
ATOM   621  C CA  . ILE A 1 73 ? 5.75770   -10.44754 9.05591   1.000 28.89284  ? 73  ILE A CA  1 
ATOM   622  C C   . ILE A 1 73 ? 4.92804   -11.52552 9.74004   1.000 33.17088  ? 73  ILE A C   1 
ATOM   623  O O   . ILE A 1 73 ? 4.15454   -12.24231 9.09244   1.000 36.77247  ? 73  ILE A O   1 
ATOM   624  C CB  . ILE A 1 73 ? 7.20322   -10.91881 8.80958   1.000 31.07871  ? 73  ILE A CB  1 
ATOM   625  C CG1 . ILE A 1 73 ? 7.94621   -9.93316  7.90528   1.000 28.08274  ? 73  ILE A CG1 1 
ATOM   626  C CG2 . ILE A 1 73 ? 7.21748   -12.31185 8.20617   1.000 34.77635  ? 73  ILE A CG2 1 
ATOM   627  C CD1 . ILE A 1 73 ? 9.42562   -10.22660 7.78055   1.000 31.69584  ? 73  ILE A CD1 1 
ATOM   628  N N   . LYS A 1 74 ? 5.06515   -11.64845 11.06226  1.000 33.75828  ? 74  LYS A N   1 
ATOM   629  C CA  . LYS A 1 74 ? 4.34605   -12.68856 11.78808  1.000 37.10687  ? 74  LYS A CA  1 
ATOM   630  C C   . LYS A 1 74 ? 2.84725   -12.41958 11.82168  1.000 44.82367  ? 74  LYS A C   1 
ATOM   631  O O   . LYS A 1 74 ? 2.05117   -13.36506 11.83345  1.000 51.60078  ? 74  LYS A O   1 
ATOM   632  C CB  . LYS A 1 74 ? 4.89791   -12.81181 13.20792  1.000 47.62938  ? 74  LYS A CB  1 
ATOM   633  C CG  . LYS A 1 74 ? 4.87879   -14.22740 13.75448  1.000 59.85466  ? 74  LYS A CG  1 
ATOM   634  C CD  . LYS A 1 74 ? 5.79453   -15.13236 12.94567  1.000 64.13381  ? 74  LYS A CD  1 
ATOM   635  C CE  . LYS A 1 74 ? 7.23314   -14.63909 12.98908  1.000 66.37374  ? 74  LYS A CE  1 
ATOM   636  N NZ  . LYS A 1 74 ? 8.13788   -15.47130 12.14785  1.000 56.38424  ? 74  LYS A NZ  1 
ATOM   637  N N   . LYS A 1 75 ? 2.44351   -11.14659 11.83640  1.000 39.45581  ? 75  LYS A N   1 
ATOM   638  C CA  . LYS A 1 75 ? 1.02030   -10.82586 11.81579  1.000 57.30382  ? 75  LYS A CA  1 
ATOM   639  C C   . LYS A 1 75 ? 0.38367   -11.18026 10.47769  1.000 49.17667  ? 75  LYS A C   1 
ATOM   640  O O   . LYS A 1 75 ? -0.78641  -11.57577 10.43537  1.000 47.54743  ? 75  LYS A O   1 
ATOM   641  C CB  . LYS A 1 75 ? 0.80972   -9.34419  12.12870  1.000 48.80801  ? 75  LYS A CB  1 
ATOM   642  N N   . LEU A 1 76 ? 1.13119   -11.04819 9.37974   1.000 42.78866  ? 76  LEU A N   1 
ATOM   643  C CA  . LEU A 1 76 ? 0.59350   -11.40747 8.07137   1.000 41.60165  ? 76  LEU A CA  1 
ATOM   644  C C   . LEU A 1 76 ? 0.55220   -12.91872 7.88602   1.000 47.45915  ? 76  LEU A C   1 
ATOM   645  O O   . LEU A 1 76 ? -0.38594  -13.45029 7.28087   1.000 54.89410  ? 76  LEU A O   1 
ATOM   646  C CB  . LEU A 1 76 ? 1.42396   -10.75472 6.96739   1.000 36.77777  ? 76  LEU A CB  1 
ATOM   647  C CG  . LEU A 1 76 ? 1.28365   -9.23804  6.83219   1.000 44.40721  ? 76  LEU A CG  1 
ATOM   648  C CD1 . LEU A 1 76 ? 2.36588   -8.67934  5.92695   1.000 39.35677  ? 76  LEU A CD1 1 
ATOM   649  C CD2 . LEU A 1 76 ? -0.09327  -8.87815  6.30134   1.000 47.20092  ? 76  LEU A CD2 1 
ATOM   650  N N   . ASP A 1 77 ? 1.55723   -13.62529 8.39887   1.000 42.82952  ? 77  ASP A N   1 
ATOM   651  C CA  . ASP A 1 77 ? 1.61732   -15.07957 8.27650   1.000 50.09841  ? 77  ASP A CA  1 
ATOM   652  C C   . ASP A 1 77 ? 2.38987   -15.61412 9.47327   1.000 48.42048  ? 77  ASP A C   1 
ATOM   653  O O   . ASP A 1 77 ? 3.59503   -15.37408 9.59336   1.000 44.85478  ? 77  ASP A O   1 
ATOM   654  C CB  . ASP A 1 77 ? 2.27286   -15.49459 6.96164   1.000 60.25811  ? 77  ASP A CB  1 
ATOM   655  C CG  . ASP A 1 77 ? 2.27112   -16.99903 6.75229   1.000 75.13085  ? 77  ASP A CG  1 
ATOM   656  O OD1 . ASP A 1 77 ? 1.61218   -17.71621 7.53425   1.000 53.95826  ? 77  ASP A OD1 1 
ATOM   657  O OD2 . ASP A 1 77 ? 2.93419   -17.46433 5.80143   1.000 78.08964  ? 77  ASP A OD2 1 
ATOM   658  N N   . LYS A 1 78 ? 1.69144   -16.33763 10.35090  1.000 43.60526  ? 78  LYS A N   1 
ATOM   659  C CA  . LYS A 1 78 ? 2.31903   -16.87386 11.55382  1.000 55.49127  ? 78  LYS A CA  1 
ATOM   660  C C   . LYS A 1 78 ? 3.40188   -17.89386 11.22292  1.000 55.75809  ? 78  LYS A C   1 
ATOM   661  O O   . LYS A 1 78 ? 4.41112   -17.98052 11.93266  1.000 55.34984  ? 78  LYS A O   1 
ATOM   662  C CB  . LYS A 1 78 ? 1.24475   -17.49091 12.45226  1.000 63.04714  ? 78  LYS A CB  1 
ATOM   663  C CG  . LYS A 1 78 ? 1.74643   -18.47874 13.49152  1.000 65.26041  ? 78  LYS A CG  1 
ATOM   664  C CD  . LYS A 1 78 ? 0.58111   -19.06825 14.27130  1.000 75.98734  ? 78  LYS A CD  1 
ATOM   665  C CE  . LYS A 1 78 ? -0.47208  -19.64412 13.33440  1.000 78.82663  ? 78  LYS A CE  1 
ATOM   666  N NZ  . LYS A 1 78 ? -1.67662  -20.12067 14.06894  1.000 85.11948  ? 78  LYS A NZ  1 
ATOM   667  N N   . ASN A 1 79 ? 3.22344   -18.65901 10.14665  1.000 45.67366  ? 79  ASN A N   1 
ATOM   668  C CA  . ASN A 1 79 ? 4.14445   -19.72527 9.78003   1.000 59.53387  ? 79  ASN A CA  1 
ATOM   669  C C   . ASN A 1 79 ? 5.22601   -19.27084 8.80325   1.000 52.54330  ? 79  ASN A C   1 
ATOM   670  O O   . ASN A 1 79 ? 5.81598   -20.11129 8.11446   1.000 46.44385  ? 79  ASN A O   1 
ATOM   671  C CB  . ASN A 1 79 ? 3.36920   -20.90488 9.18905   1.000 62.36943  ? 79  ASN A CB  1 
ATOM   672  C CG  . ASN A 1 79 ? 2.36951   -21.49185 10.16486  1.000 57.42754  ? 79  ASN A CG  1 
ATOM   673  O OD1 . ASN A 1 79 ? 2.62972   -21.57080 11.36545  1.000 56.15140  ? 79  ASN A OD1 1 
ATOM   674  N ND2 . ASN A 1 79 ? 1.21575   -21.90507 9.65326   1.000 72.94028  ? 79  ASN A ND2 1 
ATOM   675  N N   . SER A 1 80 ? 5.50252   -17.97121 8.72983   1.000 49.21338  ? 80  SER A N   1 
ATOM   676  C CA  . SER A 1 80 ? 6.51604   -17.47650 7.80683   1.000 53.25247  ? 80  SER A CA  1 
ATOM   677  C C   . SER A 1 80 ? 7.90994   -17.89019 8.26208   1.000 43.45414  ? 80  SER A C   1 
ATOM   678  O O   . SER A 1 80 ? 8.26921   -17.73010 9.43262   1.000 51.24579  ? 80  SER A O   1 
ATOM   679  C CB  . SER A 1 80 ? 6.43466   -15.95578 7.68639   1.000 49.63564  ? 80  SER A CB  1 
ATOM   680  O OG  . SER A 1 80 ? 5.40969   -15.56906 6.79009   1.000 59.27574  ? 80  SER A OG  1 
ATOM   681  N N   . GLU A 1 81 ? 8.69198   -18.42495 7.32867   1.000 39.71982  ? 81  GLU A N   1 
ATOM   682  C CA  . GLU A 1 81 ? 10.08869  -18.76260 7.56833   1.000 34.19184  ? 81  GLU A CA  1 
ATOM   683  C C   . GLU A 1 81 ? 10.94056  -17.54773 7.21480   1.000 29.18401  ? 81  GLU A C   1 
ATOM   684  O O   . GLU A 1 81 ? 10.92548  -17.08927 6.06795   1.000 30.35906  ? 81  GLU A O   1 
ATOM   685  C CB  . GLU A 1 81 ? 10.49212  -19.97699 6.73303   1.000 47.13915  ? 81  GLU A CB  1 
ATOM   686  C CG  . GLU A 1 81 ? 11.31368  -21.01896 7.47203   1.000 63.52718  ? 81  GLU A CG  1 
ATOM   687  C CD  . GLU A 1 81 ? 11.58838  -22.24553 6.62021   1.000 76.06814  ? 81  GLU A CD  1 
ATOM   688  O OE1 . GLU A 1 81 ? 10.61776  -22.87740 6.14984   1.000 73.71782  ? 81  GLU A OE1 1 
ATOM   689  O OE2 . GLU A 1 81 ? 12.77612  -22.56978 6.40934   1.000 77.79879  ? 81  GLU A OE2 1 
ATOM   690  N N   . VAL A 1 82 ? 11.67364  -17.03390 8.20085   1.000 29.02038  ? 82  VAL A N   1 
ATOM   691  C CA  . VAL A 1 82 ? 12.46837  -15.82136 8.05235   1.000 22.89827  ? 82  VAL A CA  1 
ATOM   692  C C   . VAL A 1 82 ? 13.90421  -16.11614 8.46092   1.000 24.99665  ? 82  VAL A C   1 
ATOM   693  O O   . VAL A 1 82 ? 14.14883  -16.77296 9.47879   1.000 28.79941  ? 82  VAL A O   1 
ATOM   694  C CB  . VAL A 1 82 ? 11.89780  -14.66134 8.89576   1.000 27.01507  ? 82  VAL A CB  1 
ATOM   695  C CG1 . VAL A 1 82 ? 12.71563  -13.39799 8.68268   1.000 26.19413  ? 82  VAL A CG1 1 
ATOM   696  C CG2 . VAL A 1 82 ? 10.43647  -14.42210 8.55433   1.000 26.19408  ? 82  VAL A CG2 1 
ATOM   697  N N   . GLU A 1 83 ? 14.85333  -15.62978 7.66501   1.000 21.09003  ? 83  GLU A N   1 
ATOM   698  C CA  . GLU A 1 83 ? 16.27147  -15.71192 7.98705   1.000 25.64266  ? 83  GLU A CA  1 
ATOM   699  C C   . GLU A 1 83 ? 16.84987  -14.30570 7.94775   1.000 21.85275  ? 83  GLU A C   1 
ATOM   700  O O   . GLU A 1 83 ? 16.61386  -13.56266 6.98975   1.000 23.61526  ? 83  GLU A O   1 
ATOM   701  C CB  . GLU A 1 83 ? 17.01934  -16.62178 7.00780   1.000 27.72218  ? 83  GLU A CB  1 
ATOM   702  C CG  . GLU A 1 83 ? 18.46280  -16.90405 7.40770   1.000 41.39492  ? 83  GLU A CG  1 
ATOM   703  C CD  . GLU A 1 83 ? 19.21985  -17.70519 6.36356   1.000 59.34455  ? 83  GLU A CD  1 
ATOM   704  O OE1 . GLU A 1 83 ? 19.41018  -17.19310 5.23994   1.000 62.83256  ? 83  GLU A OE1 1 
ATOM   705  O OE2 . GLU A 1 83 ? 19.61969  -18.84988 6.66581   1.000 69.41437  ? 83  GLU A OE2 1 
ATOM   706  N N   . VAL A 1 84 ? 17.59784  -13.94057 8.98532   1.000 21.35673  ? 84  VAL A N   1 
ATOM   707  C CA  . VAL A 1 84 ? 18.14400  -12.59651 9.13201   1.000 20.02061  ? 84  VAL A CA  1 
ATOM   708  C C   . VAL A 1 84 ? 19.66143  -12.69047 9.16042   1.000 19.03212  ? 84  VAL A C   1 
ATOM   709  O O   . VAL A 1 84 ? 20.22574  -13.46083 9.94570   1.000 22.03483  ? 84  VAL A O   1 
ATOM   710  C CB  . VAL A 1 84 ? 17.61919  -11.90469 10.40256  1.000 22.43241  ? 84  VAL A CB  1 
ATOM   711  C CG1 . VAL A 1 84 ? 18.22327  -10.51452 10.53910  1.000 26.29608  ? 84  VAL A CG1 1 
ATOM   712  C CG2 . VAL A 1 84 ? 16.09923  -11.83242 10.37512  1.000 24.64860  ? 84  VAL A CG2 1 
ATOM   713  N N   . ARG A 1 85 ? 20.31603  -11.90246 8.31041   1.000 14.23415  ? 85  ARG A N   1 
ATOM   714  C CA  . ARG A 1 85 ? 21.77125  -11.84194 8.25013   1.000 17.35107  ? 85  ARG A CA  1 
ATOM   715  C C   . ARG A 1 85 ? 22.19817  -10.39834 8.46298   1.000 21.45241  ? 85  ARG A C   1 
ATOM   716  O O   . ARG A 1 85 ? 21.79177  -9.51236  7.70481   1.000 21.38069  ? 85  ARG A O   1 
ATOM   717  C CB  . ARG A 1 85 ? 22.29336  -12.37101 6.91187   1.000 21.16490  ? 85  ARG A CB  1 
ATOM   718  C CG  . ARG A 1 85 ? 23.79501  -12.57108 6.88227   1.000 33.33358  ? 85  ARG A CG  1 
ATOM   719  C CD  . ARG A 1 85 ? 24.22236  -13.41498 5.69434   1.000 43.32718  ? 85  ARG A CD  1 
ATOM   720  N NE  . ARG A 1 85 ? 24.08435  -12.70059 4.42966   1.000 57.67056  ? 85  ARG A NE  1 
ATOM   721  C CZ  . ARG A 1 85 ? 24.45417  -13.19396 3.25254   1.000 69.11238  ? 85  ARG A CZ  1 
ATOM   722  N NH1 . ARG A 1 85 ? 24.29404  -12.47535 2.14977   1.000 59.81369  ? 85  ARG A NH1 1 
ATOM   723  N NH2 . ARG A 1 85 ? 24.98542  -14.40683 3.17822   1.000 64.33671  ? 85  ARG A NH2 1 
ATOM   724  N N   . THR A 1 86 ? 23.00946  -10.16466 9.49161   1.000 17.79826  ? 86  THR A N   1 
ATOM   725  C CA  . THR A 1 86 ? 23.44081  -8.82618  9.87434   1.000 16.02629  ? 86  THR A CA  1 
ATOM   726  C C   . THR A 1 86 ? 24.95494  -8.73585  9.76711   1.000 23.32853  ? 86  THR A C   1 
ATOM   727  O O   . THR A 1 86 ? 25.66817  -9.57480  10.32462  1.000 20.78464  ? 86  THR A O   1 
ATOM   728  C CB  . THR A 1 86 ? 22.99764  -8.49206  11.30116  1.000 23.87962  ? 86  THR A CB  1 
ATOM   729  O OG1 . THR A 1 86 ? 21.57881  -8.65531  11.41261  1.000 30.54814  ? 86  THR A OG1 1 
ATOM   730  C CG2 . THR A 1 86 ? 23.37137  -7.05910  11.65101  1.000 28.20229  ? 86  THR A CG2 1 
ATOM   731  N N   . THR A 1 87 ? 25.44301  -7.71672  9.06336   1.000 20.03821  ? 87  THR A N   1 
ATOM   732  C CA  . THR A 1 87 ? 26.87111  -7.53371  8.83775   1.000 16.59505  ? 87  THR A CA  1 
ATOM   733  C C   . THR A 1 87 ? 27.31544  -6.21453  9.45070   1.000 26.15068  ? 87  THR A C   1 
ATOM   734  O O   . THR A 1 87 ? 26.74792  -5.16095  9.14388   1.000 20.68622  ? 87  THR A O   1 
ATOM   735  C CB  . THR A 1 87 ? 27.20414  -7.55740  7.34402   1.000 24.82540  ? 87  THR A CB  1 
ATOM   736  O OG1 . THR A 1 87 ? 26.73198  -8.78000  6.76480   1.000 26.14978  ? 87  THR A OG1 1 
ATOM   737  C CG2 . THR A 1 87 ? 28.70885  -7.44382  7.12995   1.000 27.81724  ? 87  THR A CG2 1 
ATOM   738  N N   . THR A 1 88 ? 28.32718  -6.27488  10.31462  1.000 23.34638  ? 88  THR A N   1 
ATOM   739  C CA  . THR A 1 88 ? 28.87158  -5.09484  10.96942  1.000 26.03918  ? 88  THR A CA  1 
ATOM   740  C C   . THR A 1 88 ? 30.39047  -5.09578  10.85475  1.000 28.91222  ? 88  THR A C   1 
ATOM   741  O O   . THR A 1 88 ? 31.01808  -6.14907  10.71475  1.000 25.46153  ? 88  THR A O   1 
ATOM   742  C CB  . THR A 1 88 ? 28.47334  -5.02940  12.45540  1.000 35.08127  ? 88  THR A CB  1 
ATOM   743  O OG1 . THR A 1 88 ? 29.02080  -6.15709  13.14916  1.000 42.68471  ? 88  THR A OG1 1 
ATOM   744  C CG2 . THR A 1 88 ? 26.95706  -5.02549  12.61656  1.000 39.36229  ? 88  THR A CG2 1 
ATOM   745  N N   . LYS A 1 89 ? 30.97515  -3.90148  10.90968  1.000 29.96161  ? 89  LYS A N   1 
ATOM   746  C CA  . LYS A 1 89 ? 32.41994  -3.72783  10.94993  1.000 27.67118  ? 89  LYS A CA  1 
ATOM   747  C C   . LYS A 1 89 ? 32.83455  -3.25148  12.33446  1.000 41.41948  ? 89  LYS A C   1 
ATOM   748  O O   . LYS A 1 89 ? 32.19493  -2.36905  12.91478  1.000 44.65799  ? 89  LYS A O   1 
ATOM   749  C CB  . LYS A 1 89 ? 32.89315  -2.73234  9.88886   1.000 51.48966  ? 89  LYS A CB  1 
ATOM   750  C CG  . LYS A 1 89 ? 32.90740  -3.29643  8.48251   1.000 52.16374  ? 89  LYS A CG  1 
ATOM   751  C CD  . LYS A 1 89 ? 33.75409  -2.43534  7.56631   1.000 60.72701  ? 89  LYS A CD  1 
ATOM   752  N N   . ARG A 1 90 ? 33.89981  -3.84477  12.86225  1.000 45.98584  ? 90  ARG A N   1 
ATOM   753  C CA  . ARG A 1 90 ? 34.34737  -3.54215  14.21468  0.969 53.73004  ? 90  ARG A CA  1 
ATOM   754  C C   . ARG A 1 90 ? 35.78869  -3.04765  14.19813  1.000 53.39726  ? 90  ARG A C   1 
ATOM   755  O O   . ARG A 1 90 ? 36.47866  -3.16108  13.18391  1.000 63.73660  ? 90  ARG A O   1 
ATOM   756  C CB  . ARG A 1 90 ? 34.21711  -4.77680  15.10959  0.921 55.13664  ? 90  ARG A CB  1 
ATOM   757  C CG  . ARG A 1 90 ? 33.07510  -5.70992  14.72637  0.997 48.13952  ? 90  ARG A CG  1 
ATOM   758  C CD  . ARG A 1 90 ? 31.71427  -5.09865  15.02715  1.000 55.57443  ? 90  ARG A CD  1 
ATOM   759  N NE  . ARG A 1 90 ? 30.96932  -5.90369  15.98895  1.000 69.26031  ? 90  ARG A NE  1 
ATOM   760  C CZ  . ARG A 1 90 ? 31.09048  -5.78954  17.30737  0.934 72.23737  ? 90  ARG A CZ  1 
ATOM   761  N NH1 . ARG A 1 90 ? 31.92989  -4.90202  17.82372  1.000 59.09726  ? 90  ARG A NH1 1 
ATOM   762  N NH2 . ARG A 1 90 ? 30.37714  -6.56615  18.11099  1.000 53.15919  ? 90  ARG A NH2 1 
ATOM   763  N N   . GLU B 1 1  ? -6.97171  -8.43336  7.64637   1.000 71.29467  ? 1   GLU B N   1 
ATOM   764  C CA  . GLU B 1 1  ? -6.99079  -8.46513  6.18844   1.000 57.20290  ? 1   GLU B CA  1 
ATOM   765  C C   . GLU B 1 1  ? -7.21892  -7.07066  5.61385   1.000 50.61314  ? 1   GLU B C   1 
ATOM   766  O O   . GLU B 1 1  ? -7.75823  -6.19341  6.28837   1.000 49.34997  ? 1   GLU B O   1 
ATOM   767  C CB  . GLU B 1 1  ? -8.06921  -9.42968  5.68898   1.000 61.48596  ? 1   GLU B CB  1 
ATOM   768  C CG  . GLU B 1 1  ? -7.83056  -10.88437 6.07462   1.000 65.89370  ? 1   GLU B CG  1 
ATOM   769  C CD  . GLU B 1 1  ? -6.89334  -11.60629 5.12054   1.000 71.58548  ? 1   GLU B CD  1 
ATOM   770  O OE1 . GLU B 1 1  ? -7.15470  -12.78903 4.81565   1.000 69.24208  ? 1   GLU B OE1 1 
ATOM   771  O OE2 . GLU B 1 1  ? -5.90072  -10.99601 4.66982   1.000 83.30388  ? 1   GLU B OE2 1 
ATOM   772  N N   . GLU B 1 2  ? -6.80687  -6.87117  4.36496   1.000 40.36516  ? 2   GLU B N   1 
ATOM   773  C CA  . GLU B 1 2  ? -6.92659  -5.56418  3.74146   1.000 33.27919  ? 2   GLU B CA  1 
ATOM   774  C C   . GLU B 1 2  ? -8.34687  -5.33856  3.23073   1.000 35.17425  ? 2   GLU B C   1 
ATOM   775  O O   . GLU B 1 2  ? -9.10207  -6.27902  2.96544   1.000 32.90788  ? 2   GLU B O   1 
ATOM   776  C CB  . GLU B 1 2  ? -5.92633  -5.41499  2.59285   1.000 48.44974  ? 2   GLU B CB  1 
ATOM   777  C CG  . GLU B 1 2  ? -6.27407  -6.21104  1.34445   1.000 49.53884  ? 2   GLU B CG  1 
ATOM   778  C CD  . GLU B 1 2  ? -5.34967  -5.90060  0.18160   1.000 71.00247  ? 2   GLU B CD  1 
ATOM   779  O OE1 . GLU B 1 2  ? -4.33306  -5.20748  0.39764   1.000 69.24562  ? 2   GLU B OE1 1 
ATOM   780  O OE2 . GLU B 1 2  ? -5.64131  -6.34560  -0.94869  1.000 74.66552  ? 2   GLU B OE2 1 
ATOM   781  N N   . VAL B 1 3  ? -8.70679  -4.06494  3.10152   1.000 35.00845  ? 3   VAL B N   1 
ATOM   782  C CA  . VAL B 1 3  ? -10.00133 -3.65307  2.57310   1.000 25.54240  ? 3   VAL B CA  1 
ATOM   783  C C   . VAL B 1 3  ? -9.77573  -2.96326  1.23697   1.000 28.51455  ? 3   VAL B C   1 
ATOM   784  O O   . VAL B 1 3  ? -8.88338  -2.11753  1.10864   1.000 29.12410  ? 3   VAL B O   1 
ATOM   785  C CB  . VAL B 1 3  ? -10.74439 -2.72074  3.54988   1.000 37.22126  ? 3   VAL B CB  1 
ATOM   786  C CG1 . VAL B 1 3  ? -12.15162 -2.43422  3.04460   1.000 38.05812  ? 3   VAL B CG1 1 
ATOM   787  C CG2 . VAL B 1 3  ? -10.78165 -3.32828  4.94329   1.000 32.95373  ? 3   VAL B CG2 1 
ATOM   788  N N   . VAL B 1 4  ? -10.58447 -3.32353  0.24405   1.000 24.94743  ? 4   VAL B N   1 
ATOM   789  C CA  . VAL B 1 4  ? -10.52785 -2.72414  -1.08344  1.000 24.88338  ? 4   VAL B CA  1 
ATOM   790  C C   . VAL B 1 4  ? -11.84730 -2.01215  -1.33907  1.000 34.65065  ? 4   VAL B C   1 
ATOM   791  O O   . VAL B 1 4  ? -12.91988 -2.59495  -1.14317  1.000 25.32819  ? 4   VAL B O   1 
ATOM   792  C CB  . VAL B 1 4  ? -10.25629 -3.77474  -2.17630  1.000 27.42719  ? 4   VAL B CB  1 
ATOM   793  C CG1 . VAL B 1 4  ? -10.21903 -3.11762  -3.55033  1.000 34.38679  ? 4   VAL B CG1 1 
ATOM   794  C CG2 . VAL B 1 4  ? -8.95628  -4.51177  -1.89694  1.000 36.74737  ? 4   VAL B CG2 1 
ATOM   795  N N   . VAL B 1 5  ? -11.76810 -0.75529  -1.76843  1.000 23.17119  ? 5   VAL B N   1 
ATOM   796  C CA  . VAL B 1 5  ? -12.93992 0.03483   -2.12713  1.000 21.16876  ? 5   VAL B CA  1 
ATOM   797  C C   . VAL B 1 5  ? -12.77018 0.51082   -3.56066  1.000 26.44868  ? 5   VAL B C   1 
ATOM   798  O O   . VAL B 1 5  ? -11.72449 1.06706   -3.91543  1.000 29.96359  ? 5   VAL B O   1 
ATOM   799  C CB  . VAL B 1 5  ? -13.14467 1.23016   -1.17854  1.000 33.48621  ? 5   VAL B CB  1 
ATOM   800  C CG1 . VAL B 1 5  ? -14.29819 2.09649   -1.66637  1.000 34.39469  ? 5   VAL B CG1 1 
ATOM   801  C CG2 . VAL B 1 5  ? -13.40483 0.74705   0.23755   1.000 34.30131  ? 5   VAL B CG2 1 
ATOM   802  N N   . GLU B 1 6  ? -13.79317 0.28907   -4.38045  0.856 23.15782  ? 6   GLU B N   1 
ATOM   803  C CA  . GLU B 1 6  ? -13.80985 0.73853   -5.76426  0.856 20.20836  ? 6   GLU B CA  1 
ATOM   804  C C   . GLU B 1 6  ? -14.97648 1.69555   -5.95520  0.856 26.42873  ? 6   GLU B C   1 
ATOM   805  O O   . GLU B 1 6  ? -16.12269 1.35051   -5.65239  0.856 24.09010  ? 6   GLU B O   1 
ATOM   806  C CB  . GLU B 1 6  ? -13.91492 -0.44707  -6.72510  0.856 36.79984  ? 6   GLU B CB  1 
ATOM   807  C CG  . GLU B 1 6  ? -12.64604 -1.28107  -6.80515  0.856 40.49972  ? 6   GLU B CG  1 
ATOM   808  C CD  . GLU B 1 6  ? -12.86676 -2.61862  -7.47988  0.856 64.63264  ? 6   GLU B CD  1 
ATOM   809  O OE1 . GLU B 1 6  ? -13.80635 -3.33644  -7.08275  0.856 60.51915  ? 6   GLU B OE1 1 
ATOM   810  O OE2 . GLU B 1 6  ? -12.10431 -2.95101  -8.41089  0.856 84.67696  ? 6   GLU B OE2 1 
ATOM   811  N N   . ILE B 1 7  ? -14.67977 2.89434   -6.44828  1.000 24.04033  ? 7   ILE B N   1 
ATOM   812  C CA  . ILE B 1 7  ? -15.66546 3.95906   -6.60232  1.000 27.26879  ? 7   ILE B CA  1 
ATOM   813  C C   . ILE B 1 7  ? -15.80697 4.26211   -8.08681  1.000 31.80373  ? 7   ILE B C   1 
ATOM   814  O O   . ILE B 1 7  ? -14.82734 4.63044   -8.74630  1.000 31.30636  ? 7   ILE B O   1 
ATOM   815  C CB  . ILE B 1 7  ? -15.26475 5.22146   -5.82284  1.000 30.18654  ? 7   ILE B CB  1 
ATOM   816  C CG1 . ILE B 1 7  ? -15.03313 4.88836   -4.34729  1.000 33.56909  ? 7   ILE B CG1 1 
ATOM   817  C CG2 . ILE B 1 7  ? -16.32618 6.29853   -5.96867  1.000 29.14960  ? 7   ILE B CG2 1 
ATOM   818  C CD1 . ILE B 1 7  ? -14.56625 6.06878   -3.52528  1.000 34.44208  ? 7   ILE B CD1 1 
ATOM   819  N N   . ARG B 1 8  ? -17.02030 4.10971   -8.60935  1.000 27.52222  ? 8   ARG B N   1 
ATOM   820  C CA  . ARG B 1 8  ? -17.32602 4.40403   -10.00244 1.000 26.76396  ? 8   ARG B CA  1 
ATOM   821  C C   . ARG B 1 8  ? -18.13048 5.69369   -10.07139 1.000 32.46666  ? 8   ARG B C   1 
ATOM   822  O O   . ARG B 1 8  ? -19.16696 5.81732   -9.41078  1.000 28.37418  ? 8   ARG B O   1 
ATOM   823  C CB  . ARG B 1 8  ? -18.10351 3.25589   -10.64947 1.000 34.28499  ? 8   ARG B CB  1 
ATOM   824  N N   . ILE B 1 9  ? -17.65275 6.64882   -10.86488 1.000 26.64891  ? 9   ILE B N   1 
ATOM   825  C CA  . ILE B 1 9  ? -18.25683 7.97330   -10.96031 1.000 29.30426  ? 9   ILE B CA  1 
ATOM   826  C C   . ILE B 1 9  ? -18.62542 8.23121   -12.41379 1.000 37.72546  ? 9   ILE B C   1 
ATOM   827  O O   . ILE B 1 9  ? -17.75178 8.23439   -13.29027 1.000 36.07444  ? 9   ILE B O   1 
ATOM   828  C CB  . ILE B 1 9  ? -17.31482 9.06829   -10.43786 1.000 33.37904  ? 9   ILE B CB  1 
ATOM   829  C CG1 . ILE B 1 9  ? -16.78811 8.69614   -9.05137  1.000 29.50745  ? 9   ILE B CG1 1 
ATOM   830  C CG2 . ILE B 1 9  ? -18.03785 10.40619  -10.39127 1.000 34.92909  ? 9   ILE B CG2 1 
ATOM   831  C CD1 . ILE B 1 9  ? -15.31861 8.98931   -8.86032  1.000 33.35361  ? 9   ILE B CD1 1 
ATOM   832  N N   . ARG B 1 10 ? -19.91321 8.45355   -12.66689 1.000 36.67536  ? 10  ARG B N   1 
ATOM   833  C CA  . ARG B 1 10 ? -20.40043 8.80833   -13.99613 1.000 43.67809  ? 10  ARG B CA  1 
ATOM   834  C C   . ARG B 1 10 ? -20.32355 10.32404  -14.14468 1.000 47.61809  ? 10  ARG B C   1 
ATOM   835  O O   . ARG B 1 10 ? -21.07472 11.05757  -13.49410 1.000 57.63081  ? 10  ARG B O   1 
ATOM   836  C CB  . ARG B 1 10 ? -21.82559 8.30003   -14.20381 1.000 63.25127  ? 10  ARG B CB  1 
ATOM   837  C CG  . ARG B 1 10 ? -21.92170 6.84356   -14.65466 1.000 78.02766  ? 10  ARG B CG  1 
ATOM   838  C CD  . ARG B 1 10 ? -23.26497 6.22688   -14.26972 1.000 82.54584  ? 10  ARG B CD  1 
ATOM   839  N NE  . ARG B 1 10 ? -23.76160 5.31274   -15.29489 1.000 88.13806  ? 10  ARG B NE  1 
ATOM   840  C CZ  . ARG B 1 10 ? -23.40748 4.03551   -15.40293 1.000 88.63279  ? 10  ARG B CZ  1 
ATOM   841  N NH1 . ARG B 1 10 ? -22.54697 3.50227   -14.54604 1.000 85.05370  ? 10  ARG B NH1 1 
ATOM   842  N NH2 . ARG B 1 10 ? -23.91574 3.28846   -16.37305 1.000 87.39385  ? 10  ARG B NH2 1 
ATOM   843  N N   . VAL B 1 11 ? -19.41489 10.79214  -14.99700 1.000 44.10811  ? 11  VAL B N   1 
ATOM   844  C CA  . VAL B 1 11 ? -19.16644 12.21687  -15.18970 1.000 53.87755  ? 11  VAL B CA  1 
ATOM   845  C C   . VAL B 1 11 ? -19.99468 12.70995  -16.36673 1.000 73.62280  ? 11  VAL B C   1 
ATOM   846  O O   . VAL B 1 11 ? -20.17243 11.99473  -17.36164 1.000 61.73440  ? 11  VAL B O   1 
ATOM   847  C CB  . VAL B 1 11 ? -17.66612 12.49060  -15.41024 1.000 51.42325  ? 11  VAL B CB  1 
ATOM   848  C CG1 . VAL B 1 11 ? -17.38559 13.98458  -15.40480 1.000 56.88205  ? 11  VAL B CG1 1 
ATOM   849  C CG2 . VAL B 1 11 ? -16.84185 11.78638  -14.34505 1.000 55.67170  ? 11  VAL B CG2 1 
ATOM   850  N N   . GLN B 1 12 ? -20.50110 13.94081  -16.25431 1.000 80.23010  ? 12  GLN B N   1 
ATOM   851  C CA  . GLN B 1 12 ? -21.35682 14.49797  -17.29776 1.000 81.37358  ? 12  GLN B CA  1 
ATOM   852  C C   . GLN B 1 12 ? -20.59329 14.67321  -18.60535 1.000 69.98806  ? 12  GLN B C   1 
ATOM   853  O O   . GLN B 1 12 ? -21.03260 14.20543  -19.66228 1.000 79.29643  ? 12  GLN B O   1 
ATOM   854  C CB  . GLN B 1 12 ? -21.94357 15.83127  -16.83257 1.000 72.82274  ? 12  GLN B CB  1 
ATOM   855  N N   . ARG B 1 13 ? -19.44713 15.34802  -18.55434 1.000 56.78888  ? 13  ARG B N   1 
ATOM   856  C CA  . ARG B 1 13 ? -18.64017 15.58889  -19.74046 1.000 62.47199  ? 13  ARG B CA  1 
ATOM   857  C C   . ARG B 1 13 ? -17.16891 15.42377  -19.39053 1.000 63.80490  ? 13  ARG B C   1 
ATOM   858  O O   . ARG B 1 13 ? -16.77473 15.48464  -18.22351 1.000 67.34606  ? 13  ARG B O   1 
ATOM   859  C CB  . ARG B 1 13 ? -18.89500 16.98502  -20.32526 1.000 78.27312  ? 13  ARG B CB  1 
ATOM   860  N N   . GLU B 1 14 ? -16.35418 15.22016  -20.42776 1.000 62.60967  ? 14  GLU B N   1 
ATOM   861  C CA  . GLU B 1 14 ? -14.92417 15.00371  -20.24366 1.000 63.75239  ? 14  GLU B CA  1 
ATOM   862  C C   . GLU B 1 14 ? -14.19540 16.23527  -19.72120 1.000 68.20455  ? 14  GLU B C   1 
ATOM   863  O O   . GLU B 1 14 ? -13.01936 16.12633  -19.35794 1.000 65.87460  ? 14  GLU B O   1 
ATOM   864  C CB  . GLU B 1 14 ? -14.29080 14.55350  -21.56190 1.000 57.43800  ? 14  GLU B CB  1 
ATOM   865  N N   . GLU B 1 15 ? -14.85571 17.39443  -19.67162 1.000 64.53620  ? 15  GLU B N   1 
ATOM   866  C CA  . GLU B 1 15 ? -14.18474 18.60682  -19.21371 1.000 57.53400  ? 15  GLU B CA  1 
ATOM   867  C C   . GLU B 1 15 ? -13.96138 18.58491  -17.70623 1.000 55.08940  ? 15  GLU B C   1 
ATOM   868  O O   . GLU B 1 15 ? -12.93256 19.06838  -17.21890 1.000 62.97637  ? 15  GLU B O   1 
ATOM   869  C CB  . GLU B 1 15 ? -14.99569 19.83765  -19.61820 1.000 53.07505  ? 15  GLU B CB  1 
ATOM   870  N N   . LYS B 1 16 ? -14.90724 18.02692  -16.95398 1.000 52.75183  ? 16  LYS B N   1 
ATOM   871  C CA  . LYS B 1 16 ? -14.83961 18.00717  -15.49870 1.000 49.96519  ? 16  LYS B CA  1 
ATOM   872  C C   . LYS B 1 16 ? -14.03202 16.83690  -14.94925 1.000 44.02521  ? 16  LYS B C   1 
ATOM   873  O O   . LYS B 1 16 ? -13.98107 16.65940  -13.72764 1.000 49.93753  ? 16  LYS B O   1 
ATOM   874  C CB  . LYS B 1 16 ? -16.25412 17.97558  -14.90970 1.000 55.78469  ? 16  LYS B CB  1 
ATOM   875  N N   . VAL B 1 17 ? -13.39716 16.04253  -15.81282 1.000 47.44309  ? 17  VAL B N   1 
ATOM   876  C CA  . VAL B 1 17 ? -12.65986 14.87356  -15.34206 1.000 38.77798  ? 17  VAL B CA  1 
ATOM   877  C C   . VAL B 1 17 ? -11.37593 15.29205  -14.63586 1.000 33.27914  ? 17  VAL B C   1 
ATOM   878  O O   . VAL B 1 17 ? -11.00599 14.72055  -13.60286 1.000 33.53883  ? 17  VAL B O   1 
ATOM   879  C CB  . VAL B 1 17 ? -12.37471 13.91878  -16.51534 1.000 51.99091  ? 17  VAL B CB  1 
ATOM   880  C CG1 . VAL B 1 17 ? -11.52310 12.74616  -16.05458 1.000 50.85392  ? 17  VAL B CG1 1 
ATOM   881  C CG2 . VAL B 1 17 ? -13.67697 13.42841  -17.12431 1.000 52.36301  ? 17  VAL B CG2 1 
ATOM   882  N N   . ARG B 1 18 ? -10.68011 16.29491  -15.17656 1.000 43.14820  ? 18  ARG B N   1 
ATOM   883  C CA  . ARG B 1 18 ? -9.38946  16.69786  -14.62424 1.000 42.76051  ? 18  ARG B CA  1 
ATOM   884  C C   . ARG B 1 18 ? -9.52055  17.15055  -13.17442 1.000 35.21886  ? 18  ARG B C   1 
ATOM   885  O O   . ARG B 1 18 ? -8.77375  16.69563  -12.29984 1.000 37.90822  ? 18  ARG B O   1 
ATOM   886  C CB  . ARG B 1 18 ? -8.78188  17.80720  -15.48278 1.000 45.84755  ? 18  ARG B CB  1 
ATOM   887  C CG  . ARG B 1 18 ? -7.53567  18.43724  -14.88909 1.000 42.23900  ? 18  ARG B CG  1 
ATOM   888  C CD  . ARG B 1 18 ? -7.06037  19.60953  -15.72987 1.000 43.64159  ? 18  ARG B CD  1 
ATOM   889  N NE  . ARG B 1 18 ? -8.12733  20.57841  -15.96560 1.000 50.20160  ? 18  ARG B NE  1 
ATOM   890  C CZ  . ARG B 1 18 ? -8.44848  21.55794  -15.12634 1.000 52.93219  ? 18  ARG B CZ  1 
ATOM   891  N NH1 . ARG B 1 18 ? -7.78627  21.70240  -13.98674 1.000 39.32130  ? 18  ARG B NH1 1 
ATOM   892  N NH2 . ARG B 1 18 ? -9.43456  22.39289  -15.42540 1.000 46.26211  ? 18  ARG B NH2 1 
ATOM   893  N N   . ARG B 1 19 ? -10.46876 18.04930  -12.89971 1.000 33.69201  ? 19  ARG B N   1 
ATOM   894  C CA  . ARG B 1 19 ? -10.64547 18.53765  -11.53619 1.000 36.78441  ? 19  ARG B CA  1 
ATOM   895  C C   . ARG B 1 19 ? -11.13739 17.44171  -10.60037 1.000 45.03592  ? 19  ARG B C   1 
ATOM   896  O O   . ARG B 1 19 ? -10.79334 17.44450  -9.41284  1.000 37.97865  ? 19  ARG B O   1 
ATOM   897  C CB  . ARG B 1 19 ? -11.61757 19.71532  -11.51678 1.000 52.88734  ? 19  ARG B CB  1 
ATOM   898  C CG  . ARG B 1 19 ? -11.09886 20.97644  -12.18366 1.000 52.97586  ? 19  ARG B CG  1 
ATOM   899  C CD  . ARG B 1 19 ? -12.06692 22.11761  -11.94646 1.000 49.15164  ? 19  ARG B CD  1 
ATOM   900  N NE  . ARG B 1 19 ? -12.25949 22.35718  -10.51957 1.000 39.09907  ? 19  ARG B NE  1 
ATOM   901  C CZ  . ARG B 1 19 ? -13.38541 22.81563  -9.98353  1.000 46.49028  ? 19  ARG B CZ  1 
ATOM   902  N NH1 . ARG B 1 19 ? -14.43193 23.07567  -10.75506 1.000 50.19960  ? 19  ARG B NH1 1 
ATOM   903  N NH2 . ARG B 1 19 ? -13.46828 23.00451  -8.67389  1.000 48.03372  ? 19  ARG B NH2 1 
ATOM   904  N N   . LEU B 1 20 ? -11.94128 16.50534  -11.10831 1.000 38.56606  ? 20  LEU B N   1 
ATOM   905  C CA  . LEU B 1 20 ? -12.44026 15.42359  -10.26550 1.000 34.55232  ? 20  LEU B CA  1 
ATOM   906  C C   . LEU B 1 20 ? -11.29977 14.53871  -9.77924  1.000 33.53073  ? 20  LEU B C   1 
ATOM   907  O O   . LEU B 1 20 ? -11.18174 14.26138  -8.58084  1.000 36.33413  ? 20  LEU B O   1 
ATOM   908  C CB  . LEU B 1 20 ? -13.47622 14.59777  -11.02814 1.000 45.59442  ? 20  LEU B CB  1 
ATOM   909  C CG  . LEU B 1 20 ? -14.01744 13.37150  -10.28950 1.000 46.94257  ? 20  LEU B CG  1 
ATOM   910  C CD1 . LEU B 1 20 ? -14.72523 13.78264  -9.00747  1.000 40.31184  ? 20  LEU B CD1 1 
ATOM   911  C CD2 . LEU B 1 20 ? -14.94506 12.56523  -11.18543 1.000 38.16463  ? 20  LEU B CD2 1 
ATOM   912  N N   . ILE B 1 21 ? -10.44161 14.09441  -10.70039 1.000 34.53063  ? 21  ILE B N   1 
ATOM   913  C CA  . ILE B 1 21 ? -9.33405  13.21663  -10.33117 1.000 31.48322  ? 21  ILE B CA  1 
ATOM   914  C C   . ILE B 1 21 ? -8.37462  13.93051  -9.38743  1.000 44.17577  ? 21  ILE B C   1 
ATOM   915  O O   . ILE B 1 21 ? -7.87697  13.34020  -8.42020  1.000 35.34176  ? 21  ILE B O   1 
ATOM   916  C CB  . ILE B 1 21 ? -8.61369  12.71075  -11.59424 1.000 32.93518  ? 21  ILE B CB  1 
ATOM   917  C CG1 . ILE B 1 21 ? -9.57831  11.91936  -12.47880 1.000 32.14452  ? 21  ILE B CG1 1 
ATOM   918  C CG2 . ILE B 1 21 ? -7.40619  11.86411  -11.22224 1.000 38.95996  ? 21  ILE B CG2 1 
ATOM   919  C CD1 . ILE B 1 21 ? -8.93596  11.37510  -13.73266 1.000 48.46752  ? 21  ILE B CD1 1 
ATOM   920  N N   . LYS B 1 22 ? -8.10140  15.21127  -9.64989  1.000 33.65979  ? 22  LYS B N   1 
ATOM   921  C CA  . LYS B 1 22 ? -7.19387  15.96431  -8.78994  1.000 33.87554  ? 22  LYS B CA  1 
ATOM   922  C C   . LYS B 1 22 ? -7.74260  16.07981  -7.37361  1.000 29.56197  ? 22  LYS B C   1 
ATOM   923  O O   . LYS B 1 22 ? -6.98913  15.98397  -6.39783  1.000 36.19829  ? 22  LYS B O   1 
ATOM   924  C CB  . LYS B 1 22 ? -6.94029  17.35153  -9.38078  1.000 43.60513  ? 22  LYS B CB  1 
ATOM   925  C CG  . LYS B 1 22 ? -5.99676  18.20879  -8.55322  1.000 36.85249  ? 22  LYS B CG  1 
ATOM   926  C CD  . LYS B 1 22 ? -5.92618  19.63469  -9.07671  1.000 53.77091  ? 22  LYS B CD  1 
ATOM   927  C CE  . LYS B 1 22 ? -5.00406  20.48485  -8.21571  1.000 66.65323  ? 22  LYS B CE  1 
ATOM   928  N NZ  . LYS B 1 22 ? -4.99066  21.91358  -8.63709  1.000 77.91367  ? 22  LYS B NZ  1 
ATOM   929  N N   . ARG B 1 23 ? -9.05619  16.27659  -7.24097  1.000 31.88127  ? 23  ARG B N   1 
ATOM   930  C CA  . ARG B 1 23 ? -9.65720  16.40425  -5.91728  1.000 33.31676  ? 23  ARG B CA  1 
ATOM   931  C C   . ARG B 1 23 ? -9.61536  15.08345  -5.15712  1.000 45.30165  ? 23  ARG B C   1 
ATOM   932  O O   . ARG B 1 23 ? -9.37527  15.06721  -3.94398  1.000 43.82792  ? 23  ARG B O   1 
ATOM   933  C CB  . ARG B 1 23 ? -11.09632 16.90258  -6.04380  1.000 52.01601  ? 23  ARG B CB  1 
ATOM   934  C CG  . ARG B 1 23 ? -11.81865 17.06751  -4.71696  1.000 66.24186  ? 23  ARG B CG  1 
ATOM   935  C CD  . ARG B 1 23 ? -11.38280 18.33264  -3.99638  1.000 74.08395  ? 23  ARG B CD  1 
ATOM   936  N NE  . ARG B 1 23 ? -11.74125 19.53335  -4.74593  1.000 81.00254  ? 23  ARG B NE  1 
ATOM   937  C CZ  . ARG B 1 23 ? -12.94636 20.09413  -4.72615  1.000 91.54400  ? 23  ARG B CZ  1 
ATOM   938  N NH1 . ARG B 1 23 ? -13.91688 19.56120  -3.99600  1.000 76.22500  ? 23  ARG B NH1 1 
ATOM   939  N NH2 . ARG B 1 23 ? -13.18341 21.18648  -5.43967  1.000 87.88065  ? 23  ARG B NH2 1 
ATOM   940  N N   . ILE B 1 24 ? -9.84767  13.96675  -5.85107  1.000 38.99744  ? 24  ILE B N   1 
ATOM   941  C CA  . ILE B 1 24 ? -9.85246  12.66805  -5.18356  1.000 32.55364  ? 24  ILE B CA  1 
ATOM   942  C C   . ILE B 1 24 ? -8.45784  12.31996  -4.68022  1.000 36.61633  ? 24  ILE B C   1 
ATOM   943  O O   . ILE B 1 24 ? -8.29468  11.81268  -3.56345  1.000 43.54751  ? 24  ILE B O   1 
ATOM   944  C CB  . ILE B 1 24 ? -10.40238 11.58196  -6.12626  1.000 36.24783  ? 24  ILE B CB  1 
ATOM   945  C CG1 . ILE B 1 24 ? -11.80823 11.94840  -6.60508  1.000 42.68229  ? 24  ILE B CG1 1 
ATOM   946  C CG2 . ILE B 1 24 ? -10.41217 10.22783  -5.43438  1.000 39.13346  ? 24  ILE B CG2 1 
ATOM   947  C CD1 . ILE B 1 24 ? -12.76049 12.31347  -5.49292  1.000 57.19696  ? 24  ILE B CD1 1 
ATOM   948  N N   . LEU B 1 25 ? -7.43019  12.58735  -5.48984  1.000 38.16987  ? 25  LEU B N   1 
ATOM   949  C CA  . LEU B 1 25 ? -6.06386  12.31077  -5.06017  1.000 38.98927  ? 25  LEU B CA  1 
ATOM   950  C C   . LEU B 1 25 ? -5.64752  13.20301  -3.89776  1.000 41.84053  ? 25  LEU B C   1 
ATOM   951  O O   . LEU B 1 25 ? -4.83498  12.78914  -3.06347  1.000 48.55975  ? 25  LEU B O   1 
ATOM   952  C CB  . LEU B 1 25 ? -5.09832  12.47872  -6.23334  1.000 37.74121  ? 25  LEU B CB  1 
ATOM   953  C CG  . LEU B 1 25 ? -5.30720  11.53197  -7.41716  1.000 42.35184  ? 25  LEU B CG  1 
ATOM   954  C CD1 . LEU B 1 25 ? -4.27084  11.78769  -8.50058  1.000 49.26096  ? 25  LEU B CD1 1 
ATOM   955  C CD2 . LEU B 1 25 ? -5.26587  10.08086  -6.96099  1.000 51.36331  ? 25  LEU B CD2 1 
ATOM   956  N N   . GLU B 1 26 ? -6.18822  14.42225  -3.82370  1.000 55.55245  ? 26  GLU B N   1 
ATOM   957  C CA  . GLU B 1 26 ? -5.87732  15.29870  -2.69848  1.000 56.41088  ? 26  GLU B CA  1 
ATOM   958  C C   . GLU B 1 26 ? -6.45323  14.75394  -1.39795  1.000 49.94771  ? 26  GLU B C   1 
ATOM   959  O O   . GLU B 1 26 ? -5.79173  14.79783  -0.35407  1.000 60.53637  ? 26  GLU B O   1 
ATOM   960  C CB  . GLU B 1 26 ? -6.40129  16.70952  -2.96599  1.000 51.12713  ? 26  GLU B CB  1 
ATOM   961  C CG  . GLU B 1 26 ? -5.59555  17.48840  -3.99050  1.000 67.20071  ? 26  GLU B CG  1 
ATOM   962  C CD  . GLU B 1 26 ? -6.18074  18.85803  -4.27274  1.000 77.55908  ? 26  GLU B CD  1 
ATOM   963  O OE1 . GLU B 1 26 ? -7.21997  19.19831  -3.66877  1.000 68.53674  ? 26  GLU B OE1 1 
ATOM   964  O OE2 . GLU B 1 26 ? -5.60194  19.59402  -5.09939  1.000 72.38383  ? 26  GLU B OE2 1 
ATOM   965  N N   . GLU B 1 27 ? -7.68556  14.24021  -1.43841  1.000 49.01618  ? 27  GLU B N   1 
ATOM   966  C CA  . GLU B 1 27 ? -8.27995  13.66220  -0.23804  1.000 55.65644  ? 27  GLU B CA  1 
ATOM   967  C C   . GLU B 1 27 ? -7.55581  12.39291  0.18907   1.000 61.00639  ? 27  GLU B C   1 
ATOM   968  O O   . GLU B 1 27 ? -7.43630  12.12299  1.38967   1.000 58.02991  ? 27  GLU B O   1 
ATOM   969  C CB  . GLU B 1 27 ? -9.76410  13.37686  -0.46841  1.000 54.55350  ? 27  GLU B CB  1 
ATOM   970  C CG  . GLU B 1 27 ? -10.57721 14.59907  -0.86643  1.000 65.58089  ? 27  GLU B CG  1 
ATOM   971  C CD  . GLU B 1 27 ? -10.57752 15.67958  0.19984   1.000 77.81531  ? 27  GLU B CD  1 
ATOM   972  O OE1 . GLU B 1 27 ? -10.42181 15.34592  1.39354   1.000 78.89522  ? 27  GLU B OE1 1 
ATOM   973  O OE2 . GLU B 1 27 ? -10.73114 16.86642  -0.15757  1.000 81.30767  ? 27  GLU B OE2 1 
ATOM   974  N N   . VAL B 1 28 ? -7.06765  11.60717  -0.77213  1.000 51.04569  ? 28  VAL B N   1 
ATOM   975  C CA  . VAL B 1 28 ? -6.29196  10.41828  -0.43628  1.000 54.99295  ? 28  VAL B CA  1 
ATOM   976  C C   . VAL B 1 28 ? -4.94033  10.81153  0.14714   1.000 66.65276  ? 28  VAL B C   1 
ATOM   977  O O   . VAL B 1 28 ? -4.46862  10.20937  1.11956   1.000 61.55986  ? 28  VAL B O   1 
ATOM   978  C CB  . VAL B 1 28 ? -6.13863  9.51831   -1.67586  1.000 45.41896  ? 28  VAL B CB  1 
ATOM   979  C CG1 . VAL B 1 28 ? -5.16239  8.38863   -1.39778  1.000 52.87946  ? 28  VAL B CG1 1 
ATOM   980  C CG2 . VAL B 1 28 ? -7.49211  8.96501   -2.09844  1.000 40.82215  ? 28  VAL B CG2 1 
ATOM   981  N N   . LYS B 1 29 ? -4.29948  11.83169  -0.42970  1.000 62.79515  ? 29  LYS B N   1 
ATOM   982  C CA  . LYS B 1 29 ? -3.00887  12.28019  0.08179   1.000 52.51728  ? 29  LYS B CA  1 
ATOM   983  C C   . LYS B 1 29 ? -3.13652  12.90737  1.46404   1.000 47.57651  ? 29  LYS B C   1 
ATOM   984  O O   . LYS B 1 29 ? -2.21633  12.79137  2.28142   1.000 74.90238  ? 29  LYS B O   1 
ATOM   985  C CB  . LYS B 1 29 ? -2.37185  13.27018  -0.89362  1.000 56.60765  ? 29  LYS B CB  1 
ATOM   986  N N   . ARG B 1 30 ? -4.26026  13.57240  1.74520   1.000 59.18631  ? 30  ARG B N   1 
ATOM   987  C CA  . ARG B 1 30 ? -4.45837  14.15026  3.07024   1.000 69.08580  ? 30  ARG B CA  1 
ATOM   988  C C   . ARG B 1 30 ? -4.64965  13.07399  4.13080   1.000 76.35019  ? 30  ARG B C   1 
ATOM   989  O O   . ARG B 1 30 ? -4.36027  13.30981  5.30940   1.000 82.00413  ? 30  ARG B O   1 
ATOM   990  C CB  . ARG B 1 30 ? -5.65268  15.10584  3.06070   1.000 69.44664  ? 30  ARG B CB  1 
ATOM   991  C CG  . ARG B 1 30 ? -5.32867  16.49946  2.54235   1.000 72.50722  ? 30  ARG B CG  1 
ATOM   992  C CD  . ARG B 1 30 ? -6.44717  17.48411  2.85473   1.000 76.29121  ? 30  ARG B CD  1 
ATOM   993  N NE  . ARG B 1 30 ? -7.51201  17.45642  1.85636   1.000 82.20617  ? 30  ARG B NE  1 
ATOM   994  C CZ  . ARG B 1 30 ? -7.61276  18.32121  0.85185   1.000 89.02531  ? 30  ARG B CZ  1 
ATOM   995  N NH1 . ARG B 1 30 ? -8.61379  18.22521  -0.01268  1.000 78.08455  ? 30  ARG B NH1 1 
ATOM   996  N NH2 . ARG B 1 30 ? -6.71303  19.28567  0.71332   1.000 74.89349  ? 30  ARG B NH2 1 
ATOM   997  N N   . GLU B 1 31 ? -5.12911  11.89533  3.73817   0.817 77.45629  ? 31  GLU B N   1 
ATOM   998  C CA  . GLU B 1 31 ? -5.30803  10.78040  4.66824   0.817 81.79779  ? 31  GLU B CA  1 
ATOM   999  C C   . GLU B 1 31 ? -4.06361  9.88979   4.67537   0.817 86.70925  ? 31  GLU B C   1 
ATOM   1000 O O   . GLU B 1 31 ? -4.11420  8.68943   4.40559   0.817 79.95803  ? 31  GLU B O   1 
ATOM   1001 C CB  . GLU B 1 31 ? -6.55964  9.98807   4.30822   0.817 69.18622  ? 31  GLU B CB  1 
ATOM   1002 N N   . SER B 1 32 ? -2.92801  10.52343  4.98335   1.000 90.04316  ? 32  SER B N   1 
ATOM   1003 C CA  . SER B 1 32 ? -1.61895  9.87835   5.06916   1.000 93.62648  ? 32  SER B CA  1 
ATOM   1004 C C   . SER B 1 32 ? -1.15994  9.32108   3.72524   1.000 95.48690  ? 32  SER B C   1 
ATOM   1005 O O   . SER B 1 32 ? -1.94077  9.24102   2.77121   1.000 98.87403  ? 32  SER B O   1 
ATOM   1006 C CB  . SER B 1 32 ? -1.62613  8.76560   6.12397   1.000 95.44633  ? 32  SER B CB  1 
ATOM   1007 O OG  . SER B 1 32 ? -2.36706  7.64004   5.68351   1.000 80.68379  ? 32  SER B OG  1 
ATOM   1008 N N   . ASN B 1 33 ? 0.11337   8.94317   3.64075   1.000 89.63447  ? 33  ASN B N   1 
ATOM   1009 C CA  . ASN B 1 33 ? 0.67642   8.35690   2.43236   1.000 93.99233  ? 33  ASN B CA  1 
ATOM   1010 C C   . ASN B 1 33 ? 0.57269   6.83804   2.40999   1.000 91.85586  ? 33  ASN B C   1 
ATOM   1011 O O   . ASN B 1 33 ? 1.03506   6.21322   1.44970   1.000 90.38730  ? 33  ASN B O   1 
ATOM   1012 C CB  . ASN B 1 33 ? 2.14268   8.77465   2.27643   1.000 92.71626  ? 33  ASN B CB  1 
ATOM   1013 N N   . SER B 1 34 ? -0.01864  6.23216   3.44055   1.000 78.73649  ? 34  SER B N   1 
ATOM   1014 C CA  . SER B 1 34 ? -0.16627  4.78381   3.48708   1.000 74.81294  ? 34  SER B CA  1 
ATOM   1015 C C   . SER B 1 34 ? -1.28838  4.27810   2.59195   1.000 82.43464  ? 34  SER B C   1 
ATOM   1016 O O   . SER B 1 34 ? -1.33493  3.07892   2.29638   1.000 76.72082  ? 34  SER B O   1 
ATOM   1017 C CB  . SER B 1 34 ? -0.41770  4.32970   4.92636   1.000 81.05534  ? 34  SER B CB  1 
ATOM   1018 O OG  . SER B 1 34 ? -1.57692  4.94907   5.45776   1.000 74.15676  ? 34  SER B OG  1 
ATOM   1019 N N   . VAL B 1 35 ? -2.18325  5.15749   2.15410   1.000 75.20470  ? 35  VAL B N   1 
ATOM   1020 C CA  . VAL B 1 35 ? -3.33911  4.75113   1.36266   1.000 55.41008  ? 35  VAL B CA  1 
ATOM   1021 C C   . VAL B 1 35 ? -2.91207  4.57215   -0.08934  1.000 46.68983  ? 35  VAL B C   1 
ATOM   1022 O O   . VAL B 1 35 ? -2.40919  5.50689   -0.72061  1.000 52.41647  ? 35  VAL B O   1 
ATOM   1023 C CB  . VAL B 1 35 ? -4.47618  5.77474   1.48283   1.000 51.12868  ? 35  VAL B CB  1 
ATOM   1024 C CG1 . VAL B 1 35 ? -5.62075  5.39598   0.56801   1.000 49.69059  ? 35  VAL B CG1 1 
ATOM   1025 C CG2 . VAL B 1 35 ? -4.95362  5.86630   2.92382   1.000 53.25052  ? 35  VAL B CG2 1 
ATOM   1026 N N   . GLU B 1 36 ? -3.11243  3.36778   -0.61818  1.000 41.44002  ? 36  GLU B N   1 
ATOM   1027 C CA  . GLU B 1 36 ? -2.81583  3.06484   -2.01146  1.000 42.59012  ? 36  GLU B CA  1 
ATOM   1028 C C   . GLU B 1 36 ? -4.03888  3.37480   -2.86518  1.000 48.48404  ? 36  GLU B C   1 
ATOM   1029 O O   . GLU B 1 36 ? -5.15218  2.95057   -2.53980  1.000 42.94918  ? 36  GLU B O   1 
ATOM   1030 C CB  . GLU B 1 36 ? -2.41150  1.59780   -2.16319  1.000 40.44405  ? 36  GLU B CB  1 
ATOM   1031 C CG  . GLU B 1 36 ? -2.10198  1.16574   -3.58540  1.000 48.88237  ? 36  GLU B CG  1 
ATOM   1032 C CD  . GLU B 1 36 ? -1.71649  -0.29920  -3.67091  1.000 56.64201  ? 36  GLU B CD  1 
ATOM   1033 O OE1 . GLU B 1 36 ? -1.51576  -0.92368  -2.60771  1.000 54.68665  ? 36  GLU B OE1 1 
ATOM   1034 O OE2 . GLU B 1 36 ? -1.61734  -0.82776  -4.79797  1.000 69.86765  ? 36  GLU B OE2 1 
ATOM   1035 N N   . VAL B 1 37 ? -3.83285  4.11454   -3.95237  1.000 42.86505  ? 37  VAL B N   1 
ATOM   1036 C CA  . VAL B 1 37 ? -4.93001  4.57054   -4.79844  1.000 39.73085  ? 37  VAL B CA  1 
ATOM   1037 C C   . VAL B 1 37 ? -4.52536  4.43907   -6.26130  1.000 44.69600  ? 37  VAL B C   1 
ATOM   1038 O O   . VAL B 1 37 ? -3.37433  4.69873   -6.62808  1.000 43.04254  ? 37  VAL B O   1 
ATOM   1039 C CB  . VAL B 1 37 ? -5.33699  6.02253   -4.45889  1.000 45.59884  ? 37  VAL B CB  1 
ATOM   1040 C CG1 . VAL B 1 37 ? -4.16525  6.97709   -4.65566  1.000 44.89316  ? 37  VAL B CG1 1 
ATOM   1041 C CG2 . VAL B 1 37 ? -6.54102  6.45625   -5.28612  1.000 35.85759  ? 37  VAL B CG2 1 
ATOM   1042 N N   . HIS B 1 38 ? -5.47467  4.01484   -7.09358  1.000 34.15897  ? 38  HIS B N   1 
ATOM   1043 C CA  . HIS B 1 38 ? -5.29632  3.96107   -8.53693  1.000 30.23811  ? 38  HIS B CA  1 
ATOM   1044 C C   . HIS B 1 38 ? -6.55513  4.49183   -9.20518  1.000 38.60182  ? 38  HIS B C   1 
ATOM   1045 O O   . HIS B 1 38 ? -7.66929  4.21528   -8.75207  1.000 30.68841  ? 38  HIS B O   1 
ATOM   1046 C CB  . HIS B 1 38 ? -4.99894  2.53559   -9.02119  1.000 41.21444  ? 38  HIS B CB  1 
ATOM   1047 C CG  . HIS B 1 38 ? -3.69342  1.99237   -8.53204  1.000 73.25000  ? 38  HIS B CG  1 
ATOM   1048 N ND1 . HIS B 1 38 ? -3.60682  1.05511   -7.52378  1.000 76.66755  ? 38  HIS B ND1 1 
ATOM   1049 C CD2 . HIS B 1 38 ? -2.41956  2.25725   -8.90706  1.000 72.25003  ? 38  HIS B CD2 1 
ATOM   1050 C CE1 . HIS B 1 38 ? -2.33842  0.76441   -7.30319  1.000 75.43286  ? 38  HIS B CE1 1 
ATOM   1051 N NE2 . HIS B 1 38 ? -1.59610  1.48118   -8.12918  1.000 78.29359  ? 38  HIS B NE2 1 
ATOM   1052 N N   . VAL B 1 39 ? -6.37241  5.25503   -10.28037 1.000 36.56301  ? 39  VAL B N   1 
ATOM   1053 C CA  . VAL B 1 39 ? -7.46651  5.91593   -10.98094 1.000 31.94631  ? 39  VAL B CA  1 
ATOM   1054 C C   . VAL B 1 39 ? -7.47417  5.45712   -12.43216 1.000 44.30962  ? 39  VAL B C   1 
ATOM   1055 O O   . VAL B 1 39 ? -6.42054  5.37196   -13.07264 1.000 46.59792  ? 39  VAL B O   1 
ATOM   1056 C CB  . VAL B 1 39 ? -7.34687  7.45276   -10.89678 1.000 36.62970  ? 39  VAL B CB  1 
ATOM   1057 C CG1 . VAL B 1 39 ? -8.51644  8.12252   -11.60417 1.000 33.64172  ? 39  VAL B CG1 1 
ATOM   1058 C CG2 . VAL B 1 39 ? -7.26720  7.90186   -9.44656  1.000 40.44935  ? 39  VAL B CG2 1 
ATOM   1059 N N   . GLU B 1 40 ? -8.66711  5.16331   -12.94735 1.000 36.01078  ? 40  GLU B N   1 
ATOM   1060 C CA  . GLU B 1 40 ? -8.85174  4.78003   -14.33898 1.000 41.17684  ? 40  GLU B CA  1 
ATOM   1061 C C   . GLU B 1 40 ? -10.08707 5.47897   -14.88565 1.000 37.68786  ? 40  GLU B C   1 
ATOM   1062 O O   . GLU B 1 40 ? -11.10649 5.57998   -14.19746 1.000 47.57433  ? 40  GLU B O   1 
ATOM   1063 C CB  . GLU B 1 40 ? -8.99456  3.25851   -14.48955 1.000 39.57500  ? 40  GLU B CB  1 
ATOM   1064 C CG  . GLU B 1 40 ? -9.08581  2.77960   -15.93071 1.000 61.84372  ? 40  GLU B CG  1 
ATOM   1065 C CD  . GLU B 1 40 ? -9.17399  1.26908   -16.04232 1.000 78.20922  ? 40  GLU B CD  1 
ATOM   1066 O OE1 . GLU B 1 40 ? -9.43762  0.60767   -15.01573 1.000 71.04185  ? 40  GLU B OE1 1 
ATOM   1067 O OE2 . GLU B 1 40 ? -8.97554  0.74309   -17.15785 1.000 83.15901  ? 40  GLU B OE2 1 
ATOM   1068 N N   . THR B 1 41 ? -9.98860  5.96781   -16.11906 1.000 41.14306  ? 41  THR B N   1 
ATOM   1069 C CA  . THR B 1 41 ? -11.09244 6.63598   -16.79249 1.000 38.44121  ? 41  THR B CA  1 
ATOM   1070 C C   . THR B 1 41 ? -11.43812 5.88843   -18.07082 1.000 47.82223  ? 41  THR B C   1 
ATOM   1071 O O   . THR B 1 41 ? -10.54797 5.49505   -18.83040 1.000 47.56624  ? 41  THR B O   1 
ATOM   1072 C CB  . THR B 1 41 ? -10.75234 8.09297   -17.12514 1.000 45.52743  ? 41  THR B CB  1 
ATOM   1073 O OG1 . THR B 1 41 ? -9.57526  8.13817   -17.94073 1.000 63.09943  ? 41  THR B OG1 1 
ATOM   1074 C CG2 . THR B 1 41 ? -10.51457 8.88779   -15.85435 1.000 46.29544  ? 41  THR B CG2 1 
ATOM   1075 N N   . ARG B 1 42 ? -12.73375 5.69460   -18.30369 1.000 40.60193  ? 42  ARG B N   1 
ATOM   1076 C CA  . ARG B 1 42 ? -13.22182 5.01788   -19.49650 1.000 39.01876  ? 42  ARG B CA  1 
ATOM   1077 C C   . ARG B 1 42 ? -14.22491 5.92279   -20.19286 1.000 36.64525  ? 42  ARG B C   1 
ATOM   1078 O O   . ARG B 1 42 ? -15.09223 6.51105   -19.53864 1.000 40.33888  ? 42  ARG B O   1 
ATOM   1079 C CB  . ARG B 1 42 ? -13.86056 3.66897   -19.14990 1.000 40.53978  ? 42  ARG B CB  1 
ATOM   1080 C CG  . ARG B 1 42 ? -12.97808 2.76541   -18.30317 1.000 50.68319  ? 42  ARG B CG  1 
ATOM   1081 C CD  . ARG B 1 42 ? -13.57213 1.37353   -18.17730 1.000 77.41261  ? 42  ARG B CD  1 
ATOM   1082 N NE  . ARG B 1 42 ? -12.98658 0.63401   -17.06382 1.000 87.83129  ? 42  ARG B NE  1 
ATOM   1083 C CZ  . ARG B 1 42 ? -13.22604 -0.64783  -16.81048 1.000 97.69465  ? 42  ARG B CZ  1 
ATOM   1084 N NH1 . ARG B 1 42 ? -12.65243 -1.23799  -15.77126 1.000 99.29763  ? 42  ARG B NH1 1 
ATOM   1085 N NH2 . ARG B 1 42 ? -14.03572 -1.34117  -17.59866 1.000 110.45500 ? 42  ARG B NH2 1 
ATOM   1086 N N   . LYS B 1 43 ? -14.10396 6.03282   -21.51447 1.000 38.00173  ? 43  LYS B N   1 
ATOM   1087 C CA  . LYS B 1 43 ? -14.93305 6.92499   -22.31878 1.000 48.23058  ? 43  LYS B CA  1 
ATOM   1088 C C   . LYS B 1 43 ? -15.66069 6.09615   -23.36975 1.000 51.49208  ? 43  LYS B C   1 
ATOM   1089 O O   . LYS B 1 43 ? -15.02705 5.52960   -24.26722 1.000 51.08535  ? 43  LYS B O   1 
ATOM   1090 C CB  . LYS B 1 43 ? -14.07862 8.01154   -22.96749 1.000 48.54725  ? 43  LYS B CB  1 
ATOM   1091 C CG  . LYS B 1 43 ? -14.81601 9.29724   -23.26853 1.000 67.72148  ? 43  LYS B CG  1 
ATOM   1092 C CD  . LYS B 1 43 ? -13.82885 10.41655  -23.55424 1.000 70.19716  ? 43  LYS B CD  1 
ATOM   1093 C CE  . LYS B 1 43 ? -12.85492 10.61016  -22.39533 1.000 68.10954  ? 43  LYS B CE  1 
ATOM   1094 N NZ  . LYS B 1 43 ? -11.85868 11.68827  -22.66848 1.000 65.53072  ? 43  LYS B NZ  1 
ATOM   1095 N N   . ARG B 1 44 ? -16.98774 6.02502   -23.25888 0.738 61.12799  ? 44  ARG B N   1 
ATOM   1096 C CA  . ARG B 1 44 ? -17.79068 5.27159   -24.21457 0.738 64.66889  ? 44  ARG B CA  1 
ATOM   1097 C C   . ARG B 1 44 ? -18.63737 6.21138   -25.06073 0.738 79.93727  ? 44  ARG B C   1 
ATOM   1098 O O   . ARG B 1 44 ? -19.87037 6.16645   -24.99376 0.738 87.48287  ? 44  ARG B O   1 
ATOM   1099 C CB  . ARG B 1 44 ? -18.69821 4.26151   -23.50612 0.738 57.02629  ? 44  ARG B CB  1 
ATOM   1100 C CG  . ARG B 1 44 ? -17.99007 3.13229   -22.77882 0.738 59.42118  ? 44  ARG B CG  1 
ATOM   1101 C CD  . ARG B 1 44 ? -18.96224 1.98485   -22.51518 0.738 58.60206  ? 44  ARG B CD  1 
ATOM   1102 N NE  . ARG B 1 44 ? -18.51644 1.09029   -21.45022 0.738 61.09544  ? 44  ARG B NE  1 
ATOM   1103 C CZ  . ARG B 1 44 ? -19.19780 0.02287   -21.04547 0.738 60.76701  ? 44  ARG B CZ  1 
ATOM   1104 N NH1 . ARG B 1 44 ? -20.35236 -0.28134  -21.62264 0.738 63.61322  ? 44  ARG B NH1 1 
ATOM   1105 N NH2 . ARG B 1 44 ? -18.72847 -0.74041  -20.06679 0.738 61.13065  ? 44  ARG B NH2 1 
ATOM   1106 N N   . ASN B 1 45 ? -17.98101 7.06438   -25.85039 1.000 89.95835  ? 45  ASN B N   1 
ATOM   1107 C CA  . ASN B 1 45 ? -18.65264 7.97883   -26.76874 1.000 101.73885 ? 45  ASN B CA  1 
ATOM   1108 C C   . ASN B 1 45 ? -19.60922 8.91184   -26.03452 1.000 94.40102  ? 45  ASN B C   1 
ATOM   1109 O O   . ASN B 1 45 ? -20.79785 8.60711   -25.89483 1.000 90.73642  ? 45  ASN B O   1 
ATOM   1110 C CB  . ASN B 1 45 ? -19.39965 7.19365   -27.85223 1.000 99.98111  ? 45  ASN B CB  1 
ATOM   1111 N N   . GLY B 1 46 ? -19.10360 10.04822  -25.55995 1.000 93.76508  ? 46  GLY B N   1 
ATOM   1112 C CA  . GLY B 1 46 ? -19.93046 11.01007  -24.86430 1.000 82.05507  ? 46  GLY B CA  1 
ATOM   1113 C C   . GLY B 1 46 ? -20.24786 10.67410  -23.42340 1.000 87.05291  ? 46  GLY B C   1 
ATOM   1114 O O   . GLY B 1 46 ? -20.86805 11.49736  -22.73778 1.000 85.12771  ? 46  GLY B O   1 
ATOM   1115 N N   . GLU B 1 47 ? -19.85379 9.49765   -22.93902 1.000 86.05875  ? 47  GLU B N   1 
ATOM   1116 C CA  . GLU B 1 47 ? -20.09358 9.09709   -21.55726 1.000 82.78228  ? 47  GLU B CA  1 
ATOM   1117 C C   . GLU B 1 47 ? -18.76250 8.72377   -20.92563 1.000 69.87750  ? 47  GLU B C   1 
ATOM   1118 O O   . GLU B 1 47 ? -18.07497 7.82025   -21.41254 1.000 62.56200  ? 47  GLU B O   1 
ATOM   1119 C CB  . GLU B 1 47 ? -21.07804 7.92602   -21.47895 1.000 73.29133  ? 47  GLU B CB  1 
ATOM   1120 N N   . VAL B 1 48 ? -18.40212 9.41554   -19.84760 1.000 57.95883  ? 48  VAL B N   1 
ATOM   1121 C CA  . VAL B 1 48 ? -17.12735 9.21858   -19.16942 1.000 46.42445  ? 48  VAL B CA  1 
ATOM   1122 C C   . VAL B 1 48 ? -17.38574 8.61705   -17.79658 1.000 46.08361  ? 48  VAL B C   1 
ATOM   1123 O O   . VAL B 1 48 ? -18.29870 9.04370   -17.07965 1.000 45.82809  ? 48  VAL B O   1 
ATOM   1124 C CB  . VAL B 1 48 ? -16.34087 10.53786  -19.04768 1.000 56.42199  ? 48  VAL B CB  1 
ATOM   1125 C CG1 . VAL B 1 48 ? -14.93710 10.27100  -18.52731 1.000 45.53092  ? 48  VAL B CG1 1 
ATOM   1126 C CG2 . VAL B 1 48 ? -16.29826 11.25348  -20.38680 1.000 60.05665  ? 48  VAL B CG2 1 
ATOM   1127 N N   . GLU B 1 49 ? -16.57802 7.62378   -17.43521 1.000 36.41398  ? 49  GLU B N   1 
ATOM   1128 C CA  . GLU B 1 49 ? -16.63986 6.97171   -16.13500 1.000 36.28774  ? 49  GLU B CA  1 
ATOM   1129 C C   . GLU B 1 49 ? -15.26568 7.03713   -15.48631 1.000 38.92552  ? 49  GLU B C   1 
ATOM   1130 O O   . GLU B 1 49 ? -14.25891 6.72103   -16.12837 1.000 40.37367  ? 49  GLU B O   1 
ATOM   1131 C CB  . GLU B 1 49 ? -17.08655 5.51269   -16.26632 1.000 42.56746  ? 49  GLU B CB  1 
ATOM   1132 C CG  . GLU B 1 49 ? -18.47816 5.32302   -16.84586 1.000 65.24618  ? 49  GLU B CG  1 
ATOM   1133 C CD  . GLU B 1 49 ? -18.84621 3.85818   -17.00046 1.000 88.14377  ? 49  GLU B CD  1 
ATOM   1134 O OE1 . GLU B 1 49 ? -19.17949 3.44341   -18.13032 1.000 97.82118  ? 49  GLU B OE1 1 
ATOM   1135 O OE2 . GLU B 1 49 ? -18.79394 3.12010   -15.99343 1.000 79.29582  ? 49  GLU B OE2 1 
ATOM   1136 N N   . VAL B 1 50 ? -15.22511 7.44362   -14.22060 1.000 30.73757  ? 50  VAL B N   1 
ATOM   1137 C CA  . VAL B 1 50 ? -13.99004 7.50407   -13.44637 1.000 31.42768  ? 50  VAL B CA  1 
ATOM   1138 C C   . VAL B 1 50 ? -14.03632 6.39616   -12.40422 1.000 31.40741  ? 50  VAL B C   1 
ATOM   1139 O O   . VAL B 1 50 ? -14.97097 6.33280   -11.59579 1.000 33.29324  ? 50  VAL B O   1 
ATOM   1140 C CB  . VAL B 1 50 ? -13.79642 8.87673   -12.78488 1.000 30.71964  ? 50  VAL B CB  1 
ATOM   1141 C CG1 . VAL B 1 50 ? -12.58690 8.85408   -11.86032 1.000 29.55191  ? 50  VAL B CG1 1 
ATOM   1142 C CG2 . VAL B 1 50 ? -13.63666 9.95329   -13.84521 1.000 36.20819  ? 50  VAL B CG2 1 
ATOM   1143 N N   . HIS B 1 51 ? -13.03150 5.52476   -12.42473 1.000 35.55830  ? 51  HIS B N   1 
ATOM   1144 C CA  . HIS B 1 51 ? -12.92191 4.41358   -11.48758 1.000 35.66704  ? 51  HIS B CA  1 
ATOM   1145 C C   . HIS B 1 51 ? -11.74466 4.66847   -10.55730 1.000 32.93705  ? 51  HIS B C   1 
ATOM   1146 O O   . HIS B 1 51 ? -10.61759 4.87638   -11.01929 1.000 35.06262  ? 51  HIS B O   1 
ATOM   1147 C CB  . HIS B 1 51 ? -12.74567 3.08608   -12.22478 1.000 31.79633  ? 51  HIS B CB  1 
ATOM   1148 C CG  . HIS B 1 51 ? -13.92795 2.69420   -13.05424 1.000 41.18936  ? 51  HIS B CG  1 
ATOM   1149 N ND1 . HIS B 1 51 ? -14.27372 3.35219   -14.21476 1.000 62.41929  ? 51  HIS B ND1 1 
ATOM   1150 C CD2 . HIS B 1 51 ? -14.84667 1.71322   -12.88998 1.000 56.97636  ? 51  HIS B CD2 1 
ATOM   1151 C CE1 . HIS B 1 51 ? -15.35353 2.79261   -14.73066 1.000 48.89822  ? 51  HIS B CE1 1 
ATOM   1152 N NE2 . HIS B 1 51 ? -15.72154 1.79601   -13.94591 1.000 50.15830  ? 51  HIS B NE2 1 
ATOM   1153 N N   . VAL B 1 52 ? -12.00837 4.65179   -9.25406  1.000 25.07977  ? 52  VAL B N   1 
ATOM   1154 C CA  . VAL B 1 52 ? -10.99503 4.88681   -8.23259  1.000 24.06944  ? 52  VAL B CA  1 
ATOM   1155 C C   . VAL B 1 52 ? -10.93663 3.65405   -7.34282  1.000 31.26150  ? 52  VAL B C   1 
ATOM   1156 O O   . VAL B 1 52 ? -11.93892 3.28745   -6.71733  1.000 30.52022  ? 52  VAL B O   1 
ATOM   1157 C CB  . VAL B 1 52 ? -11.30076 6.14451   -7.40428  1.000 34.33855  ? 52  VAL B CB  1 
ATOM   1158 C CG1 . VAL B 1 52 ? -10.19116 6.39987   -6.39536  1.000 29.03500  ? 52  VAL B CG1 1 
ATOM   1159 C CG2 . VAL B 1 52 ? -11.49363 7.34931   -8.31618  1.000 31.06556  ? 52  VAL B CG2 1 
ATOM   1160 N N   . ARG B 1 53 ? -9.77152  3.01586   -7.28622  1.000 26.61925  ? 53  ARG B N   1 
ATOM   1161 C CA  . ARG B 1 53 ? -9.56036  1.84905   -6.43995  1.000 21.87004  ? 53  ARG B CA  1 
ATOM   1162 C C   . ARG B 1 53 ? -8.64969  2.22408   -5.27998  1.000 27.26789  ? 53  ARG B C   1 
ATOM   1163 O O   . ARG B 1 53 ? -7.55843  2.76445   -5.48926  1.000 34.08864  ? 53  ARG B O   1 
ATOM   1164 C CB  . ARG B 1 53 ? -8.95859  0.68474   -7.23022  1.000 31.36406  ? 53  ARG B CB  1 
ATOM   1165 C CG  . ARG B 1 53 ? -9.00260  -0.63343  -6.47120  1.000 38.48925  ? 53  ARG B CG  1 
ATOM   1166 C CD  . ARG B 1 53 ? -8.46198  -1.79666  -7.28660  1.000 41.50366  ? 53  ARG B CD  1 
ATOM   1167 N NE  . ARG B 1 53 ? -7.00557  -1.88620  -7.23342  1.000 66.25026  ? 53  ARG B NE  1 
ATOM   1168 C CZ  . ARG B 1 53 ? -6.19652  -1.53991  -8.22883  1.000 70.27204  ? 53  ARG B CZ  1 
ATOM   1169 N NH1 . ARG B 1 53 ? -6.69959  -1.08091  -9.36661  1.000 73.58313  ? 53  ARG B NH1 1 
ATOM   1170 N NH2 . ARG B 1 53 ? -4.88319  -1.65908  -8.08864  1.000 64.25737  ? 53  ARG B NH2 1 
ATOM   1171 N N   . ILE B 1 54 ? -9.10318  1.93634   -4.06321  1.000 22.66295  ? 54  ILE B N   1 
ATOM   1172 C CA  . ILE B 1 54 ? -8.37150  2.23772   -2.83997  1.000 26.44542  ? 54  ILE B CA  1 
ATOM   1173 C C   . ILE B 1 54 ? -8.25157  0.95548   -2.02987  1.000 32.27629  ? 54  ILE B C   1 
ATOM   1174 O O   . ILE B 1 54 ? -9.24309  0.24125   -1.84604  1.000 28.60685  ? 54  ILE B O   1 
ATOM   1175 C CB  . ILE B 1 54 ? -9.07602  3.32974   -2.01254  1.000 31.26559  ? 54  ILE B CB  1 
ATOM   1176 C CG1 . ILE B 1 54 ? -9.15849  4.63872   -2.80020  1.000 43.41678  ? 54  ILE B CG1 1 
ATOM   1177 C CG2 . ILE B 1 54 ? -8.36796  3.53792   -0.68749  1.000 39.47639  ? 54  ILE B CG2 1 
ATOM   1178 C CD1 . ILE B 1 54 ? -9.95762  5.71147   -2.09937  1.000 47.82904  ? 54  ILE B CD1 1 
ATOM   1179 N N   . ARG B 1 55 ? -7.04474  0.66079   -1.54856  1.000 29.55446  ? 55  ARG B N   1 
ATOM   1180 C CA  . ARG B 1 55 ? -6.82419  -0.48295  -0.67409  1.000 35.94647  ? 55  ARG B CA  1 
ATOM   1181 C C   . ARG B 1 55 ? -5.97392  -0.07003  0.51835   1.000 37.08190  ? 55  ARG B C   1 
ATOM   1182 O O   . ARG B 1 55 ? -4.97536  0.64072   0.36755   1.000 35.14522  ? 55  ARG B O   1 
ATOM   1183 C CB  . ARG B 1 55 ? -6.16494  -1.65731  -1.41639  1.000 38.42452  ? 55  ARG B CB  1 
ATOM   1184 C CG  . ARG B 1 55 ? -5.07757  -1.28277  -2.40578  1.000 55.16479  ? 55  ARG B CG  1 
ATOM   1185 C CD  . ARG B 1 55 ? -4.30256  -2.52467  -2.83041  1.000 65.30792  ? 55  ARG B CD  1 
ATOM   1186 N NE  . ARG B 1 55 ? -5.18491  -3.64390  -3.15266  1.000 57.66792  ? 55  ARG B NE  1 
ATOM   1187 C CZ  . ARG B 1 55 ? -5.33927  -4.15411  -4.37064  1.000 69.24745  ? 55  ARG B CZ  1 
ATOM   1188 N NH1 . ARG B 1 55 ? -4.66054  -3.65451  -5.39423  1.000 70.81529  ? 55  ARG B NH1 1 
ATOM   1189 N NH2 . ARG B 1 55 ? -6.16696  -5.17258  -4.56377  1.000 54.46335  ? 55  ARG B NH2 1 
ATOM   1190 N N   . HIS B 1 56 ? -6.38141  -0.52233  1.70288   1.000 33.73435  ? 56  HIS B N   1 
ATOM   1191 C CA  . HIS B 1 56 ? -5.71569  -0.17066  2.94923   1.000 37.15892  ? 56  HIS B CA  1 
ATOM   1192 C C   . HIS B 1 56 ? -6.00814  -1.26181  3.96967   1.000 44.13290  ? 56  HIS B C   1 
ATOM   1193 O O   . HIS B 1 56 ? -6.95053  -2.04256  3.81409   1.000 36.83188  ? 56  HIS B O   1 
ATOM   1194 C CB  . HIS B 1 56 ? -6.17727  1.20159   3.45730   1.000 44.73255  ? 56  HIS B CB  1 
ATOM   1195 C CG  . HIS B 1 56 ? -5.29269  1.79096   4.51149   1.000 45.47631  ? 56  HIS B CG  1 
ATOM   1196 N ND1 . HIS B 1 56 ? -5.70663  1.97449   5.81392   1.000 64.07948  ? 56  HIS B ND1 1 
ATOM   1197 C CD2 . HIS B 1 56 ? -4.01874  2.24624   4.45534   1.000 57.50392  ? 56  HIS B CD2 1 
ATOM   1198 C CE1 . HIS B 1 56 ? -4.72560  2.51404   6.51397   1.000 66.79765  ? 56  HIS B CE1 1 
ATOM   1199 N NE2 . HIS B 1 56 ? -3.68927  2.68898   5.71315   1.000 63.86097  ? 56  HIS B NE2 1 
ATOM   1200 N N   . ASP B 1 57 ? -5.18649  -1.30698  5.01986   1.000 55.27985  ? 57  ASP B N   1 
ATOM   1201 C CA  . ASP B 1 57 ? -5.30425  -2.35132  6.03086   1.000 52.36326  ? 57  ASP B CA  1 
ATOM   1202 C C   . ASP B 1 57 ? -6.28285  -2.01048  7.14678   1.000 60.69243  ? 57  ASP B C   1 
ATOM   1203 O O   . ASP B 1 57 ? -6.79579  -2.92694  7.79945   1.000 61.68556  ? 57  ASP B O   1 
ATOM   1204 C CB  . ASP B 1 57 ? -3.93281  -2.65574  6.64368   1.000 48.72308  ? 57  ASP B CB  1 
ATOM   1205 C CG  . ASP B 1 57 ? -2.96941  -3.26236  5.64338   1.000 67.80064  ? 57  ASP B CG  1 
ATOM   1206 O OD1 . ASP B 1 57 ? -2.45970  -2.51740  4.78031   1.000 81.41529  ? 57  ASP B OD1 1 
ATOM   1207 O OD2 . ASP B 1 57 ? -2.72356  -4.48492  5.71819   1.000 74.79928  ? 57  ASP B OD2 1 
ATOM   1208 N N   . ASP B 1 58 ? -6.55205  -0.73011  7.38564   1.000 55.19830  ? 58  ASP B N   1 
ATOM   1209 C CA  . ASP B 1 58 ? -7.46308  -0.30357  8.44049   1.000 59.80600  ? 58  ASP B CA  1 
ATOM   1210 C C   . ASP B 1 58 ? -8.80578  0.06911   7.82377   1.000 65.58290  ? 58  ASP B C   1 
ATOM   1211 O O   . ASP B 1 58 ? -8.87606  0.96073   6.97061   1.000 62.25038  ? 58  ASP B O   1 
ATOM   1212 C CB  . ASP B 1 58 ? -6.88176  0.87491   9.22111   1.000 62.42019  ? 58  ASP B CB  1 
ATOM   1213 C CG  . ASP B 1 58 ? -7.81596  1.37097   10.30743  1.000 83.73033  ? 58  ASP B CG  1 
ATOM   1214 O OD1 . ASP B 1 58 ? -8.13860  0.58380   11.22226  1.000 84.80702  ? 58  ASP B OD1 1 
ATOM   1215 O OD2 . ASP B 1 58 ? -8.22606  2.54896   10.24805  1.000 77.58491  ? 58  ASP B OD2 1 
ATOM   1216 N N   . LYS B 1 59 ? -9.86800  -0.61301  8.25961   1.000 52.81278  ? 59  LYS B N   1 
ATOM   1217 C CA  . LYS B 1 59 ? -11.19359 -0.34374  7.71343   1.000 51.88117  ? 59  LYS B CA  1 
ATOM   1218 C C   . LYS B 1 59 ? -11.73919 0.99660   8.18827   1.000 67.44543  ? 59  LYS B C   1 
ATOM   1219 O O   . LYS B 1 59 ? -12.56571 1.60521   7.49955   1.000 61.67109  ? 59  LYS B O   1 
ATOM   1220 C CB  . LYS B 1 59 ? -12.15608 -1.47080  8.08832   1.000 51.32078  ? 59  LYS B CB  1 
ATOM   1221 N N   . GLU B 1 60 ? -11.29627 1.47063   9.35491   1.000 70.94576  ? 60  GLU B N   1 
ATOM   1222 C CA  . GLU B 1 60 ? -11.77384 2.75550   9.85553   1.000 68.23838  ? 60  GLU B CA  1 
ATOM   1223 C C   . GLU B 1 60 ? -11.20973 3.91099   9.03824   1.000 57.80427  ? 60  GLU B C   1 
ATOM   1224 O O   . GLU B 1 60 ? -11.92537 4.87377   8.73768   1.000 63.57272  ? 60  GLU B O   1 
ATOM   1225 C CB  . GLU B 1 60 ? -11.40940 2.91185   11.33173  1.000 74.72122  ? 60  GLU B CB  1 
ATOM   1226 N N   . THR B 1 61 ? -9.92870  3.83333   8.67009   1.000 61.96789  ? 61  THR B N   1 
ATOM   1227 C CA  . THR B 1 61 ? -9.32230  4.89135   7.86858   1.000 53.91336  ? 61  THR B CA  1 
ATOM   1228 C C   . THR B 1 61 ? -9.92256  4.93662   6.46912   1.000 60.67753  ? 61  THR B C   1 
ATOM   1229 O O   . THR B 1 61 ? -10.18099 6.02060   5.93236   1.000 62.49914  ? 61  THR B O   1 
ATOM   1230 C CB  . THR B 1 61 ? -7.80796  4.69092   7.79293   1.000 66.45899  ? 61  THR B CB  1 
ATOM   1231 O OG1 . THR B 1 61 ? -7.25474  4.70471   9.11471   1.000 97.41410  ? 61  THR B OG1 1 
ATOM   1232 C CG2 . THR B 1 61 ? -7.15955  5.79268   6.96699   1.000 72.70172  ? 61  THR B CG2 1 
ATOM   1233 N N   . ILE B 1 62 ? -10.16059 3.77102   5.86653   1.000 55.72221  ? 62  ILE B N   1 
ATOM   1234 C CA  . ILE B 1 62 ? -10.67899 3.74463   4.50396   1.000 55.29777  ? 62  ILE B CA  1 
ATOM   1235 C C   . ILE B 1 62 ? -12.16229 4.10456   4.47084   1.000 58.44060  ? 62  ILE B C   1 
ATOM   1236 O O   . ILE B 1 62 ? -12.64495 4.65532   3.47562   1.000 54.42936  ? 62  ILE B O   1 
ATOM   1237 C CB  . ILE B 1 62 ? -10.40670 2.37481   3.85632   1.000 56.98224  ? 62  ILE B CB  1 
ATOM   1238 C CG1 . ILE B 1 62 ? -10.56933 2.45583   2.33772   1.000 60.77520  ? 62  ILE B CG1 1 
ATOM   1239 C CG2 . ILE B 1 62 ? -11.32404 1.30728   4.43111   1.000 57.03033  ? 62  ILE B CG2 1 
ATOM   1240 C CD1 . ILE B 1 62 ? -10.09238 1.21768   1.61375   1.000 50.98484  ? 62  ILE B CD1 1 
ATOM   1241 N N   . GLU B 1 63 ? -12.90562 3.82307   5.54483   1.000 55.44188  ? 63  GLU B N   1 
ATOM   1242 C CA  . GLU B 1 63 ? -14.30829 4.22519   5.58986   1.000 50.05599  ? 63  GLU B CA  1 
ATOM   1243 C C   . GLU B 1 63 ? -14.43862 5.73234   5.76745   1.000 56.27476  ? 63  GLU B C   1 
ATOM   1244 O O   . GLU B 1 63 ? -15.35979 6.35167   5.22184   1.000 46.98360  ? 63  GLU B O   1 
ATOM   1245 C CB  . GLU B 1 63 ? -15.03453 3.48595   6.71346   1.000 45.61261  ? 63  GLU B CB  1 
ATOM   1246 N N   . ARG B 1 64 ? -13.52633 6.33770   6.53228   0.834 48.48000  ? 64  ARG B N   1 
ATOM   1247 C CA  . ARG B 1 64 ? -13.51183 7.79037   6.66370   0.834 58.35638  ? 64  ARG B CA  1 
ATOM   1248 C C   . ARG B 1 64 ? -13.13198 8.46578   5.35203   0.834 63.97328  ? 64  ARG B C   1 
ATOM   1249 O O   . ARG B 1 64 ? -13.62074 9.56201   5.05420   0.834 59.06889  ? 64  ARG B O   1 
ATOM   1250 C CB  . ARG B 1 64 ? -12.54703 8.20300   7.77731   0.834 56.42840  ? 64  ARG B CB  1 
ATOM   1251 C CG  . ARG B 1 64 ? -12.41476 9.70426   7.97830   0.834 70.49910  ? 64  ARG B CG  1 
ATOM   1252 C CD  . ARG B 1 64 ? -11.53271 10.04336  9.17353   0.834 76.55796  ? 64  ARG B CD  1 
ATOM   1253 N NE  . ARG B 1 64 ? -10.16581 9.54922   9.02599   0.834 81.07445  ? 64  ARG B NE  1 
ATOM   1254 C CZ  . ARG B 1 64 ? -9.67045  8.50842   9.68842   0.834 79.46899  ? 64  ARG B CZ  1 
ATOM   1255 N NH1 . ARG B 1 64 ? -10.42938 7.84745   10.55183  0.834 77.49635  ? 64  ARG B NH1 1 
ATOM   1256 N NH2 . ARG B 1 64 ? -8.41418  8.13101   9.49199   0.834 67.49805  ? 64  ARG B NH2 1 
ATOM   1257 N N   . LEU B 1 65 ? -12.27730 7.82407   4.55267   1.000 52.53299  ? 65  LEU B N   1 
ATOM   1258 C CA  . LEU B 1 65 ? -11.84430 8.42408   3.29529   1.000 54.91586  ? 65  LEU B CA  1 
ATOM   1259 C C   . LEU B 1 65 ? -12.94847 8.37741   2.24556   1.000 56.83653  ? 65  LEU B C   1 
ATOM   1260 O O   . LEU B 1 65 ? -13.09641 9.31494   1.45325   1.000 50.88554  ? 65  LEU B O   1 
ATOM   1261 C CB  . LEU B 1 65 ? -10.58642 7.71823   2.78796   1.000 41.91970  ? 65  LEU B CB  1 
ATOM   1262 C CG  . LEU B 1 65 ? -9.99556  8.20491   1.46345   1.000 52.72417  ? 65  LEU B CG  1 
ATOM   1263 C CD1 . LEU B 1 65 ? -9.66513  9.68690   1.53216   1.000 49.70631  ? 65  LEU B CD1 1 
ATOM   1264 C CD2 . LEU B 1 65 ? -8.76046  7.39443   1.10465   1.000 39.91813  ? 65  LEU B CD2 1 
ATOM   1265 N N   . VAL B 1 66 ? -13.73482 7.29839   2.22562   1.000 42.72789  ? 66  VAL B N   1 
ATOM   1266 C CA  . VAL B 1 66 ? -14.77987 7.15385   1.21363   1.000 45.69649  ? 66  VAL B CA  1 
ATOM   1267 C C   . VAL B 1 66 ? -15.83285 8.24359   1.37349   1.000 61.17305  ? 66  VAL B C   1 
ATOM   1268 O O   . VAL B 1 66 ? -16.21302 8.91035   0.40385   1.000 42.32385  ? 66  VAL B O   1 
ATOM   1269 C CB  . VAL B 1 66 ? -15.40607 5.74952   1.28347   1.000 41.44451  ? 66  VAL B CB  1 
ATOM   1270 C CG1 . VAL B 1 66 ? -16.65548 5.68213   0.42047   1.000 42.62859  ? 66  VAL B CG1 1 
ATOM   1271 C CG2 . VAL B 1 66 ? -14.39969 4.70313   0.84041   1.000 46.62261  ? 66  VAL B CG2 1 
ATOM   1272 N N   . GLU B 1 67 ? -16.31881 8.44150   2.60181   1.000 64.03573  ? 67  GLU B N   1 
ATOM   1273 C CA  . GLU B 1 67 ? -17.33801 9.45999   2.83825   1.000 62.77817  ? 67  GLU B CA  1 
ATOM   1274 C C   . GLU B 1 67 ? -16.81518 10.85137  2.50656   1.000 44.37959  ? 67  GLU B C   1 
ATOM   1275 O O   . GLU B 1 67 ? -17.54197 11.68019  1.94559   1.000 53.83817  ? 67  GLU B O   1 
ATOM   1276 C CB  . GLU B 1 67 ? -17.81500 9.39653   4.28881   1.000 64.84895  ? 67  GLU B CB  1 
ATOM   1277 C CG  . GLU B 1 67 ? -18.33884 8.03284   4.70152   1.000 79.40708  ? 67  GLU B CG  1 
ATOM   1278 C CD  . GLU B 1 67 ? -19.50707 7.57742   3.84964   1.000 78.96092  ? 67  GLU B CD  1 
ATOM   1279 O OE1 . GLU B 1 67 ? -20.35139 8.42598   3.49133   1.000 66.70532  ? 67  GLU B OE1 1 
ATOM   1280 O OE2 . GLU B 1 67 ? -19.57685 6.37150   3.53181   1.000 80.16589  ? 67  GLU B OE2 1 
ATOM   1281 N N   . ARG B 1 68 ? -15.55438 11.12504  2.84554   1.000 42.57036  ? 68  ARG B N   1 
ATOM   1282 C CA  . ARG B 1 68 ? -14.95444 12.40619  2.49347   1.000 62.26353  ? 68  ARG B CA  1 
ATOM   1283 C C   . ARG B 1 68 ? -14.77510 12.54122  0.98663   1.000 61.14686  ? 68  ARG B C   1 
ATOM   1284 O O   . ARG B 1 68 ? -14.88159 13.64827  0.44673   1.000 49.75089  ? 68  ARG B O   1 
ATOM   1285 C CB  . ARG B 1 68 ? -13.61954 12.56455  3.22152   1.000 55.31357  ? 68  ARG B CB  1 
ATOM   1286 C CG  . ARG B 1 68 ? -12.88461 13.86245  2.94514   1.000 65.99124  ? 68  ARG B CG  1 
ATOM   1287 C CD  . ARG B 1 68 ? -11.87106 14.14523  4.04296   1.000 78.83150  ? 68  ARG B CD  1 
ATOM   1288 N NE  . ARG B 1 68 ? -11.34811 12.91488  4.63186   1.000 78.65429  ? 68  ARG B NE  1 
ATOM   1289 C CZ  . ARG B 1 68 ? -10.26739 12.27460  4.19753   1.000 72.95744  ? 68  ARG B CZ  1 
ATOM   1290 N NH1 . ARG B 1 68 ? -9.86932  11.16126  4.79824   1.000 59.64849  ? 68  ARG B NH1 1 
ATOM   1291 N NH2 . ARG B 1 68 ? -9.58419  12.74606  3.16358   1.000 64.69875  ? 68  ARG B NH2 1 
ATOM   1292 N N   . ILE B 1 69 ? -14.51598 11.43078  0.29355   1.000 49.08775  ? 69  ILE B N   1 
ATOM   1293 C CA  . ILE B 1 69 ? -14.42424 11.46603  -1.16224  1.000 37.37814  ? 69  ILE B CA  1 
ATOM   1294 C C   . ILE B 1 69 ? -15.79777 11.69926  -1.77852  1.000 40.83002  ? 69  ILE B C   1 
ATOM   1295 O O   . ILE B 1 69 ? -15.94697 12.50025  -2.70954  1.000 37.49266  ? 69  ILE B O   1 
ATOM   1296 C CB  . ILE B 1 69 ? -13.77547 10.16998  -1.68360  1.000 39.08349  ? 69  ILE B CB  1 
ATOM   1297 C CG1 . ILE B 1 69 ? -12.25791 10.22447  -1.49731  1.000 47.73593  ? 69  ILE B CG1 1 
ATOM   1298 C CG2 . ILE B 1 69 ? -14.13753 9.92519   -3.14166  1.000 36.88093  ? 69  ILE B CG2 1 
ATOM   1299 C CD1 . ILE B 1 69 ? -11.53898 8.98844   -1.98115  1.000 38.56361  ? 69  ILE B CD1 1 
ATOM   1300 N N   . LEU B 1 70 ? -16.82294 11.01188  -1.26644  1.000 40.59259  ? 70  LEU B N   1 
ATOM   1301 C CA  . LEU B 1 70 ? -18.17143 11.18340  -1.79895  1.000 38.57160  ? 70  LEU B CA  1 
ATOM   1302 C C   . LEU B 1 70 ? -18.65205 12.61846  -1.63481  1.000 46.53886  ? 70  LEU B C   1 
ATOM   1303 O O   . LEU B 1 70 ? -19.35645 13.14898  -2.50185  1.000 39.25330  ? 70  LEU B O   1 
ATOM   1304 C CB  . LEU B 1 70 ? -19.13654 10.21902  -1.10977  1.000 54.16167  ? 70  LEU B CB  1 
ATOM   1305 C CG  . LEU B 1 70 ? -18.88794 8.72589   -1.32507  1.000 60.82967  ? 70  LEU B CG  1 
ATOM   1306 C CD1 . LEU B 1 70 ? -19.88790 7.89429   -0.53975  1.000 66.20635  ? 70  LEU B CD1 1 
ATOM   1307 C CD2 . LEU B 1 70 ? -18.94791 8.38429   -2.80072  1.000 53.76460  ? 70  LEU B CD2 1 
ATOM   1308 N N   . ARG B 1 71 ? -18.28007 13.26378  -0.52764  1.000 45.55107  ? 71  ARG B N   1 
ATOM   1309 C CA  . ARG B 1 71 ? -18.70691 14.63896  -0.30162  1.000 47.05550  ? 71  ARG B CA  1 
ATOM   1310 C C   . ARG B 1 71 ? -17.99158 15.60393  -1.23814  1.000 56.20417  ? 71  ARG B C   1 
ATOM   1311 O O   . ARG B 1 71 ? -18.58031 16.60380  -1.66469  1.000 57.79257  ? 71  ARG B O   1 
ATOM   1312 C CB  . ARG B 1 71 ? -18.47066 15.02480  1.15909   1.000 53.54213  ? 71  ARG B CB  1 
ATOM   1313 C CG  . ARG B 1 71 ? -19.48695 16.01221  1.71130   1.000 81.15229  ? 71  ARG B CG  1 
ATOM   1314 C CD  . ARG B 1 71 ? -19.32528 16.21808  3.21342   1.000 84.96319  ? 71  ARG B CD  1 
ATOM   1315 N NE  . ARG B 1 71 ? -19.43215 14.96914  3.96399   1.000 66.39027  ? 71  ARG B NE  1 
ATOM   1316 C CZ  . ARG B 1 71 ? -18.41129 14.37299  4.57169   1.000 69.51517  ? 71  ARG B CZ  1 
ATOM   1317 N NH1 . ARG B 1 71 ? -18.59914 13.23752  5.23122   1.000 63.32451  ? 71  ARG B NH1 1 
ATOM   1318 N NH2 . ARG B 1 71 ? -17.20274 14.91670  4.52615   1.000 63.74786  ? 71  ARG B NH2 1 
ATOM   1319 N N   . GLU B 1 72 ? -16.73055 15.32091  -1.57420  1.000 42.70264  ? 72  GLU B N   1 
ATOM   1320 C CA  . GLU B 1 72 ? -16.01999 16.15582  -2.53629  1.000 52.06499  ? 72  GLU B CA  1 
ATOM   1321 C C   . GLU B 1 72 ? -16.53835 15.94300  -3.95181  1.000 54.94077  ? 72  GLU B C   1 
ATOM   1322 O O   . GLU B 1 72 ? -16.54884 16.88384  -4.75378  1.000 50.06210  ? 72  GLU B O   1 
ATOM   1323 C CB  . GLU B 1 72 ? -14.51847 15.87578  -2.47207  1.000 46.37823  ? 72  GLU B CB  1 
ATOM   1324 C CG  . GLU B 1 72 ? -13.87502 16.25584  -1.15000  1.000 60.51455  ? 72  GLU B CG  1 
ATOM   1325 C CD  . GLU B 1 72 ? -13.95080 17.74424  -0.86833  1.000 81.79882  ? 72  GLU B CD  1 
ATOM   1326 O OE1 . GLU B 1 72 ? -13.94170 18.53829  -1.83309  1.000 66.23210  ? 72  GLU B OE1 1 
ATOM   1327 O OE2 . GLU B 1 72 ? -14.02267 18.12037  0.32039   1.000 86.20224  ? 72  GLU B OE2 1 
ATOM   1328 N N   . ILE B 1 73 ? -16.96548 14.72069  -4.27719  1.000 51.10498  ? 73  ILE B N   1 
ATOM   1329 C CA  . ILE B 1 73 ? -17.56663 14.46546  -5.58294  1.000 37.18370  ? 73  ILE B CA  1 
ATOM   1330 C C   . ILE B 1 73 ? -18.85562 15.26259  -5.73494  1.000 37.68124  ? 73  ILE B C   1 
ATOM   1331 O O   . ILE B 1 73 ? -19.17702 15.75388  -6.82428  1.000 49.98273  ? 73  ILE B O   1 
ATOM   1332 C CB  . ILE B 1 73 ? -17.80308 12.95453  -5.77317  1.000 40.76138  ? 73  ILE B CB  1 
ATOM   1333 C CG1 . ILE B 1 73 ? -16.46895 12.20744  -5.82781  1.000 37.15100  ? 73  ILE B CG1 1 
ATOM   1334 C CG2 . ILE B 1 73 ? -18.61245 12.68355  -7.03121  1.000 35.32305  ? 73  ILE B CG2 1 
ATOM   1335 C CD1 . ILE B 1 73 ? -16.61193 10.69821  -5.86020  1.000 39.32362  ? 73  ILE B CD1 1 
ATOM   1336 N N   . LYS B 1 74 ? -19.60480 15.41988  -4.64058  1.000 43.90724  ? 74  LYS B N   1 
ATOM   1337 C CA  . LYS B 1 74 ? -20.86626 16.14947  -4.70634  1.000 59.37157  ? 74  LYS B CA  1 
ATOM   1338 C C   . LYS B 1 74 ? -20.64926 17.64919  -4.86087  1.000 56.14370  ? 74  LYS B C   1 
ATOM   1339 O O   . LYS B 1 74 ? -21.48119 18.32992  -5.47033  1.000 67.41973  ? 74  LYS B O   1 
ATOM   1340 C CB  . LYS B 1 74 ? -21.70894 15.86059  -3.46381  1.000 54.46437  ? 74  LYS B CB  1 
ATOM   1341 C CG  . LYS B 1 74 ? -22.89323 14.93389  -3.71531  1.000 57.42661  ? 74  LYS B CG  1 
ATOM   1342 C CD  . LYS B 1 74 ? -22.44751 13.61124  -4.32141  1.000 64.41531  ? 74  LYS B CD  1 
ATOM   1343 C CE  . LYS B 1 74 ? -23.63935 12.71150  -4.61932  1.000 73.75328  ? 74  LYS B CE  1 
ATOM   1344 N NZ  . LYS B 1 74 ? -23.21573 11.38739  -5.15769  1.000 60.33937  ? 74  LYS B NZ  1 
ATOM   1345 N N   . LYS B 1 75 ? -19.55229 18.18476  -4.31818  1.000 54.43644  ? 75  LYS B N   1 
ATOM   1346 C CA  . LYS B 1 75 ? -19.28010 19.60968  -4.48234  1.000 50.08777  ? 75  LYS B CA  1 
ATOM   1347 C C   . LYS B 1 75 ? -19.03084 19.95308  -5.94445  1.000 60.20828  ? 75  LYS B C   1 
ATOM   1348 O O   . LYS B 1 75 ? -19.42329 21.02755  -6.41487  1.000 59.74000  ? 75  LYS B O   1 
ATOM   1349 C CB  . LYS B 1 75 ? -18.08263 20.03011  -3.62814  1.000 54.61972  ? 75  LYS B CB  1 
ATOM   1350 C CG  . LYS B 1 75 ? -18.29714 19.93381  -2.12720  1.000 67.75138  ? 75  LYS B CG  1 
ATOM   1351 C CD  . LYS B 1 75 ? -17.26924 20.78968  -1.40150  1.000 77.27564  ? 75  LYS B CD  1 
ATOM   1352 C CE  . LYS B 1 75 ? -16.85683 20.18504  -0.06989  1.000 77.95773  ? 75  LYS B CE  1 
ATOM   1353 N NZ  . LYS B 1 75 ? -15.75876 20.96758  0.56569   1.000 80.01239  ? 75  LYS B NZ  1 
ATOM   1354 N N   . LEU B 1 76 ? -18.37128 19.05453  -6.67789  1.000 45.59332  ? 76  LEU B N   1 
ATOM   1355 C CA  . LEU B 1 76 ? -18.09455 19.30162  -8.08710  1.000 56.87105  ? 76  LEU B CA  1 
ATOM   1356 C C   . LEU B 1 76 ? -19.33309 19.11410  -8.95404  1.000 52.80199  ? 76  LEU B C   1 
ATOM   1357 O O   . LEU B 1 76 ? -19.50706 19.83746  -9.94112  1.000 62.55028  ? 76  LEU B O   1 
ATOM   1358 C CB  . LEU B 1 76 ? -16.96584 18.38733  -8.56381  1.000 53.95101  ? 76  LEU B CB  1 
ATOM   1359 C CG  . LEU B 1 76 ? -15.59938 18.67761  -7.94204  1.000 58.63285  ? 76  LEU B CG  1 
ATOM   1360 C CD1 . LEU B 1 76 ? -14.60111 17.59526  -8.30344  1.000 58.57794  ? 76  LEU B CD1 1 
ATOM   1361 C CD2 . LEU B 1 76 ? -15.09287 20.03845  -8.39045  1.000 60.34051  ? 76  LEU B CD2 1 
ATOM   1362 N N   . ASP B 1 77 ? -20.20029 18.16463  -8.60397  1.000 53.02889  ? 77  ASP B N   1 
ATOM   1363 C CA  . ASP B 1 77 ? -21.43730 17.94403  -9.35188  1.000 56.05272  ? 77  ASP B CA  1 
ATOM   1364 C C   . ASP B 1 77 ? -22.37709 17.14093  -8.46274  1.000 67.77004  ? 77  ASP B C   1 
ATOM   1365 O O   . ASP B 1 77 ? -22.10118 15.97364  -8.16917  1.000 61.78272  ? 77  ASP B O   1 
ATOM   1366 C CB  . ASP B 1 77 ? -21.16055 17.21964  -10.66661 1.000 67.01845  ? 77  ASP B CB  1 
ATOM   1367 C CG  . ASP B 1 77 ? -22.33108 17.28836  -11.63397 1.000 86.52120  ? 77  ASP B CG  1 
ATOM   1368 O OD1 . ASP B 1 77 ? -23.48922 17.12652  -11.19522 1.000 75.90777  ? 77  ASP B OD1 1 
ATOM   1369 O OD2 . ASP B 1 77 ? -22.09040 17.50744  -12.83968 1.000 115.59401 ? 77  ASP B OD2 1 
ATOM   1370 N N   . LYS B 1 78 ? -23.47935 17.76429  -8.03866  1.000 65.87680  ? 78  LYS B N   1 
ATOM   1371 C CA  . LYS B 1 78 ? -24.43090 17.08706  -7.16637  1.000 66.49723  ? 78  LYS B CA  1 
ATOM   1372 C C   . LYS B 1 78 ? -25.21935 16.00573  -7.89294  1.000 65.38777  ? 78  LYS B C   1 
ATOM   1373 O O   . LYS B 1 78 ? -25.80316 15.13730  -7.23638  1.000 60.98969  ? 78  LYS B O   1 
ATOM   1374 C CB  . LYS B 1 78 ? -25.39095 18.10419  -6.54731  1.000 69.97754  ? 78  LYS B CB  1 
ATOM   1375 N N   . ASN B 1 79 ? -25.25053 16.03602  -9.22308  1.000 52.93860  ? 79  ASN B N   1 
ATOM   1376 C CA  . ASN B 1 79 ? -25.98061 15.05307  -10.01078 1.000 64.86786  ? 79  ASN B CA  1 
ATOM   1377 C C   . ASN B 1 79 ? -25.10874 13.88916  -10.46423 1.000 62.10315  ? 79  ASN B C   1 
ATOM   1378 O O   . ASN B 1 79 ? -25.55416 13.08294  -11.28717 1.000 59.36156  ? 79  ASN B O   1 
ATOM   1379 C CB  . ASN B 1 79 ? -26.62295 15.72499  -11.22703 1.000 68.43547  ? 79  ASN B CB  1 
ATOM   1380 C CG  . ASN B 1 79 ? -27.88247 16.49092  -10.87181 1.000 78.55353  ? 79  ASN B CG  1 
ATOM   1381 O OD1 . ASN B 1 79 ? -27.82134 17.57697  -10.29634 1.000 76.79813  ? 79  ASN B OD1 1 
ATOM   1382 N ND2 . ASN B 1 79 ? -29.03466 15.92866  -11.21973 1.000 87.13729  ? 79  ASN B ND2 1 
ATOM   1383 N N   . SER B 1 80 ? -23.88515 13.78291  -9.95287  1.000 52.58988  ? 80  SER B N   1 
ATOM   1384 C CA  . SER B 1 80 ? -23.02090 12.66739  -10.31247 1.000 51.43945  ? 80  SER B CA  1 
ATOM   1385 C C   . SER B 1 80 ? -23.54831 11.37524  -9.70247  1.000 40.50767  ? 80  SER B C   1 
ATOM   1386 O O   . SER B 1 80 ? -23.81179 11.30658  -8.49802  1.000 52.73473  ? 80  SER B O   1 
ATOM   1387 C CB  . SER B 1 80 ? -21.59072 12.92738  -9.84141  1.000 51.86758  ? 80  SER B CB  1 
ATOM   1388 O OG  . SER B 1 80 ? -21.01066 14.01503  -10.53880 1.000 78.74734  ? 80  SER B OG  1 
ATOM   1389 N N   . GLU B 1 81 ? -23.71010 10.35215  -10.53675 1.000 37.77637  ? 81  GLU B N   1 
ATOM   1390 C CA  . GLU B 1 81 ? -24.11269 9.03213   -10.07040 1.000 52.76377  ? 81  GLU B CA  1 
ATOM   1391 C C   . GLU B 1 81 ? -22.86727 8.25901   -9.65599  1.000 34.88547  ? 81  GLU B C   1 
ATOM   1392 O O   . GLU B 1 81 ? -21.95645 8.05813   -10.46710 1.000 37.46347  ? 81  GLU B O   1 
ATOM   1393 C CB  . GLU B 1 81 ? -24.88869 8.27894   -11.14950 1.000 69.45544  ? 81  GLU B CB  1 
ATOM   1394 C CG  . GLU B 1 81 ? -26.25799 8.86638   -11.44819 1.000 75.49799  ? 81  GLU B CG  1 
ATOM   1395 C CD  . GLU B 1 81 ? -27.22360 7.83639   -11.99941 1.000 101.14578 ? 81  GLU B CD  1 
ATOM   1396 O OE1 . GLU B 1 81 ? -26.86398 6.64056   -12.03046 1.000 110.91169 ? 81  GLU B OE1 1 
ATOM   1397 O OE2 . GLU B 1 81 ? -28.34324 8.22108   -12.39740 1.000 107.73020 ? 81  GLU B OE2 1 
ATOM   1398 N N   . VAL B 1 82 ? -22.82593 7.83327   -8.39649  1.000 41.97060  ? 82  VAL B N   1 
ATOM   1399 C CA  . VAL B 1 82 ? -21.64927 7.19898   -7.81604  1.000 27.57653  ? 82  VAL B CA  1 
ATOM   1400 C C   . VAL B 1 82 ? -22.03208 5.81418   -7.31527  1.000 38.53512  ? 82  VAL B C   1 
ATOM   1401 O O   . VAL B 1 82 ? -23.05986 5.64901   -6.64751  1.000 33.89708  ? 82  VAL B O   1 
ATOM   1402 C CB  . VAL B 1 82 ? -21.05232 8.04436   -6.67662  1.000 30.55073  ? 82  VAL B CB  1 
ATOM   1403 C CG1 . VAL B 1 82 ? -19.80912 7.37402   -6.12174  1.000 32.59433  ? 82  VAL B CG1 1 
ATOM   1404 C CG2 . VAL B 1 82 ? -20.72771 9.44514   -7.17124  1.000 34.35150  ? 82  VAL B CG2 1 
ATOM   1405 N N   . GLU B 1 83 ? -21.20225 4.82630   -7.63832  1.000 29.71235  ? 83  GLU B N   1 
ATOM   1406 C CA  . GLU B 1 83 ? -21.35946 3.45725   -7.16948  1.000 32.33462  ? 83  GLU B CA  1 
ATOM   1407 C C   . GLU B 1 83 ? -20.11989 3.07176   -6.37525  1.000 34.19040  ? 83  GLU B C   1 
ATOM   1408 O O   . GLU B 1 83 ? -18.99471 3.27250   -6.84316  1.000 28.62967  ? 83  GLU B O   1 
ATOM   1409 C CB  . GLU B 1 83 ? -21.57076 2.49973   -8.34579  1.000 33.66182  ? 83  GLU B CB  1 
ATOM   1410 C CG  . GLU B 1 83 ? -21.39580 1.03168   -8.00462  1.000 53.53346  ? 83  GLU B CG  1 
ATOM   1411 C CD  . GLU B 1 83 ? -21.65300 0.12496   -9.19369  1.000 62.59136  ? 83  GLU B CD  1 
ATOM   1412 O OE1 . GLU B 1 83 ? -22.73250 0.24289   -9.81097  1.000 78.18332  ? 83  GLU B OE1 1 
ATOM   1413 O OE2 . GLU B 1 83 ? -20.77160 -0.69897  -9.51738  1.000 73.25164  ? 83  GLU B OE2 1 
ATOM   1414 N N   . VAL B 1 84 ? -20.32561 2.52970   -5.17683  1.000 29.04299  ? 84  VAL B N   1 
ATOM   1415 C CA  . VAL B 1 84 ? -19.23908 2.18613   -4.26596  1.000 23.11821  ? 84  VAL B CA  1 
ATOM   1416 C C   . VAL B 1 84 ? -19.24969 0.68157   -4.04350  1.000 29.43626  ? 84  VAL B C   1 
ATOM   1417 O O   . VAL B 1 84 ? -20.29538 0.10104   -3.73051  1.000 29.38054  ? 84  VAL B O   1 
ATOM   1418 C CB  . VAL B 1 84 ? -19.35803 2.93875   -2.92844  1.000 28.71299  ? 84  VAL B CB  1 
ATOM   1419 C CG1 . VAL B 1 84 ? -18.21388 2.55807   -2.00159  1.000 32.81674  ? 84  VAL B CG1 1 
ATOM   1420 C CG2 . VAL B 1 84 ? -19.37468 4.44070   -3.16873  1.000 34.27016  ? 84  VAL B CG2 1 
ATOM   1421 N N   . ARG B 1 85 ? -18.08413 0.05709   -4.19827  1.000 27.27165  ? 85  ARG B N   1 
ATOM   1422 C CA  . ARG B 1 85 ? -17.92919 -1.38652  -4.07209  1.000 23.84709  ? 85  ARG B CA  1 
ATOM   1423 C C   . ARG B 1 85 ? -16.82141 -1.66682  -3.06757  1.000 25.29625  ? 85  ARG B C   1 
ATOM   1424 O O   . ARG B 1 85 ? -15.66614 -1.30002  -3.30192  1.000 27.11042  ? 85  ARG B O   1 
ATOM   1425 C CB  . ARG B 1 85 ? -17.60150 -2.01449  -5.42763  1.000 29.52107  ? 85  ARG B CB  1 
ATOM   1426 C CG  . ARG B 1 85 ? -17.39045 -3.50608  -5.38894  1.000 47.75908  ? 85  ARG B CG  1 
ATOM   1427 C CD  . ARG B 1 85 ? -16.83880 -4.00654  -6.70997  1.000 70.23131  ? 85  ARG B CD  1 
ATOM   1428 N NE  . ARG B 1 85 ? -17.63303 -3.56040  -7.84984  1.000 87.35378  ? 85  ARG B NE  1 
ATOM   1429 C CZ  . ARG B 1 85 ? -17.43970 -3.97358  -9.09793  1.000 86.44197  ? 85  ARG B CZ  1 
ATOM   1430 N NH1 . ARG B 1 85 ? -16.48057 -4.84934  -9.36624  1.000 82.00970  ? 85  ARG B NH1 1 
ATOM   1431 N NH2 . ARG B 1 85 ? -18.20705 -3.51544  -10.07743 1.000 70.37892  ? 85  ARG B NH2 1 
ATOM   1432 N N   . THR B 1 86 ? -17.17172 -2.31318  -1.95727  1.000 30.33467  ? 86  THR B N   1 
ATOM   1433 C CA  . THR B 1 86 ? -16.23723 -2.58751  -0.87202  1.000 22.35723  ? 86  THR B CA  1 
ATOM   1434 C C   . THR B 1 86 ? -16.03816 -4.09026  -0.73732  1.000 29.93524  ? 86  THR B C   1 
ATOM   1435 O O   . THR B 1 86 ? -17.01249 -4.84119  -0.62633  1.000 27.53060  ? 86  THR B O   1 
ATOM   1436 C CB  . THR B 1 86 ? -16.74297 -2.00194  0.44901   1.000 37.49154  ? 86  THR B CB  1 
ATOM   1437 O OG1 . THR B 1 86 ? -16.97453 -0.59678  0.29032   1.000 37.27242  ? 86  THR B OG1 1 
ATOM   1438 C CG2 . THR B 1 86 ? -15.72231 -2.22127  1.55541   1.000 29.97684  ? 86  THR B CG2 1 
ATOM   1439 N N   . THR B 1 87 ? -14.77759 -4.52117  -0.73320  1.000 29.54882  ? 87  THR B N   1 
ATOM   1440 C CA  . THR B 1 87 ? -14.41920 -5.93334  -0.69415  1.000 24.52910  ? 87  THR B CA  1 
ATOM   1441 C C   . THR B 1 87 ? -13.62732 -6.22822  0.57196   1.000 31.57322  ? 87  THR B C   1 
ATOM   1442 O O   . THR B 1 87 ? -12.64174 -5.54311  0.86660   1.000 25.88023  ? 87  THR B O   1 
ATOM   1443 C CB  . THR B 1 87 ? -13.59901 -6.32651  -1.92707  1.000 31.58450  ? 87  THR B CB  1 
ATOM   1444 O OG1 . THR B 1 87 ? -14.35181 -6.05131  -3.11444  1.000 31.91908  ? 87  THR B OG1 1 
ATOM   1445 C CG2 . THR B 1 87 ? -13.24758 -7.80564  -1.88678  1.000 37.32032  ? 87  THR B CG2 1 
ATOM   1446 N N   . THR B 1 88 ? -14.05631 -7.24978  1.31265   1.000 32.15946  ? 88  THR B N   1 
ATOM   1447 C CA  . THR B 1 88 ? -13.38385 -7.68010  2.52953   1.000 34.04300  ? 88  THR B CA  1 
ATOM   1448 C C   . THR B 1 88 ? -13.12980 -9.17989  2.47475   1.000 39.81270  ? 88  THR B C   1 
ATOM   1449 O O   . THR B 1 88 ? -13.85249 -9.92461  1.80713   1.000 26.63239  ? 88  THR B O   1 
ATOM   1450 C CB  . THR B 1 88 ? -14.20739 -7.35180  3.78697   1.000 41.87628  ? 88  THR B CB  1 
ATOM   1451 O OG1 . THR B 1 88 ? -15.47104 -8.02497  3.72242   1.000 50.55307  ? 88  THR B OG1 1 
ATOM   1452 C CG2 . THR B 1 88 ? -14.44056 -5.85277  3.90364   1.000 45.93340  ? 88  THR B CG2 1 
ATOM   1453 N N   . LYS B 1 89 ? -12.09189 -9.61478  3.18564   1.000 45.58400  ? 89  LYS B N   1 
ATOM   1454 C CA  . LYS B 1 89 ? -11.77333 -11.02907 3.33878   1.000 41.44358  ? 89  LYS B CA  1 
ATOM   1455 C C   . LYS B 1 89 ? -12.35505 -11.51689 4.66000   1.000 49.47717  ? 89  LYS B C   1 
ATOM   1456 O O   . LYS B 1 89 ? -11.96505 -11.03504 5.72911   1.000 54.12734  ? 89  LYS B O   1 
ATOM   1457 C CB  . LYS B 1 89 ? -10.26277 -11.26115 3.29968   1.000 56.91061  ? 89  LYS B CB  1 
ATOM   1458 C CG  . LYS B 1 89 ? -9.59790  -10.90764 1.97724   1.000 70.00311  ? 89  LYS B CG  1 
ATOM   1459 C CD  . LYS B 1 89 ? -9.90192  -11.93968 0.90243   1.000 61.34418  ? 89  LYS B CD  1 
ATOM   1460 C CE  . LYS B 1 89 ? -9.08378  -11.68192 -0.35389  1.000 68.55218  ? 89  LYS B CE  1 
ATOM   1461 N NZ  . LYS B 1 89 ? -7.62056  -11.70068 -0.07315  1.000 67.86250  ? 89  LYS B NZ  1 
ATOM   1462 N N   . ARG B 1 90 ? -13.28095 -12.46702 4.58525   1.000 54.05870  ? 90  ARG B N   1 
ATOM   1463 C CA  . ARG B 1 90 ? -13.96468 -12.96156 5.77519   1.000 63.47650  ? 90  ARG B CA  1 
ATOM   1464 C C   . ARG B 1 90 ? -13.83274 -14.47575 5.91461   1.000 63.23007  ? 90  ARG B C   1 
ATOM   1465 O O   . ARG B 1 90 ? -12.78968 -14.98256 6.32990   1.000 62.29365  ? 90  ARG B O   1 
ATOM   1466 C CB  . ARG B 1 90 ? -15.44125 -12.56213 5.73895   1.000 56.10377  ? 90  ARG B CB  1 
ATOM   1467 C CG  . ARG B 1 90 ? -15.67948 -11.06317 5.83619   1.000 54.27593  ? 90  ARG B CG  1 
ATOM   1468 C CD  . ARG B 1 90 ? -15.32793 -10.53786 7.21923   1.000 73.29065  ? 90  ARG B CD  1 
ATOM   1469 N NE  . ARG B 1 90 ? -16.13793 -11.16730 8.25819   1.000 78.77882  ? 90  ARG B NE  1 
ATOM   1470 C CZ  . ARG B 1 90 ? -17.35369 -10.75811 8.60540   1.000 83.74767  ? 90  ARG B CZ  1 
ATOM   1471 N NH1 . ARG B 1 90 ? -18.02228 -11.39025 9.56057   1.000 73.57996  ? 90  ARG B NH1 1 
ATOM   1472 N NH2 . ARG B 1 90 ? -17.90357 -9.71794  7.99387   1.000 74.24757  ? 90  ARG B NH2 1 
HETATM 1473 O O   . HOH C 2 .  ? 24.30221  8.31864   6.79393   1.000 58.90338  ? 101 HOH A O   1 
HETATM 1474 O O   . HOH C 2 .  ? 23.49219  2.79306   17.63408  1.000 63.90323  ? 102 HOH A O   1 
HETATM 1475 O O   . HOH C 2 .  ? 31.18602  1.00758   7.30000   1.000 60.53524  ? 103 HOH A O   1 
HETATM 1476 O O   . HOH C 2 .  ? 16.87620  -6.96210  15.98191  1.000 49.88104  ? 104 HOH A O   1 
HETATM 1477 O O   . HOH C 2 .  ? -2.24523  -11.24921 3.36932   1.000 57.18128  ? 105 HOH A O   1 
HETATM 1478 O O   . HOH C 2 .  ? 19.90548  -1.41490  0.78330   1.000 38.26550  ? 106 HOH A O   1 
HETATM 1479 O O   . HOH C 2 .  ? 28.24545  -3.47838  7.71946   1.000 38.17343  ? 107 HOH A O   1 
HETATM 1480 O O   . HOH C 2 .  ? 24.25455  -8.80186  6.06848   1.000 25.31782  ? 108 HOH A O   1 
HETATM 1481 O O   . HOH C 2 .  ? 32.31162  4.74387   10.09840  1.000 59.99671  ? 109 HOH A O   1 
HETATM 1482 O O   . HOH C 2 .  ? 2.87189   -15.83241 3.69944   1.000 56.36925  ? 110 HOH A O   1 
HETATM 1483 O O   . HOH C 2 .  ? 5.18117   -19.30291 3.80629   1.000 68.82925  ? 111 HOH A O   1 
HETATM 1484 O O   . HOH C 2 .  ? 18.27877  -11.71152 1.45761   1.000 51.35981  ? 112 HOH A O   1 
HETATM 1485 O O   . HOH C 2 .  ? 29.32472  -1.90639  11.60047  1.000 43.34200  ? 113 HOH A O   1 
HETATM 1486 O O   . HOH C 2 .  ? 1.18672   -10.70963 -4.46275  1.000 38.93703  ? 114 HOH A O   1 
HETATM 1487 O O   . HOH C 2 .  ? 15.62095  6.40698   12.52335  1.000 52.00191  ? 115 HOH A O   1 
HETATM 1488 O O   . HOH C 2 .  ? 31.52338  -0.94493  15.10253  1.000 55.77310  ? 116 HOH A O   1 
HETATM 1489 O O   . HOH C 2 .  ? 1.01448   -11.11695 3.09962   1.000 40.88456  ? 117 HOH A O   1 
HETATM 1490 O O   . HOH C 2 .  ? 10.91798  -22.99397 -11.00568 1.000 54.90094  ? 119 HOH A O   1 
HETATM 1491 O O   . HOH C 2 .  ? 4.40169   0.54857   1.50871   1.000 39.54312  ? 120 HOH A O   1 
HETATM 1492 O O   . HOH C 2 .  ? 9.92821   2.63414   2.43757   1.000 48.74620  ? 121 HOH A O   1 
HETATM 1493 O O   . HOH C 2 .  ? -0.91833  -9.54946  -0.91937  1.000 37.41360  ? 122 HOH A O   1 
HETATM 1494 O O   . HOH C 2 .  ? 4.41423   -13.07179 6.15248   1.000 40.72933  ? 123 HOH A O   1 
HETATM 1495 O O   . HOH C 2 .  ? 26.82687  -9.12230  12.81805  1.000 35.47689  ? 124 HOH A O   1 
HETATM 1496 O O   . HOH C 2 .  ? 27.86856  -9.01074  4.19471   1.000 56.66518  ? 125 HOH A O   1 
HETATM 1497 O O   . HOH C 2 .  ? 10.28830  -9.23791  16.51975  1.000 43.43753  ? 126 HOH A O   1 
HETATM 1498 O O   . HOH C 2 .  ? 17.13328  -0.81509  19.14131  1.000 34.52609  ? 127 HOH A O   1 
HETATM 1499 O O   . HOH C 2 .  ? 19.04716  -13.28551 4.90603   1.000 38.59555  ? 128 HOH A O   1 
HETATM 1500 O O   . HOH C 2 .  ? 13.72485  -17.63794 5.05122   1.000 38.89696  ? 129 HOH A O   1 
HETATM 1501 O O   . HOH C 2 .  ? 11.18368  -2.43447  17.58417  1.000 37.66457  ? 130 HOH A O   1 
HETATM 1502 O O   . HOH C 2 .  ? 28.95068  -7.97528  15.87466  1.000 50.06401  ? 131 HOH A O   1 
HETATM 1503 O O   . HOH C 2 .  ? 2.74825   -19.47839 -5.23274  1.000 53.44942  ? 132 HOH A O   1 
HETATM 1504 O O   . HOH C 2 .  ? 26.09038  -0.83404  -2.82589  1.000 55.79958  ? 133 HOH A O   1 
HETATM 1505 O O   . HOH C 2 .  ? 25.09360  3.40241   5.56228   1.000 54.17295  ? 134 HOH A O   1 
HETATM 1506 O O   . HOH C 2 .  ? 3.74521   -4.10777  -2.74768  1.000 33.78857  ? 135 HOH A O   1 
HETATM 1507 O O   . HOH C 2 .  ? 13.84959  -2.04696  -4.04125  1.000 38.62752  ? 136 HOH A O   1 
HETATM 1508 O O   . HOH C 2 .  ? 5.75538   1.52130   13.62148  1.000 56.81917  ? 137 HOH A O   1 
HETATM 1509 O O   . HOH C 2 .  ? 15.89615  3.08116   -0.25171  1.000 38.07521  ? 138 HOH A O   1 
HETATM 1510 O O   . HOH C 2 .  ? 17.21943  -7.26130  -1.45065  1.000 42.66613  ? 139 HOH A O   1 
HETATM 1511 O O   . HOH C 2 .  ? 26.83014  -2.60930  1.55009   1.000 56.22482  ? 140 HOH A O   1 
HETATM 1512 O O   . HOH C 2 .  ? 6.37786   7.65765   12.09279  1.000 47.93493  ? 141 HOH A O   1 
HETATM 1513 O O   . HOH C 2 .  ? 10.22876  -19.13561 -12.15436 1.000 58.15161  ? 142 HOH A O   1 
HETATM 1514 O O   . HOH C 2 .  ? 18.55534  -9.38592  1.14381   1.000 46.79701  ? 143 HOH A O   1 
HETATM 1515 O O   . HOH C 2 .  ? 17.98841  -22.41058 2.15991   1.000 62.77974  ? 144 HOH A O   1 
HETATM 1516 O O   . HOH C 2 .  ? 7.46302   3.17747   14.26129  1.000 44.38745  ? 145 HOH A O   1 
HETATM 1517 O O   . HOH C 2 .  ? -2.49517  -10.89908 1.06080   1.000 55.93657  ? 146 HOH A O   1 
HETATM 1518 O O   . HOH C 2 .  ? 34.40504  4.54444   12.15390  1.000 57.94202  ? 148 HOH A O   1 
HETATM 1519 O O   . HOH C 2 .  ? 26.96509  -5.69938  16.50146  1.000 62.36621  ? 149 HOH A O   1 
HETATM 1520 O O   . HOH C 2 .  ? 4.36451   -7.74268  -5.43877  1.000 53.94677  ? 150 HOH A O   1 
HETATM 1521 O O   . HOH C 2 .  ? 8.97203   -11.33441 16.09270  1.000 54.92197  ? 151 HOH A O   1 
HETATM 1522 O O   . HOH C 2 .  ? 2.30923   -13.12482 4.37397   1.000 50.13482  ? 152 HOH A O   1 
HETATM 1523 O O   . HOH C 2 .  ? 5.01095   -1.73701  -2.15720  1.000 49.42134  ? 153 HOH A O   1 
HETATM 1524 O O   . HOH C 2 .  ? 35.24073  -0.33403  5.58124   1.000 72.21251  ? 154 HOH A O   1 
HETATM 1525 O O   . HOH C 2 .  ? 17.72137  -5.66682  -4.20120  1.000 61.89727  ? 155 HOH A O   1 
HETATM 1526 O O   . HOH C 2 .  ? 23.65793  -19.75241 7.58597   1.000 44.65577  ? 157 HOH A O   1 
HETATM 1527 O O   . HOH C 2 .  ? 4.56900   -5.40199  -5.00628  1.000 51.29242  ? 158 HOH A O   1 
HETATM 1528 O O   . HOH C 2 .  ? 8.83120   -4.94617  -5.42357  1.000 58.98024  ? 159 HOH A O   1 
HETATM 1529 O O   . HOH C 2 .  ? 4.42268   0.42369   -1.32715  1.000 55.64393  ? 160 HOH A O   1 
HETATM 1530 O O   . HOH C 2 .  ? 9.41405   -2.66993  -3.86986  1.000 61.33105  ? 161 HOH A O   1 
HETATM 1531 O O   . HOH C 2 .  ? -1.90019  -11.58437 15.37575  1.000 61.65505  ? 162 HOH A O   1 
HETATM 1532 O O   . HOH C 2 .  ? 7.05205   -2.05007  -3.90625  1.000 52.36828  ? 163 HOH A O   1 
HETATM 1533 O O   . HOH D 2 .  ? -0.70368  -3.09969  -2.37479  1.000 56.03453  ? 101 HOH B O   1 
HETATM 1534 O O   . HOH D 2 .  ? -7.14567  -7.39174  -2.42738  1.000 60.73808  ? 102 HOH B O   1 
HETATM 1535 O O   . HOH D 2 .  ? -11.75991 -16.35675 4.70941   1.000 65.72315  ? 103 HOH B O   1 
HETATM 1536 O O   . HOH D 2 .  ? -2.29715  -3.15949  -5.61532  1.000 58.36631  ? 104 HOH B O   1 
HETATM 1537 O O   . HOH D 2 .  ? -11.98330 19.48756  -14.94256 1.000 42.02483  ? 105 HOH B O   1 
HETATM 1538 O O   . HOH D 2 .  ? -14.27658 -3.65100  -3.90534  1.000 31.27232  ? 106 HOH B O   1 
HETATM 1539 O O   . HOH D 2 .  ? -11.14606 17.10276  -17.84081 1.000 48.58211  ? 107 HOH B O   1 
HETATM 1540 O O   . HOH D 2 .  ? -3.38956  -3.30459  1.94254   1.000 63.80648  ? 108 HOH B O   1 
HETATM 1541 O O   . HOH D 2 .  ? -10.81728 -7.50079  4.58864   1.000 49.63702  ? 109 HOH B O   1 
HETATM 1542 O O   . HOH D 2 .  ? -3.26030  18.61684  -5.99446  1.000 62.17142  ? 110 HOH B O   1 
HETATM 1543 O O   . HOH D 2 .  ? -17.87420 -7.96417  5.04905   1.000 63.19987  ? 111 HOH B O   1 
HETATM 1544 O O   . HOH D 2 .  ? -9.95292  19.86896  -8.32757  1.000 47.78717  ? 112 HOH B O   1 
HETATM 1545 O O   . HOH D 2 .  ? -6.03849  20.14539  -12.45006 1.000 54.93670  ? 113 HOH B O   1 
HETATM 1546 O O   . HOH D 2 .  ? -5.24333  -5.14986  8.52753   1.000 57.56463  ? 114 HOH B O   1 
HETATM 1547 O O   . HOH D 2 .  ? -5.68925  0.67114   -5.30810  1.000 43.28341  ? 115 HOH B O   1 
HETATM 1548 O O   . HOH D 2 .  ? -15.37752 18.21877  -11.74731 1.000 42.97339  ? 116 HOH B O   1 
HETATM 1549 O O   . HOH D 2 .  ? -6.16973  15.61628  -12.94024 1.000 46.75330  ? 117 HOH B O   1 
HETATM 1550 O O   . HOH D 2 .  ? -21.78498 2.26719   -11.71866 1.000 59.73828  ? 118 HOH B O   1 
HETATM 1551 O O   . HOH D 2 .  ? -21.16524 8.64091   -17.60203 1.000 61.90478  ? 119 HOH B O   1 
HETATM 1552 O O   . HOH D 2 .  ? -18.26863 15.06787  -9.54295  1.000 49.99207  ? 120 HOH B O   1 
HETATM 1553 O O   . HOH D 2 .  ? -21.48117 5.24832   -11.26016 1.000 39.50691  ? 121 HOH B O   1 
HETATM 1554 O O   . HOH D 2 .  ? -18.12484 -6.10864  1.81876   1.000 42.72989  ? 122 HOH B O   1 
HETATM 1555 O O   . HOH D 2 .  ? -4.01186  15.99659  -6.44778  1.000 63.55330  ? 123 HOH B O   1 
HETATM 1556 O O   . HOH D 2 .  ? -7.23601  8.80348   -16.01054 1.000 61.25121  ? 125 HOH B O   1 
HETATM 1557 O O   . HOH D 2 .  ? -2.52104  -4.99549  -7.30461  1.000 66.37755  ? 126 HOH B O   1 
HETATM 1558 O O   . HOH D 2 .  ? -16.13318 23.13127  -6.94708  1.000 56.15415  ? 127 HOH B O   1 
HETATM 1559 O O   . HOH D 2 .  ? -6.72743  -8.61386  10.96049  1.000 75.00520  ? 128 HOH B O   1 
HETATM 1560 O O   . HOH D 2 .  ? -20.11536 0.42622   -14.50156 1.000 55.96098  ? 129 HOH B O   1 
HETATM 1561 O O   . HOH D 2 .  ? -25.13492 8.47617   -15.74975 1.000 75.10565  ? 130 HOH B O   1 
HETATM 1562 O O   . HOH D 2 .  ? -5.41788  -1.79744  11.21144  1.000 62.91322  ? 131 HOH B O   1 
HETATM 1563 O O   . HOH D 2 .  ? -19.59983 23.39194  -3.66586  1.000 66.71183  ? 132 HOH B O   1 
HETATM 1564 O O   . HOH D 2 .  ? -4.96970  0.78855   -12.02813 1.000 65.83945  ? 133 HOH B O   1 
HETATM 1565 O O   . HOH D 2 .  ? -14.48474 21.11049  -13.96722 1.000 51.88521  ? 134 HOH B O   1 
HETATM 1566 O O   . HOH D 2 .  ? -12.80733 0.54927   -9.68205  1.000 50.90127  ? 136 HOH B O   1 
HETATM 1567 O O   . HOH D 2 .  ? -23.78951 4.25225   -10.99140 1.000 57.74559  ? 137 HOH B O   1 
HETATM 1568 O O   . HOH D 2 .  ? -23.48056 7.48587   -18.62307 1.000 72.04663  ? 138 HOH B O   1 
HETATM 1569 O O   . HOH D 2 .  ? -11.80641 -6.21446  6.89108   1.000 64.12827  ? 139 HOH B O   1 
HETATM 1570 O O   . HOH D 2 .  ? -25.63036 -2.13776  -7.61083  1.000 47.03777  ? 140 HOH B O   1 
HETATM 1571 O O   . HOH D 2 .  ? -18.67189 6.44349   8.14235   1.000 71.30399  ? 141 HOH B O   1 
HETATM 1572 O O   . HOH D 2 .  ? -29.15202 20.24409  -5.91177  1.000 71.77668  ? 142 HOH B O   1 
HETATM 1573 O O   . HOH D 2 .  ? -3.62780  12.31415  -12.05203 1.000 57.51886  ? 143 HOH B O   1 
# 
